data_2QFW
#
_entry.id   2QFW
#
_cell.length_a   74.699
_cell.length_b   97.886
_cell.length_c   190.651
_cell.angle_alpha   90.000
_cell.angle_beta   98.950
_cell.angle_gamma   90.000
#
_symmetry.space_group_name_H-M   'P 1 21 1'
#
loop_
_entity.id
_entity.type
_entity.pdbx_description
1 polymer 'Isocitrate dehydrogenase [NADP]'
2 non-polymer 'ISOCITRIC ACID'
3 water water
#
_entity_poly.entity_id   1
_entity_poly.type   'polypeptide(L)'
_entity_poly.pdbx_seq_one_letter_code
;MHHHHHHAMGIPGHAFSKIKVKQPVVELDGDEMTRIIWDKIKKKLILPYLDVDLKYYDLSVESRDATSDKITQDAAEAIK
KYGVGIKCATITPDEARVKEFNLHKMWKSPNGTIRNILGGTVFREPIVIPRIPRLVPRWEKPIIIGRHAHGDQYKATDTL
IPGPGSLELVYKPSDPTTAQPQTLKVYDYKGSGVAMAMYNTDESIEGFAHSSFKLAIDKKLNLFLSTKNTILKKYDGRFK
DIFQEVYEAQYKSKFEQLGIHYEHRLIDDMVAQMIKSKGGFIMALKNYDGDVQSDIVAQGFGSLGLMTSILVTPDGKTFE
SEAAHGTVTRHYRKYQKGEETSTNSIASIFAWSRGLLKRGELDNTPALCKFANILESATLNTVQQDGIMTKDLALACGNN
ERSAYVTTEEFLDAVEKRLQKEIKSIE
;
_entity_poly.pdbx_strand_id   A,B,C,D,E,F
#
# COMPACT_ATOMS: atom_id res chain seq x y z
N SER A 17 31.90 109.34 37.79
CA SER A 17 31.41 109.58 36.40
C SER A 17 32.34 108.96 35.36
N LYS A 18 31.75 108.55 34.23
CA LYS A 18 32.43 107.99 33.06
C LYS A 18 33.64 107.07 33.32
N ILE A 19 33.39 105.76 33.25
CA ILE A 19 34.43 104.75 33.45
C ILE A 19 35.44 104.75 32.31
N LYS A 20 36.72 104.72 32.67
CA LYS A 20 37.80 104.73 31.68
C LYS A 20 38.10 103.34 31.15
N VAL A 21 37.77 103.13 29.88
CA VAL A 21 38.08 101.87 29.20
C VAL A 21 39.48 101.99 28.61
N LYS A 22 40.35 101.08 29.04
CA LYS A 22 41.77 101.11 28.71
C LYS A 22 42.06 100.92 27.22
N GLN A 23 41.56 99.81 26.67
CA GLN A 23 41.79 99.47 25.28
C GLN A 23 40.59 99.87 24.42
N PRO A 24 40.85 100.39 23.22
CA PRO A 24 39.77 100.74 22.28
C PRO A 24 38.94 99.53 21.85
N VAL A 25 37.69 99.81 21.48
CA VAL A 25 36.75 98.78 21.05
C VAL A 25 36.39 99.03 19.58
N VAL A 26 36.33 97.94 18.81
CA VAL A 26 35.95 98.02 17.39
C VAL A 26 34.43 97.91 17.28
N GLU A 27 33.83 98.90 16.61
CA GLU A 27 32.38 98.94 16.44
C GLU A 27 32.01 98.84 14.96
N LEU A 28 31.11 97.91 14.63
CA LEU A 28 30.64 97.74 13.26
C LEU A 28 29.17 98.15 13.15
N ASP A 29 28.93 99.25 12.45
CA ASP A 29 27.57 99.74 12.22
C ASP A 29 26.87 98.93 11.14
N GLY A 30 25.54 98.90 11.19
CA GLY A 30 24.76 98.08 10.29
C GLY A 30 23.72 98.83 9.47
N ASP A 31 22.56 98.19 9.31
CA ASP A 31 21.54 98.68 8.38
C ASP A 31 20.17 98.95 8.98
N GLU A 32 19.35 99.67 8.22
CA GLU A 32 17.93 99.88 8.48
C GLU A 32 17.58 100.21 9.93
N MET A 33 16.53 99.58 10.46
CA MET A 33 16.04 99.88 11.81
C MET A 33 17.08 99.60 12.90
N THR A 34 17.83 98.51 12.74
CA THR A 34 18.86 98.14 13.71
C THR A 34 19.95 99.20 13.86
N ARG A 35 20.25 99.89 12.76
CA ARG A 35 21.23 100.97 12.76
C ARG A 35 20.74 102.15 13.60
N ILE A 36 19.45 102.45 13.49
CA ILE A 36 18.84 103.56 14.23
C ILE A 36 18.83 103.32 15.73
N ILE A 37 18.40 102.13 16.16
CA ILE A 37 18.41 101.80 17.58
C ILE A 37 19.84 101.65 18.09
N TRP A 38 20.73 101.21 17.21
CA TRP A 38 22.16 101.09 17.52
C TRP A 38 22.74 102.43 17.96
N ASP A 39 22.46 103.46 17.18
CA ASP A 39 22.92 104.81 17.48
C ASP A 39 22.25 105.39 18.72
N LYS A 40 20.97 105.08 18.90
CA LYS A 40 20.20 105.54 20.07
C LYS A 40 20.72 104.87 21.35
N ILE A 41 21.13 103.61 21.24
CA ILE A 41 21.73 102.87 22.36
C ILE A 41 23.08 103.48 22.70
N LYS A 42 23.93 103.65 21.69
CA LYS A 42 25.27 104.20 21.86
C LYS A 42 25.24 105.55 22.55
N LYS A 43 24.42 106.46 22.02
CA LYS A 43 24.33 107.83 22.52
C LYS A 43 23.73 107.96 23.91
N LYS A 44 22.79 107.07 24.25
CA LYS A 44 22.06 107.16 25.51
C LYS A 44 22.55 106.22 26.61
N LEU A 45 22.88 104.98 26.24
CA LEU A 45 23.19 103.95 27.22
C LEU A 45 24.67 103.61 27.34
N ILE A 46 25.48 104.08 26.38
CA ILE A 46 26.90 103.74 26.36
C ILE A 46 27.82 104.95 26.54
N LEU A 47 27.76 105.88 25.60
CA LEU A 47 28.66 107.04 25.60
C LEU A 47 28.61 107.95 26.85
N PRO A 48 27.42 108.18 27.43
CA PRO A 48 27.35 109.04 28.63
C PRO A 48 28.02 108.46 29.88
N TYR A 49 28.38 107.18 29.85
CA TYR A 49 28.92 106.50 31.04
C TYR A 49 30.32 105.94 30.88
N LEU A 50 30.83 105.91 29.65
CA LEU A 50 32.16 105.37 29.39
C LEU A 50 33.04 106.36 28.63
N ASP A 51 34.35 106.26 28.88
CA ASP A 51 35.35 106.98 28.12
C ASP A 51 35.99 105.97 27.17
N VAL A 52 35.26 105.64 26.11
CA VAL A 52 35.70 104.62 25.15
C VAL A 52 36.19 105.22 23.84
N ASP A 53 37.30 104.69 23.35
CA ASP A 53 37.76 105.00 22.01
C ASP A 53 37.19 103.95 21.09
N LEU A 54 36.21 104.34 20.28
CA LEU A 54 35.54 103.39 19.39
C LEU A 54 36.09 103.45 17.98
N LYS A 55 36.72 102.36 17.55
CA LYS A 55 37.18 102.23 16.17
C LYS A 55 35.96 101.89 15.33
N TYR A 56 35.50 102.89 14.57
CA TYR A 56 34.22 102.81 13.87
C TYR A 56 34.33 102.30 12.42
N TYR A 57 33.59 101.24 12.13
CA TYR A 57 33.51 100.67 10.80
C TYR A 57 32.05 100.56 10.37
N ASP A 58 31.70 101.30 9.32
CA ASP A 58 30.34 101.28 8.77
C ASP A 58 30.18 100.07 7.86
N LEU A 59 29.36 99.13 8.29
CA LEU A 59 29.10 97.93 7.51
C LEU A 59 27.68 97.92 6.95
N SER A 60 27.16 99.12 6.68
CA SER A 60 25.88 99.26 5.98
C SER A 60 26.07 98.78 4.54
N VAL A 61 24.97 98.61 3.83
CA VAL A 61 25.04 98.16 2.43
C VAL A 61 25.70 99.21 1.53
N GLU A 62 25.29 100.47 1.69
CA GLU A 62 25.84 101.58 0.91
C GLU A 62 27.34 101.74 1.18
N SER A 63 27.74 101.55 2.43
CA SER A 63 29.14 101.65 2.84
C SER A 63 29.99 100.54 2.24
N ARG A 64 29.50 99.30 2.35
CA ARG A 64 30.19 98.14 1.81
C ARG A 64 30.33 98.23 0.29
N ASP A 65 29.24 98.63 -0.38
CA ASP A 65 29.22 98.81 -1.83
C ASP A 65 30.32 99.78 -2.27
N ALA A 66 30.26 101.00 -1.76
CA ALA A 66 31.24 102.05 -2.08
C ALA A 66 32.70 101.59 -1.93
N THR A 67 32.97 100.76 -0.94
CA THR A 67 34.32 100.28 -0.67
C THR A 67 34.60 98.90 -1.30
N SER A 68 33.69 98.45 -2.17
CA SER A 68 33.79 97.12 -2.79
C SER A 68 33.98 96.02 -1.74
N ASP A 69 33.29 96.20 -0.61
CA ASP A 69 33.28 95.26 0.52
C ASP A 69 34.60 95.16 1.31
N LYS A 70 35.55 96.07 1.04
CA LYS A 70 36.81 96.08 1.78
C LYS A 70 36.67 96.57 3.22
N ILE A 71 35.59 97.31 3.50
CA ILE A 71 35.34 97.82 4.85
C ILE A 71 35.05 96.68 5.81
N THR A 72 34.45 95.61 5.29
CA THR A 72 34.18 94.40 6.05
C THR A 72 35.49 93.70 6.38
N GLN A 73 36.39 93.66 5.39
CA GLN A 73 37.72 93.11 5.55
C GLN A 73 38.50 93.90 6.60
N ASP A 74 38.45 95.23 6.49
CA ASP A 74 39.14 96.13 7.43
C ASP A 74 38.66 95.91 8.86
N ALA A 75 37.34 95.81 9.01
CA ALA A 75 36.70 95.66 10.32
C ALA A 75 37.11 94.36 11.02
N ALA A 76 37.18 93.27 10.25
CA ALA A 76 37.58 91.97 10.78
C ALA A 76 39.01 92.01 11.28
N GLU A 77 39.88 92.69 10.53
CA GLU A 77 41.29 92.85 10.90
C GLU A 77 41.43 93.73 12.14
N ALA A 78 40.62 94.78 12.21
CA ALA A 78 40.60 95.67 13.37
C ALA A 78 40.24 94.90 14.63
N ILE A 79 39.23 94.03 14.52
CA ILE A 79 38.81 93.20 15.65
C ILE A 79 39.98 92.33 16.13
N LYS A 80 40.67 91.69 15.20
CA LYS A 80 41.84 90.86 15.51
C LYS A 80 42.98 91.70 16.10
N LYS A 81 43.11 92.94 15.62
CA LYS A 81 44.12 93.86 16.13
C LYS A 81 43.85 94.28 17.58
N TYR A 82 42.62 94.66 17.87
CA TYR A 82 42.28 95.22 19.18
C TYR A 82 41.71 94.21 20.19
N GLY A 83 41.05 93.16 19.70
CA GLY A 83 40.58 92.10 20.58
C GLY A 83 39.08 91.94 20.70
N VAL A 84 38.35 93.06 20.78
CA VAL A 84 36.89 93.02 20.94
C VAL A 84 36.16 93.82 19.88
N GLY A 85 35.20 93.15 19.23
CA GLY A 85 34.37 93.78 18.22
C GLY A 85 32.89 93.69 18.58
N ILE A 86 32.19 94.82 18.45
CA ILE A 86 30.75 94.87 18.69
C ILE A 86 30.07 95.24 17.37
N LYS A 87 29.21 94.37 16.87
CA LYS A 87 28.61 94.52 15.54
C LYS A 87 27.09 94.63 15.51
N CYS A 88 26.61 95.53 14.65
CA CYS A 88 25.19 95.74 14.41
C CYS A 88 24.69 94.81 13.31
N ALA A 89 23.38 94.59 13.26
CA ALA A 89 22.79 93.73 12.23
C ALA A 89 22.95 94.36 10.85
N THR A 90 23.27 93.52 9.88
CA THR A 90 23.52 93.97 8.51
C THR A 90 22.64 93.24 7.51
N ILE A 91 22.52 93.82 6.31
CA ILE A 91 21.81 93.17 5.21
C ILE A 91 22.80 92.34 4.41
N THR A 92 22.47 91.07 4.23
CA THR A 92 23.19 90.22 3.28
C THR A 92 22.40 90.34 1.97
N PRO A 93 22.94 91.11 1.03
CA PRO A 93 22.22 91.48 -0.20
C PRO A 93 21.80 90.29 -1.06
N ASP A 94 20.64 90.43 -1.70
CA ASP A 94 20.13 89.47 -2.67
C ASP A 94 19.59 90.24 -3.87
N GLU A 95 19.06 89.52 -4.86
CA GLU A 95 18.54 90.13 -6.09
C GLU A 95 17.73 91.41 -5.83
N ALA A 96 16.70 91.31 -4.98
CA ALA A 96 15.86 92.45 -4.62
C ALA A 96 16.68 93.62 -4.10
N ARG A 97 17.57 93.33 -3.15
CA ARG A 97 18.42 94.34 -2.52
C ARG A 97 19.34 95.05 -3.51
N VAL A 98 19.91 94.29 -4.43
CA VAL A 98 20.77 94.84 -5.49
C VAL A 98 19.99 95.85 -6.34
N LYS A 99 18.74 95.51 -6.64
CA LYS A 99 17.84 96.35 -7.42
C LYS A 99 17.45 97.64 -6.68
N GLU A 100 17.18 97.52 -5.38
CA GLU A 100 16.75 98.66 -4.57
C GLU A 100 17.89 99.60 -4.18
N PHE A 101 19.11 99.07 -4.14
CA PHE A 101 20.27 99.83 -3.68
C PHE A 101 21.22 100.23 -4.81
N ASN A 102 21.00 99.67 -6.00
CA ASN A 102 21.89 99.87 -7.15
C ASN A 102 23.30 99.33 -6.88
N LEU A 103 23.36 98.14 -6.29
CA LEU A 103 24.63 97.50 -5.93
C LEU A 103 25.39 97.04 -7.16
N HIS A 104 26.72 97.10 -7.07
CA HIS A 104 27.58 96.69 -8.18
C HIS A 104 27.75 95.17 -8.21
N LYS A 105 27.73 94.57 -7.02
CA LYS A 105 27.83 93.12 -6.88
C LYS A 105 26.98 92.69 -5.68
N MET A 106 26.40 91.49 -5.79
CA MET A 106 25.65 90.89 -4.69
C MET A 106 26.65 90.43 -3.62
N TRP A 107 27.05 91.36 -2.75
CA TRP A 107 28.12 91.14 -1.79
C TRP A 107 27.87 89.98 -0.85
N LYS A 108 28.92 89.20 -0.57
CA LYS A 108 28.85 88.09 0.36
C LYS A 108 28.46 88.58 1.75
N SER A 109 27.76 87.74 2.49
CA SER A 109 27.40 88.06 3.88
C SER A 109 28.64 88.55 4.62
N PRO A 110 28.55 89.73 5.22
CA PRO A 110 29.68 90.27 6.01
C PRO A 110 30.01 89.35 7.18
N ASN A 111 28.98 88.77 7.80
CA ASN A 111 29.15 87.83 8.90
C ASN A 111 30.05 86.66 8.51
N GLY A 112 29.78 86.07 7.34
CA GLY A 112 30.59 84.98 6.82
C GLY A 112 32.05 85.37 6.62
N THR A 113 32.27 86.56 6.04
CA THR A 113 33.62 87.07 5.83
C THR A 113 34.35 87.32 7.14
N ILE A 114 33.67 87.98 8.08
CA ILE A 114 34.23 88.27 9.39
C ILE A 114 34.62 86.97 10.10
N ARG A 115 33.68 86.03 10.16
CA ARG A 115 33.90 84.76 10.85
C ARG A 115 35.00 83.92 10.22
N ASN A 116 35.13 84.00 8.89
CA ASN A 116 36.20 83.30 8.20
C ASN A 116 37.56 83.83 8.60
N ILE A 117 37.69 85.16 8.64
CA ILE A 117 38.94 85.82 9.00
C ILE A 117 39.33 85.54 10.47
N LEU A 118 38.36 85.58 11.36
CA LEU A 118 38.62 85.40 12.79
C LEU A 118 38.63 83.93 13.24
N GLY A 119 37.78 83.12 12.61
CA GLY A 119 37.65 81.71 12.98
C GLY A 119 37.02 81.55 14.36
N GLY A 120 37.01 80.32 14.86
CA GLY A 120 36.54 80.05 16.21
C GLY A 120 35.16 79.43 16.31
N THR A 121 34.40 79.89 17.32
CA THR A 121 33.07 79.36 17.61
C THR A 121 32.13 80.49 18.02
N VAL A 122 30.93 80.51 17.45
CA VAL A 122 29.90 81.47 17.85
C VAL A 122 28.99 80.84 18.89
N PHE A 123 28.94 81.44 20.08
CA PHE A 123 28.09 80.93 21.15
C PHE A 123 26.75 81.65 21.21
N ARG A 124 25.67 80.88 21.22
CA ARG A 124 24.33 81.43 21.22
C ARG A 124 23.46 80.83 22.30
N GLU A 125 22.83 81.71 23.07
CA GLU A 125 21.89 81.30 24.10
C GLU A 125 20.79 82.35 24.25
N PRO A 126 19.60 81.90 24.63
CA PRO A 126 18.45 82.81 24.77
C PRO A 126 18.63 83.78 25.94
N ILE A 127 18.16 85.01 25.75
CA ILE A 127 18.07 85.97 26.84
C ILE A 127 16.70 85.70 27.47
N VAL A 128 16.71 85.16 28.68
CA VAL A 128 15.49 84.68 29.32
C VAL A 128 14.81 85.69 30.24
N ILE A 129 13.63 86.12 29.81
CA ILE A 129 12.75 86.98 30.60
C ILE A 129 11.53 86.13 31.00
N PRO A 130 11.53 85.62 32.23
CA PRO A 130 10.53 84.65 32.72
C PRO A 130 9.07 85.02 32.45
N ARG A 131 8.77 86.32 32.48
CA ARG A 131 7.43 86.84 32.18
C ARG A 131 6.95 86.45 30.78
N ILE A 132 7.89 86.35 29.83
CA ILE A 132 7.60 85.95 28.46
C ILE A 132 7.33 84.44 28.37
N PRO A 133 6.19 84.05 27.79
CA PRO A 133 5.82 82.64 27.63
C PRO A 133 6.76 81.86 26.72
N ARG A 134 7.06 80.62 27.11
CA ARG A 134 7.91 79.75 26.31
C ARG A 134 7.05 78.95 25.34
N LEU A 135 7.48 78.89 24.08
CA LEU A 135 6.77 78.11 23.07
C LEU A 135 7.07 76.62 23.23
N VAL A 136 8.22 76.32 23.85
CA VAL A 136 8.55 74.96 24.27
C VAL A 136 8.52 74.94 25.81
N PRO A 137 7.34 74.66 26.36
CA PRO A 137 7.03 74.80 27.80
C PRO A 137 8.07 74.25 28.78
N ARG A 138 8.66 73.10 28.47
CA ARG A 138 9.57 72.42 29.39
C ARG A 138 10.96 73.05 29.48
N TRP A 139 11.25 74.01 28.59
CA TRP A 139 12.56 74.64 28.56
C TRP A 139 12.73 75.64 29.70
N GLU A 140 13.13 75.12 30.86
CA GLU A 140 13.30 75.94 32.07
C GLU A 140 14.74 76.41 32.25
N LYS A 141 15.67 75.74 31.58
CA LYS A 141 17.10 76.07 31.67
C LYS A 141 17.67 76.37 30.29
N PRO A 142 18.53 77.39 30.20
CA PRO A 142 19.13 77.80 28.93
C PRO A 142 19.86 76.68 28.20
N ILE A 143 19.57 76.56 26.90
CA ILE A 143 20.31 75.67 26.01
C ILE A 143 21.29 76.55 25.25
N ILE A 144 22.58 76.22 25.33
CA ILE A 144 23.59 77.00 24.63
C ILE A 144 24.10 76.27 23.40
N ILE A 145 23.93 76.89 22.24
CA ILE A 145 24.46 76.37 20.99
C ILE A 145 25.88 76.90 20.83
N GLY A 146 26.81 76.00 20.53
CA GLY A 146 28.17 76.36 20.20
C GLY A 146 28.40 76.10 18.72
N ARG A 147 28.12 77.10 17.90
CA ARG A 147 28.21 76.99 16.45
C ARG A 147 29.64 77.15 15.93
N HIS A 148 30.12 76.15 15.21
CA HIS A 148 31.41 76.25 14.52
C HIS A 148 31.33 77.38 13.52
N ALA A 149 32.19 78.38 13.68
CA ALA A 149 32.10 79.61 12.90
C ALA A 149 32.93 79.59 11.62
N HIS A 150 33.62 78.49 11.33
CA HIS A 150 34.53 78.44 10.20
C HIS A 150 33.90 78.18 8.83
N GLY A 151 34.23 77.03 8.23
CA GLY A 151 33.95 76.80 6.82
C GLY A 151 32.63 76.16 6.46
N ASP A 152 32.72 74.97 5.86
CA ASP A 152 31.56 74.25 5.34
C ASP A 152 30.81 75.09 4.31
N GLN A 153 29.47 75.09 4.38
CA GLN A 153 28.66 75.81 3.39
C GLN A 153 28.84 77.33 3.37
N TYR A 154 29.60 77.86 4.34
CA TYR A 154 29.85 79.30 4.44
C TYR A 154 31.21 79.69 3.86
N LYS A 155 31.83 78.75 3.15
CA LYS A 155 33.08 78.97 2.43
C LYS A 155 33.18 77.96 1.30
N ALA A 156 32.01 77.59 0.76
CA ALA A 156 31.91 76.55 -0.25
C ALA A 156 32.00 77.11 -1.67
N THR A 157 32.17 76.20 -2.62
CA THR A 157 32.17 76.53 -4.03
C THR A 157 31.05 75.74 -4.69
N ASP A 158 30.06 76.48 -5.20
CA ASP A 158 28.93 75.87 -5.88
C ASP A 158 28.83 76.37 -7.33
N THR A 159 28.25 75.53 -8.18
CA THR A 159 28.13 75.84 -9.60
C THR A 159 26.93 75.14 -10.24
N LEU A 160 26.56 75.60 -11.42
CA LEU A 160 25.51 74.99 -12.21
C LEU A 160 26.13 74.08 -13.26
N ILE A 161 25.46 72.95 -13.52
CA ILE A 161 25.90 71.99 -14.51
C ILE A 161 24.92 72.03 -15.68
N PRO A 162 25.38 72.44 -16.86
CA PRO A 162 24.51 72.60 -18.03
C PRO A 162 24.09 71.30 -18.74
N GLY A 163 24.87 70.25 -18.59
CA GLY A 163 24.56 68.99 -19.27
C GLY A 163 25.43 67.81 -18.88
N PRO A 164 25.35 66.73 -19.65
CA PRO A 164 26.10 65.49 -19.37
C PRO A 164 27.60 65.72 -19.25
N GLY A 165 28.23 65.00 -18.33
CA GLY A 165 29.66 65.12 -18.08
C GLY A 165 30.04 64.61 -16.71
N SER A 166 31.34 64.67 -16.41
CA SER A 166 31.86 64.18 -15.14
C SER A 166 32.13 65.29 -14.12
N LEU A 167 32.16 64.91 -12.86
CA LEU A 167 32.43 65.83 -11.76
C LEU A 167 33.41 65.14 -10.81
N GLU A 168 34.55 65.77 -10.57
CA GLU A 168 35.61 65.17 -9.76
C GLU A 168 36.17 66.13 -8.71
N LEU A 169 36.47 65.58 -7.54
CA LEU A 169 37.12 66.35 -6.47
C LEU A 169 38.61 66.07 -6.56
N VAL A 170 39.38 67.10 -6.91
CA VAL A 170 40.82 66.92 -7.18
C VAL A 170 41.71 67.57 -6.12
N TYR A 171 42.59 66.76 -5.53
CA TYR A 171 43.55 67.22 -4.55
C TYR A 171 44.99 66.96 -4.98
N LYS A 172 45.80 67.99 -4.97
CA LYS A 172 47.22 67.88 -5.31
C LYS A 172 48.07 68.39 -4.14
N PRO A 173 48.74 67.47 -3.44
CA PRO A 173 49.56 67.82 -2.27
C PRO A 173 50.80 68.63 -2.64
N SER A 174 51.18 69.54 -1.76
CA SER A 174 52.37 70.38 -1.93
C SER A 174 53.65 69.56 -1.77
N ASP A 175 53.59 68.56 -0.87
CA ASP A 175 54.71 67.67 -0.63
C ASP A 175 54.34 66.26 -1.11
N PRO A 176 54.64 65.95 -2.37
CA PRO A 176 54.30 64.64 -2.96
C PRO A 176 54.95 63.45 -2.25
N THR A 177 55.79 63.72 -1.26
CA THR A 177 56.45 62.65 -0.49
C THR A 177 55.63 62.22 0.73
N THR A 178 54.89 63.15 1.33
CA THR A 178 54.10 62.85 2.53
C THR A 178 52.63 62.56 2.23
N ALA A 179 52.19 62.90 1.02
CA ALA A 179 50.80 62.69 0.64
C ALA A 179 50.65 62.30 -0.82
N GLN A 180 49.56 61.59 -1.11
CA GLN A 180 49.24 61.16 -2.47
C GLN A 180 48.13 62.02 -3.06
N PRO A 181 48.18 62.29 -4.36
CA PRO A 181 47.10 63.02 -5.04
C PRO A 181 45.79 62.22 -5.04
N GLN A 182 44.67 62.93 -4.93
CA GLN A 182 43.37 62.30 -4.93
C GLN A 182 42.52 62.87 -6.07
N THR A 183 42.05 61.98 -6.93
CA THR A 183 41.10 62.32 -7.98
C THR A 183 39.90 61.41 -7.75
N LEU A 184 38.84 61.98 -7.18
CA LEU A 184 37.67 61.20 -6.80
C LEU A 184 36.47 61.53 -7.68
N LYS A 185 35.79 60.49 -8.15
CA LYS A 185 34.60 60.67 -8.95
C LYS A 185 33.41 61.01 -8.06
N VAL A 186 32.89 62.22 -8.23
CA VAL A 186 31.72 62.64 -7.47
C VAL A 186 30.46 62.19 -8.19
N TYR A 187 30.36 62.52 -9.48
CA TYR A 187 29.16 62.21 -10.25
C TYR A 187 29.36 62.25 -11.76
N ASP A 188 28.54 61.48 -12.45
CA ASP A 188 28.44 61.54 -13.90
C ASP A 188 27.03 61.99 -14.27
N TYR A 189 26.89 63.27 -14.60
CA TYR A 189 25.60 63.84 -14.95
C TYR A 189 25.09 63.27 -16.27
N LYS A 190 23.80 63.02 -16.33
CA LYS A 190 23.13 62.63 -17.56
C LYS A 190 22.20 63.77 -17.96
N GLY A 191 22.15 64.78 -17.11
CA GLY A 191 21.36 65.98 -17.36
C GLY A 191 21.96 67.17 -16.63
N SER A 192 21.26 68.30 -16.66
CA SER A 192 21.72 69.52 -16.01
C SER A 192 21.42 69.49 -14.51
N GLY A 193 22.24 70.18 -13.72
CA GLY A 193 22.05 70.20 -12.29
C GLY A 193 22.91 71.18 -11.52
N VAL A 194 23.30 70.78 -10.31
CA VAL A 194 24.09 71.59 -9.41
C VAL A 194 25.21 70.79 -8.78
N ALA A 195 26.36 71.42 -8.58
CA ALA A 195 27.49 70.81 -7.89
C ALA A 195 28.04 71.78 -6.86
N MET A 196 28.61 71.25 -5.78
CA MET A 196 29.24 72.08 -4.77
C MET A 196 30.28 71.33 -3.95
N ALA A 197 31.33 72.03 -3.55
CA ALA A 197 32.35 71.47 -2.68
C ALA A 197 32.59 72.40 -1.50
N MET A 198 32.77 71.82 -0.31
CA MET A 198 33.09 72.58 0.88
C MET A 198 34.25 71.93 1.61
N TYR A 199 34.82 72.64 2.57
CA TYR A 199 36.00 72.14 3.28
C TYR A 199 35.99 72.55 4.75
N ASN A 200 36.95 72.01 5.48
CA ASN A 200 37.27 72.42 6.84
C ASN A 200 38.63 71.85 7.25
N THR A 201 39.31 72.55 8.14
CA THR A 201 40.65 72.15 8.58
C THR A 201 40.62 71.56 9.99
N ASP A 202 41.57 70.67 10.26
CA ASP A 202 41.72 70.08 11.60
C ASP A 202 41.97 71.15 12.65
N GLU A 203 42.76 72.16 12.28
CA GLU A 203 43.09 73.27 13.18
C GLU A 203 41.85 74.03 13.63
N SER A 204 40.89 74.18 12.72
CA SER A 204 39.64 74.85 13.03
C SER A 204 38.73 73.99 13.91
N ILE A 205 38.70 72.68 13.63
CA ILE A 205 37.90 71.74 14.43
C ILE A 205 38.49 71.59 15.84
N GLU A 206 39.82 71.65 15.94
CA GLU A 206 40.50 71.62 17.25
C GLU A 206 40.13 72.85 18.07
N GLY A 207 40.04 74.01 17.42
CA GLY A 207 39.63 75.23 18.08
C GLY A 207 38.19 75.17 18.53
N PHE A 208 37.33 74.65 17.65
CA PHE A 208 35.93 74.40 17.95
C PHE A 208 35.79 73.49 19.17
N ALA A 209 36.62 72.45 19.21
CA ALA A 209 36.63 71.49 20.33
C ALA A 209 37.02 72.15 21.66
N HIS A 210 38.16 72.82 21.67
CA HIS A 210 38.67 73.48 22.87
C HIS A 210 37.67 74.50 23.45
N SER A 211 37.10 75.33 22.57
CA SER A 211 36.13 76.34 22.98
C SER A 211 34.89 75.71 23.63
N SER A 212 34.42 74.61 23.05
CA SER A 212 33.23 73.92 23.53
C SER A 212 33.45 73.30 24.91
N PHE A 213 34.52 72.52 25.05
CA PHE A 213 34.85 71.86 26.31
C PHE A 213 35.11 72.87 27.43
N LYS A 214 35.86 73.92 27.11
CA LYS A 214 36.15 74.97 28.07
C LYS A 214 34.89 75.61 28.63
N LEU A 215 33.94 75.93 27.75
CA LEU A 215 32.66 76.49 28.14
C LEU A 215 31.88 75.53 29.05
N ALA A 216 31.77 74.28 28.63
CA ALA A 216 31.06 73.25 29.40
C ALA A 216 31.59 73.17 30.83
N ILE A 217 32.90 73.36 30.98
CA ILE A 217 33.54 73.38 32.29
C ILE A 217 33.22 74.69 33.02
N ASP A 218 33.33 75.81 32.29
CA ASP A 218 33.06 77.14 32.86
C ASP A 218 31.65 77.24 33.43
N LYS A 219 30.68 76.65 32.75
CA LYS A 219 29.27 76.74 33.13
C LYS A 219 28.73 75.50 33.83
N LYS A 220 29.56 74.46 33.92
CA LYS A 220 29.18 73.18 34.54
C LYS A 220 27.94 72.60 33.84
N LEU A 221 28.09 72.33 32.55
CA LEU A 221 26.97 71.82 31.75
C LEU A 221 27.41 70.64 30.89
N ASN A 222 26.47 69.74 30.61
CA ASN A 222 26.71 68.64 29.70
C ASN A 222 26.96 69.17 28.30
N LEU A 223 27.81 68.46 27.55
CA LEU A 223 28.16 68.85 26.20
C LEU A 223 27.83 67.74 25.22
N PHE A 224 27.14 68.10 24.15
CA PHE A 224 26.82 67.14 23.08
C PHE A 224 27.26 67.67 21.74
N LEU A 225 28.08 66.87 21.05
CA LEU A 225 28.47 67.16 19.67
C LEU A 225 27.48 66.42 18.78
N SER A 226 26.89 67.13 17.82
CA SER A 226 26.00 66.51 16.85
C SER A 226 26.65 66.45 15.49
N THR A 227 26.31 65.43 14.72
CA THR A 227 26.98 65.12 13.48
C THR A 227 26.13 64.16 12.64
N LYS A 228 26.52 63.97 11.39
CA LYS A 228 25.89 63.00 10.50
C LYS A 228 26.97 62.03 10.01
N ASN A 229 27.70 61.47 10.97
CA ASN A 229 28.84 60.60 10.69
C ASN A 229 28.46 59.24 10.10
N THR A 230 27.18 58.92 10.13
CA THR A 230 26.67 57.71 9.49
C THR A 230 26.65 57.87 7.98
N ILE A 231 26.62 59.12 7.52
CA ILE A 231 26.56 59.44 6.09
C ILE A 231 27.87 60.05 5.60
N LEU A 232 28.35 61.06 6.32
CA LEU A 232 29.62 61.71 6.01
C LEU A 232 30.69 61.13 6.91
N LYS A 233 31.06 59.88 6.64
CA LYS A 233 31.96 59.10 7.49
C LYS A 233 33.34 59.72 7.67
N LYS A 234 33.84 60.38 6.64
CA LYS A 234 35.17 60.99 6.69
C LYS A 234 35.13 62.44 7.16
N TYR A 235 34.27 63.24 6.53
CA TYR A 235 34.09 64.65 6.87
C TYR A 235 33.61 64.82 8.31
N ASP A 236 32.41 64.29 8.59
CA ASP A 236 31.79 64.36 9.90
C ASP A 236 32.49 63.47 10.92
N GLY A 237 33.18 62.44 10.44
CA GLY A 237 33.95 61.56 11.29
C GLY A 237 35.12 62.28 11.95
N ARG A 238 35.71 63.21 11.20
CA ARG A 238 36.82 64.02 11.69
C ARG A 238 36.41 64.94 12.85
N PHE A 239 35.15 65.39 12.84
CA PHE A 239 34.63 66.21 13.91
C PHE A 239 34.53 65.40 15.19
N LYS A 240 33.93 64.21 15.09
CA LYS A 240 33.78 63.30 16.22
C LYS A 240 35.15 62.90 16.79
N ASP A 241 36.04 62.47 15.90
CA ASP A 241 37.36 61.96 16.29
C ASP A 241 38.24 63.00 16.98
N ILE A 242 38.26 64.22 16.47
CA ILE A 242 39.06 65.28 17.08
C ILE A 242 38.49 65.68 18.44
N PHE A 243 37.18 65.85 18.50
CA PHE A 243 36.50 66.19 19.75
C PHE A 243 36.80 65.15 20.83
N GLN A 244 36.65 63.88 20.47
CA GLN A 244 36.90 62.77 21.39
C GLN A 244 38.36 62.74 21.85
N GLU A 245 39.27 62.95 20.91
CA GLU A 245 40.70 62.99 21.18
C GLU A 245 41.05 64.13 22.14
N VAL A 246 40.47 65.31 21.89
CA VAL A 246 40.68 66.48 22.73
C VAL A 246 40.10 66.26 24.13
N TYR A 247 38.90 65.66 24.18
CA TYR A 247 38.24 65.33 25.44
C TYR A 247 39.13 64.48 26.34
N GLU A 248 39.65 63.39 25.78
CA GLU A 248 40.47 62.43 26.52
C GLU A 248 41.82 63.02 26.92
N ALA A 249 42.38 63.86 26.06
CA ALA A 249 43.71 64.44 26.28
C ALA A 249 43.78 65.42 27.45
N GLN A 250 42.79 66.30 27.60
CA GLN A 250 42.88 67.34 28.63
C GLN A 250 41.56 67.87 29.21
N TYR A 251 40.48 67.09 29.08
CA TYR A 251 39.19 67.52 29.62
C TYR A 251 38.38 66.42 30.31
N LYS A 252 38.66 65.17 29.96
CA LYS A 252 37.94 64.03 30.53
C LYS A 252 37.97 64.05 32.06
N SER A 253 39.15 64.28 32.63
CA SER A 253 39.32 64.33 34.07
C SER A 253 38.47 65.43 34.70
N LYS A 254 38.54 66.63 34.13
CA LYS A 254 37.80 67.79 34.64
C LYS A 254 36.28 67.58 34.57
N PHE A 255 35.81 67.00 33.48
CA PHE A 255 34.39 66.70 33.30
C PHE A 255 33.88 65.76 34.39
N GLU A 256 34.64 64.71 34.67
CA GLU A 256 34.27 63.70 35.67
C GLU A 256 34.19 64.28 37.08
N GLN A 257 35.13 65.16 37.41
CA GLN A 257 35.15 65.83 38.71
C GLN A 257 33.94 66.73 38.92
N LEU A 258 33.47 67.35 37.83
CA LEU A 258 32.36 68.29 37.89
C LEU A 258 30.99 67.60 37.83
N GLY A 259 30.98 66.34 37.40
CA GLY A 259 29.75 65.59 37.26
C GLY A 259 29.01 65.95 35.97
N ILE A 260 29.78 66.30 34.94
CA ILE A 260 29.23 66.62 33.62
C ILE A 260 29.80 65.63 32.58
N HIS A 261 29.13 65.51 31.45
CA HIS A 261 29.51 64.52 30.44
C HIS A 261 29.59 65.09 29.03
N TYR A 262 30.57 64.61 28.26
CA TYR A 262 30.62 64.89 26.84
C TYR A 262 30.14 63.66 26.08
N GLU A 263 29.33 63.89 25.04
CA GLU A 263 28.81 62.81 24.22
C GLU A 263 28.61 63.24 22.77
N HIS A 264 28.97 62.36 21.84
CA HIS A 264 28.70 62.59 20.43
C HIS A 264 27.37 61.99 20.02
N ARG A 265 26.52 62.81 19.42
CA ARG A 265 25.19 62.37 19.00
C ARG A 265 25.00 62.53 17.50
N LEU A 266 24.07 61.76 16.95
CA LEU A 266 23.58 61.99 15.59
C LEU A 266 22.68 63.20 15.64
N ILE A 267 22.77 64.07 14.63
CA ILE A 267 21.95 65.27 14.57
C ILE A 267 20.44 64.97 14.71
N ASP A 268 20.02 63.81 14.22
CA ASP A 268 18.64 63.33 14.34
C ASP A 268 18.24 63.12 15.80
N ASP A 269 19.08 62.41 16.54
CA ASP A 269 18.82 62.11 17.95
C ASP A 269 18.81 63.39 18.78
N MET A 270 19.81 64.23 18.56
CA MET A 270 20.02 65.41 19.39
C MET A 270 18.85 66.40 19.36
N VAL A 271 18.42 66.77 18.15
CA VAL A 271 17.34 67.74 18.00
C VAL A 271 16.02 67.21 18.57
N ALA A 272 15.72 65.94 18.28
CA ALA A 272 14.54 65.29 18.84
C ALA A 272 14.62 65.30 20.36
N GLN A 273 15.77 64.91 20.89
CA GLN A 273 16.00 64.90 22.33
C GLN A 273 15.92 66.30 22.92
N MET A 274 16.54 67.27 22.24
CA MET A 274 16.51 68.67 22.65
C MET A 274 15.07 69.17 22.80
N ILE A 275 14.25 68.94 21.77
CA ILE A 275 12.84 69.32 21.78
C ILE A 275 12.10 68.66 22.97
N LYS A 276 12.54 67.46 23.33
CA LYS A 276 11.95 66.69 24.42
C LYS A 276 12.47 67.09 25.80
N SER A 277 13.67 67.67 25.83
CA SER A 277 14.38 67.96 27.07
C SER A 277 13.78 69.09 27.92
N LYS A 278 14.38 69.30 29.08
CA LYS A 278 14.03 70.40 29.97
C LYS A 278 15.04 71.54 29.82
N GLY A 279 16.00 71.34 28.91
CA GLY A 279 17.05 72.32 28.67
C GLY A 279 18.23 72.19 29.61
N GLY A 280 19.13 73.16 29.57
CA GLY A 280 20.28 73.19 30.46
C GLY A 280 21.42 72.30 30.02
N PHE A 281 21.95 72.58 28.83
CA PHE A 281 23.09 71.85 28.26
C PHE A 281 23.64 72.64 27.07
N ILE A 282 24.88 72.32 26.68
CA ILE A 282 25.49 72.96 25.52
C ILE A 282 25.47 72.02 24.32
N MET A 283 25.11 72.59 23.16
CA MET A 283 25.02 71.82 21.92
C MET A 283 26.06 72.27 20.90
N ALA A 284 27.21 71.62 20.89
CA ALA A 284 28.24 71.87 19.87
C ALA A 284 27.69 71.47 18.50
N LEU A 285 27.73 72.39 17.54
CA LEU A 285 27.17 72.14 16.22
C LEU A 285 28.02 72.71 15.10
N LYS A 286 28.04 72.00 13.96
CA LYS A 286 28.71 72.48 12.74
C LYS A 286 28.07 73.80 12.27
N ASN A 287 28.83 74.57 11.50
CA ASN A 287 28.39 75.89 11.01
C ASN A 287 26.92 75.97 10.62
N TYR A 288 26.52 75.12 9.68
CA TYR A 288 25.15 75.11 9.18
C TYR A 288 24.13 74.76 10.25
N ASP A 289 24.39 73.70 11.00
CA ASP A 289 23.49 73.25 12.06
C ASP A 289 23.33 74.32 13.15
N GLY A 290 24.44 74.94 13.53
CA GLY A 290 24.43 76.01 14.51
C GLY A 290 23.54 77.17 14.09
N ASP A 291 23.59 77.51 12.81
CA ASP A 291 22.76 78.57 12.25
C ASP A 291 21.28 78.22 12.34
N VAL A 292 20.94 77.01 11.90
CA VAL A 292 19.56 76.54 11.89
C VAL A 292 18.99 76.36 13.30
N GLN A 293 19.71 75.61 14.13
CA GLN A 293 19.22 75.23 15.46
C GLN A 293 19.13 76.37 16.47
N SER A 294 20.01 77.37 16.35
CA SER A 294 20.00 78.50 17.27
C SER A 294 18.74 79.34 17.16
N ASP A 295 18.17 79.40 15.96
CA ASP A 295 16.92 80.13 15.73
C ASP A 295 15.72 79.36 16.26
N ILE A 296 15.80 78.03 16.19
CA ILE A 296 14.81 77.14 16.79
C ILE A 296 14.81 77.32 18.32
N VAL A 297 16.00 77.31 18.91
CA VAL A 297 16.15 77.46 20.35
C VAL A 297 15.65 78.83 20.81
N ALA A 298 16.12 79.88 20.15
CA ALA A 298 15.70 81.24 20.47
C ALA A 298 14.17 81.37 20.44
N GLN A 299 13.56 80.83 19.39
CA GLN A 299 12.11 80.87 19.22
C GLN A 299 11.39 80.07 20.30
N GLY A 300 11.88 78.87 20.60
CA GLY A 300 11.28 78.03 21.62
C GLY A 300 11.27 78.64 23.01
N PHE A 301 12.26 79.48 23.30
CA PHE A 301 12.35 80.13 24.61
C PHE A 301 11.41 81.34 24.74
N GLY A 302 10.92 81.85 23.61
CA GLY A 302 9.97 82.94 23.62
C GLY A 302 10.02 83.83 22.39
N SER A 303 11.18 84.40 22.11
CA SER A 303 11.33 85.34 20.99
C SER A 303 12.68 85.21 20.31
N LEU A 304 12.64 85.31 18.98
CA LEU A 304 13.84 85.28 18.15
C LEU A 304 14.78 86.43 18.50
N GLY A 305 14.20 87.54 18.96
CA GLY A 305 14.96 88.71 19.35
C GLY A 305 15.78 88.51 20.60
N LEU A 306 15.22 87.81 21.58
CA LEU A 306 15.91 87.55 22.85
C LEU A 306 16.98 86.46 22.69
N MET A 307 18.16 86.86 22.22
CA MET A 307 19.26 85.94 21.95
C MET A 307 20.60 86.67 21.90
N THR A 308 21.61 86.11 22.56
CA THR A 308 22.97 86.64 22.47
C THR A 308 23.76 85.85 21.43
N SER A 309 24.72 86.53 20.80
CA SER A 309 25.59 85.88 19.83
C SER A 309 26.99 86.47 19.91
N ILE A 310 27.93 85.64 20.38
CA ILE A 310 29.31 86.08 20.54
C ILE A 310 30.30 85.06 19.97
N LEU A 311 31.13 85.54 19.05
CA LEU A 311 32.19 84.70 18.46
C LEU A 311 33.46 84.80 19.30
N VAL A 312 34.01 83.65 19.65
CA VAL A 312 35.26 83.60 20.41
C VAL A 312 36.33 82.81 19.64
N THR A 313 37.59 83.12 19.92
CA THR A 313 38.71 82.41 19.32
C THR A 313 39.33 81.45 20.35
N PRO A 314 39.95 80.37 19.89
CA PRO A 314 40.51 79.34 20.79
C PRO A 314 41.52 79.89 21.79
N ASP A 315 42.32 80.87 21.38
CA ASP A 315 43.35 81.46 22.22
C ASP A 315 42.80 82.23 23.42
N GLY A 316 41.57 82.74 23.28
CA GLY A 316 40.91 83.47 24.34
C GLY A 316 41.23 84.96 24.35
N LYS A 317 41.68 85.50 23.23
CA LYS A 317 42.03 86.91 23.17
C LYS A 317 41.24 87.75 22.17
N THR A 318 40.37 87.10 21.38
CA THR A 318 39.56 87.81 20.40
C THR A 318 38.07 87.44 20.52
N PHE A 319 37.22 88.46 20.45
CA PHE A 319 35.77 88.28 20.58
C PHE A 319 35.00 89.16 19.61
N GLU A 320 33.83 88.68 19.18
CA GLU A 320 32.95 89.44 18.32
C GLU A 320 31.49 89.30 18.77
N SER A 321 31.07 90.21 19.65
CA SER A 321 29.69 90.25 20.13
C SER A 321 28.80 90.89 19.08
N GLU A 322 27.69 90.24 18.75
CA GLU A 322 26.86 90.67 17.61
C GLU A 322 25.35 90.64 17.86
N ALA A 323 24.62 91.40 17.05
CA ALA A 323 23.15 91.32 16.99
C ALA A 323 22.78 90.51 15.76
N ALA A 324 22.21 89.33 16.00
CA ALA A 324 22.00 88.33 14.95
C ALA A 324 20.57 88.19 14.42
N HIS A 325 19.64 89.02 14.91
CA HIS A 325 18.23 88.88 14.54
C HIS A 325 17.81 89.56 13.23
N GLY A 326 18.79 89.99 12.44
CA GLY A 326 18.50 90.70 11.21
C GLY A 326 17.94 92.09 11.45
N THR A 327 17.48 92.73 10.37
CA THR A 327 16.98 94.10 10.45
C THR A 327 15.47 94.21 10.28
N VAL A 328 14.92 93.34 9.42
CA VAL A 328 13.49 93.34 9.06
C VAL A 328 12.97 94.75 8.74
N THR A 329 12.98 95.07 7.45
CA THR A 329 12.67 96.40 6.93
C THR A 329 11.32 97.00 7.35
N ARG A 330 10.34 96.15 7.64
CA ARG A 330 8.97 96.59 7.92
C ARG A 330 8.86 97.74 8.94
N HIS A 331 9.83 97.83 9.84
CA HIS A 331 9.86 98.90 10.83
C HIS A 331 10.62 100.13 10.33
N TYR A 332 11.72 99.89 9.62
CA TYR A 332 12.51 100.97 9.02
C TYR A 332 11.69 101.79 8.04
N ARG A 333 10.85 101.10 7.27
CA ARG A 333 9.98 101.76 6.30
C ARG A 333 8.97 102.71 6.95
N LYS A 334 8.54 102.36 8.16
CA LYS A 334 7.65 103.22 8.95
C LYS A 334 8.42 104.42 9.51
N TYR A 335 9.71 104.21 9.78
CA TYR A 335 10.59 105.28 10.26
C TYR A 335 10.83 106.34 9.17
N GLN A 336 10.84 105.89 7.92
CA GLN A 336 11.04 106.79 6.77
C GLN A 336 9.90 107.78 6.63
N LYS A 337 8.67 107.30 6.83
CA LYS A 337 7.46 108.12 6.71
C LYS A 337 7.21 109.00 7.93
N GLY A 338 8.07 108.87 8.94
CA GLY A 338 7.92 109.63 10.18
C GLY A 338 6.89 109.03 11.11
N GLU A 339 6.45 107.82 10.80
CA GLU A 339 5.44 107.11 11.59
C GLU A 339 6.02 106.56 12.89
N GLU A 340 5.15 106.05 13.75
CA GLU A 340 5.56 105.46 15.02
C GLU A 340 6.24 104.11 14.80
N THR A 341 7.09 103.71 15.73
CA THR A 341 7.81 102.45 15.65
C THR A 341 7.99 101.79 17.01
N SER A 342 7.87 100.47 17.05
CA SER A 342 8.06 99.71 18.28
C SER A 342 8.91 98.47 18.03
N THR A 343 10.21 98.71 17.84
CA THR A 343 11.18 97.65 17.56
C THR A 343 11.96 97.30 18.83
N ASN A 344 12.16 96.00 19.04
CA ASN A 344 12.92 95.52 20.20
C ASN A 344 14.41 95.79 20.04
N SER A 345 15.02 96.31 21.11
CA SER A 345 16.44 96.66 21.10
C SER A 345 17.27 95.86 22.11
N ILE A 346 16.59 95.02 22.88
CA ILE A 346 17.25 94.19 23.90
C ILE A 346 18.46 93.44 23.33
N ALA A 347 18.29 92.84 22.15
CA ALA A 347 19.37 92.12 21.51
C ALA A 347 20.58 93.02 21.22
N SER A 348 20.32 94.19 20.65
CA SER A 348 21.37 95.15 20.33
C SER A 348 22.06 95.72 21.58
N ILE A 349 21.30 95.88 22.66
CA ILE A 349 21.88 96.33 23.93
C ILE A 349 22.81 95.25 24.49
N PHE A 350 22.39 94.00 24.38
CA PHE A 350 23.18 92.88 24.89
C PHE A 350 24.46 92.65 24.09
N ALA A 351 24.42 92.98 22.80
CA ALA A 351 25.61 92.92 21.96
C ALA A 351 26.69 93.88 22.47
N TRP A 352 26.26 95.06 22.91
CA TRP A 352 27.17 96.05 23.50
C TRP A 352 27.72 95.56 24.83
N SER A 353 26.82 95.25 25.77
CA SER A 353 27.19 94.82 27.12
C SER A 353 28.13 93.61 27.13
N ARG A 354 27.81 92.60 26.33
CA ARG A 354 28.64 91.40 26.23
C ARG A 354 30.03 91.73 25.68
N GLY A 355 30.06 92.66 24.73
CA GLY A 355 31.31 93.13 24.16
C GLY A 355 32.17 93.80 25.22
N LEU A 356 31.56 94.75 25.94
CA LEU A 356 32.24 95.49 26.99
C LEU A 356 32.67 94.58 28.14
N LEU A 357 31.87 93.55 28.42
CA LEU A 357 32.23 92.55 29.42
C LEU A 357 33.55 91.88 29.05
N LYS A 358 33.68 91.48 27.79
CA LYS A 358 34.91 90.89 27.28
C LYS A 358 36.06 91.90 27.30
N ARG A 359 35.74 93.16 26.98
CA ARG A 359 36.72 94.23 27.04
C ARG A 359 37.23 94.42 28.47
N GLY A 360 36.28 94.46 29.41
CA GLY A 360 36.60 94.61 30.82
C GLY A 360 37.39 93.47 31.40
N GLU A 361 37.09 92.24 30.98
CA GLU A 361 37.82 91.06 31.41
C GLU A 361 39.27 91.11 30.95
N LEU A 362 39.46 91.52 29.70
CA LEU A 362 40.79 91.60 29.10
C LEU A 362 41.66 92.70 29.72
N ASP A 363 41.08 93.88 29.90
CA ASP A 363 41.83 95.01 30.46
C ASP A 363 41.94 94.96 31.98
N ASN A 364 41.18 94.04 32.60
CA ASN A 364 41.07 93.98 34.06
C ASN A 364 40.52 95.30 34.58
N THR A 365 39.33 95.65 34.09
CA THR A 365 38.63 96.86 34.48
C THR A 365 37.28 96.47 35.11
N PRO A 366 37.28 96.13 36.39
CA PRO A 366 36.07 95.69 37.10
C PRO A 366 34.88 96.64 36.97
N ALA A 367 35.12 97.95 36.94
CA ALA A 367 34.06 98.94 36.84
C ALA A 367 33.26 98.83 35.52
N LEU A 368 33.94 98.40 34.46
CA LEU A 368 33.30 98.20 33.16
C LEU A 368 32.39 96.96 33.17
N CYS A 369 32.92 95.85 33.69
CA CYS A 369 32.17 94.61 33.85
C CYS A 369 30.92 94.88 34.70
N LYS A 370 31.11 95.67 35.76
CA LYS A 370 30.04 96.07 36.66
C LYS A 370 28.97 96.89 35.94
N PHE A 371 29.40 97.85 35.12
CA PHE A 371 28.48 98.69 34.36
C PHE A 371 27.67 97.85 33.37
N ALA A 372 28.35 96.93 32.69
CA ALA A 372 27.72 96.05 31.71
C ALA A 372 26.64 95.15 32.34
N ASN A 373 26.91 94.65 33.54
CA ASN A 373 25.95 93.80 34.26
C ASN A 373 24.72 94.59 34.70
N ILE A 374 24.92 95.85 35.06
CA ILE A 374 23.82 96.74 35.45
C ILE A 374 22.97 97.10 34.23
N LEU A 375 23.64 97.33 33.10
CA LEU A 375 22.97 97.61 31.83
C LEU A 375 22.03 96.46 31.45
N GLU A 376 22.52 95.23 31.56
CA GLU A 376 21.69 94.05 31.28
C GLU A 376 20.54 93.97 32.28
N SER A 377 20.87 94.12 33.56
CA SER A 377 19.89 94.07 34.64
C SER A 377 18.75 95.08 34.43
N ALA A 378 19.12 96.33 34.16
CA ALA A 378 18.15 97.39 33.91
C ALA A 378 17.28 97.09 32.69
N THR A 379 17.91 96.71 31.58
CA THR A 379 17.19 96.36 30.35
C THR A 379 16.15 95.27 30.58
N LEU A 380 16.53 94.23 31.33
CA LEU A 380 15.64 93.10 31.59
C LEU A 380 14.54 93.43 32.59
N ASN A 381 14.88 94.22 33.61
CA ASN A 381 13.91 94.64 34.63
C ASN A 381 12.82 95.55 34.08
N THR A 382 13.20 96.38 33.08
CA THR A 382 12.26 97.26 32.39
C THR A 382 11.08 96.45 31.80
N VAL A 383 11.38 95.26 31.29
CA VAL A 383 10.36 94.37 30.75
C VAL A 383 9.69 93.56 31.86
N GLN A 384 10.52 92.86 32.65
CA GLN A 384 10.04 91.93 33.68
C GLN A 384 9.23 92.58 34.80
N GLN A 385 9.75 93.67 35.36
CA GLN A 385 9.15 94.31 36.52
C GLN A 385 8.19 95.44 36.17
N ASP A 386 8.67 96.37 35.34
CA ASP A 386 7.91 97.57 35.04
C ASP A 386 6.88 97.41 33.92
N GLY A 387 7.01 96.34 33.15
CA GLY A 387 6.05 96.01 32.10
C GLY A 387 6.18 96.83 30.82
N ILE A 388 7.23 97.63 30.72
CA ILE A 388 7.50 98.40 29.52
C ILE A 388 8.20 97.50 28.50
N MET A 389 7.60 97.38 27.32
CA MET A 389 8.13 96.50 26.27
C MET A 389 7.65 96.93 24.89
N THR A 390 8.36 96.46 23.87
CA THR A 390 8.00 96.75 22.48
C THR A 390 6.89 95.83 21.99
N LYS A 391 6.36 96.15 20.80
CA LYS A 391 5.26 95.43 20.16
C LYS A 391 5.41 93.91 20.14
N ASP A 392 6.63 93.44 19.85
CA ASP A 392 6.91 92.01 19.69
C ASP A 392 6.77 91.20 20.98
N LEU A 393 7.25 91.76 22.09
CA LEU A 393 7.15 91.08 23.38
C LEU A 393 5.73 91.13 23.91
N ALA A 394 5.00 92.19 23.56
CA ALA A 394 3.60 92.36 23.95
C ALA A 394 2.71 91.27 23.35
N LEU A 395 2.92 90.98 22.07
CA LEU A 395 2.18 89.95 21.36
C LEU A 395 2.56 88.54 21.84
N ALA A 396 3.80 88.39 22.29
CA ALA A 396 4.26 87.15 22.88
C ALA A 396 3.55 86.90 24.21
N CYS A 397 3.37 87.97 24.98
CA CYS A 397 2.62 87.91 26.24
C CYS A 397 1.14 87.64 25.98
N GLY A 398 0.66 88.03 24.80
CA GLY A 398 -0.70 87.75 24.38
C GLY A 398 -1.67 88.93 24.50
N ASN A 399 -1.17 90.13 24.25
CA ASN A 399 -1.98 91.34 24.34
C ASN A 399 -1.94 92.15 23.04
N ASN A 400 -3.08 92.19 22.35
CA ASN A 400 -3.17 92.78 21.01
C ASN A 400 -3.34 94.30 20.97
N GLU A 401 -3.97 94.87 22.00
CA GLU A 401 -4.23 96.31 22.08
C GLU A 401 -2.96 97.17 22.01
N ARG A 402 -3.13 98.44 21.65
CA ARG A 402 -2.00 99.36 21.49
C ARG A 402 -1.34 99.74 22.81
N SER A 403 -2.16 100.02 23.83
CA SER A 403 -1.65 100.45 25.14
C SER A 403 -0.80 99.38 25.84
N ALA A 404 -0.74 98.19 25.24
CA ALA A 404 0.04 97.07 25.78
C ALA A 404 1.54 97.30 25.65
N TYR A 405 1.95 97.97 24.57
CA TYR A 405 3.35 98.22 24.30
C TYR A 405 3.70 99.70 24.14
N VAL A 406 4.99 100.00 24.26
CA VAL A 406 5.51 101.36 24.12
C VAL A 406 6.24 101.51 22.79
N THR A 407 6.68 102.73 22.47
CA THR A 407 7.44 102.97 21.24
C THR A 407 8.90 102.57 21.42
N THR A 408 9.63 102.53 20.30
CA THR A 408 11.05 102.23 20.28
C THR A 408 11.84 103.19 21.18
N GLU A 409 11.59 104.49 20.99
CA GLU A 409 12.23 105.53 21.78
C GLU A 409 11.83 105.45 23.25
N GLU A 410 10.54 105.15 23.50
CA GLU A 410 10.02 105.03 24.85
C GLU A 410 10.72 103.93 25.65
N PHE A 411 10.84 102.75 25.06
CA PHE A 411 11.52 101.63 25.71
C PHE A 411 12.96 101.98 26.07
N LEU A 412 13.69 102.54 25.12
CA LEU A 412 15.07 102.96 25.35
C LEU A 412 15.16 104.05 26.41
N ASP A 413 14.16 104.94 26.43
CA ASP A 413 14.07 105.97 27.46
C ASP A 413 13.85 105.35 28.84
N ALA A 414 12.99 104.33 28.89
CA ALA A 414 12.70 103.63 30.13
C ALA A 414 13.93 102.90 30.68
N VAL A 415 14.65 102.21 29.79
CA VAL A 415 15.89 101.52 30.15
C VAL A 415 16.90 102.51 30.72
N GLU A 416 17.11 103.63 30.01
CA GLU A 416 18.03 104.67 30.45
C GLU A 416 17.67 105.20 31.84
N LYS A 417 16.38 105.45 32.05
CA LYS A 417 15.88 105.92 33.35
C LYS A 417 16.23 104.92 34.47
N ARG A 418 16.00 103.65 34.19
CA ARG A 418 16.32 102.58 35.14
C ARG A 418 17.83 102.36 35.26
N LEU A 419 18.57 102.66 34.18
CA LEU A 419 20.02 102.58 34.18
C LEU A 419 20.60 103.57 35.19
N GLN A 420 20.10 104.81 35.13
CA GLN A 420 20.54 105.88 36.02
C GLN A 420 20.29 105.60 37.50
N LYS A 421 19.20 104.90 37.79
CA LYS A 421 18.86 104.53 39.16
C LYS A 421 19.87 103.53 39.73
N GLU A 422 19.98 102.37 39.06
CA GLU A 422 20.80 101.25 39.54
C GLU A 422 22.31 101.54 39.62
N ILE A 423 22.74 102.67 39.06
CA ILE A 423 24.14 103.09 39.18
C ILE A 423 24.36 103.74 40.55
N LYS B 18 -12.75 37.76 2.18
CA LYS B 18 -11.39 38.33 1.97
C LYS B 18 -11.39 39.32 0.82
N ILE B 19 -10.80 40.50 1.05
CA ILE B 19 -10.70 41.53 0.01
C ILE B 19 -9.57 41.21 -0.96
N LYS B 20 -9.89 41.23 -2.26
CA LYS B 20 -8.91 40.96 -3.30
C LYS B 20 -8.09 42.20 -3.64
N VAL B 21 -6.78 42.10 -3.46
CA VAL B 21 -5.85 43.13 -3.90
C VAL B 21 -5.54 42.83 -5.37
N LYS B 22 -5.87 43.78 -6.24
CA LYS B 22 -5.74 43.60 -7.68
C LYS B 22 -4.30 43.36 -8.13
N GLN B 23 -3.38 44.17 -7.59
CA GLN B 23 -1.97 44.06 -7.94
C GLN B 23 -1.12 43.64 -6.74
N PRO B 24 -0.04 42.89 -6.99
CA PRO B 24 0.90 42.51 -5.92
C PRO B 24 1.58 43.69 -5.24
N VAL B 25 1.96 43.49 -3.98
CA VAL B 25 2.60 44.53 -3.18
C VAL B 25 4.00 44.07 -2.79
N VAL B 26 4.97 44.97 -2.93
CA VAL B 26 6.35 44.68 -2.58
C VAL B 26 6.57 44.87 -1.07
N GLU B 27 6.99 43.80 -0.40
CA GLU B 27 7.20 43.80 1.04
C GLU B 27 8.69 43.76 1.36
N LEU B 28 9.15 44.73 2.14
CA LEU B 28 10.55 44.79 2.54
C LEU B 28 10.66 44.57 4.05
N ASP B 29 11.22 43.42 4.44
CA ASP B 29 11.35 43.05 5.85
C ASP B 29 12.62 43.62 6.48
N GLY B 30 12.57 43.87 7.78
CA GLY B 30 13.67 44.53 8.46
C GLY B 30 14.32 43.75 9.58
N ASP B 31 14.78 44.48 10.59
CA ASP B 31 15.63 43.91 11.63
C ASP B 31 15.07 43.87 13.04
N GLU B 32 15.57 42.91 13.81
CA GLU B 32 15.35 42.79 15.26
C GLU B 32 13.89 42.95 15.72
N MET B 33 13.63 43.87 16.63
CA MET B 33 12.29 44.03 17.22
C MET B 33 11.23 44.48 16.22
N THR B 34 11.59 45.39 15.32
CA THR B 34 10.65 45.86 14.31
C THR B 34 10.23 44.75 13.36
N ARG B 35 11.13 43.77 13.18
CA ARG B 35 10.87 42.61 12.33
C ARG B 35 9.91 41.64 13.01
N ILE B 36 10.10 41.42 14.31
CA ILE B 36 9.24 40.56 15.11
C ILE B 36 7.81 41.13 15.13
N ILE B 37 7.71 42.44 15.35
CA ILE B 37 6.43 43.15 15.35
C ILE B 37 5.79 43.09 13.96
N TRP B 38 6.61 43.30 12.93
CA TRP B 38 6.19 43.29 11.54
C TRP B 38 5.45 42.00 11.17
N ASP B 39 6.02 40.86 11.53
CA ASP B 39 5.46 39.55 11.21
C ASP B 39 4.07 39.31 11.82
N LYS B 40 3.85 39.87 13.01
CA LYS B 40 2.57 39.72 13.70
C LYS B 40 1.51 40.64 13.10
N ILE B 41 1.93 41.82 12.68
CA ILE B 41 1.04 42.76 11.99
C ILE B 41 0.51 42.10 10.72
N LYS B 42 1.40 41.50 9.95
CA LYS B 42 1.03 40.82 8.71
C LYS B 42 0.07 39.64 8.95
N LYS B 43 0.48 38.71 9.80
CA LYS B 43 -0.27 37.48 10.03
C LYS B 43 -1.58 37.68 10.79
N LYS B 44 -1.72 38.81 11.49
CA LYS B 44 -2.93 39.08 12.27
C LYS B 44 -3.80 40.23 11.76
N LEU B 45 -3.17 41.30 11.30
CA LEU B 45 -3.92 42.50 10.89
C LEU B 45 -4.12 42.64 9.38
N ILE B 46 -3.35 41.89 8.58
CA ILE B 46 -3.42 42.03 7.12
C ILE B 46 -3.88 40.74 6.43
N LEU B 47 -3.09 39.68 6.55
CA LEU B 47 -3.36 38.42 5.85
C LEU B 47 -4.77 37.84 6.07
N PRO B 48 -5.25 37.81 7.32
CA PRO B 48 -6.62 37.32 7.57
C PRO B 48 -7.68 38.10 6.79
N TYR B 49 -7.43 39.37 6.49
CA TYR B 49 -8.41 40.22 5.83
C TYR B 49 -8.20 40.43 4.34
N LEU B 50 -6.98 40.17 3.86
CA LEU B 50 -6.65 40.45 2.47
C LEU B 50 -6.02 39.29 1.71
N ASP B 51 -6.49 39.10 0.48
CA ASP B 51 -5.87 38.19 -0.46
C ASP B 51 -4.91 39.04 -1.29
N VAL B 52 -3.66 39.11 -0.84
CA VAL B 52 -2.64 39.94 -1.47
C VAL B 52 -1.41 39.12 -1.80
N ASP B 53 -0.84 39.36 -2.98
CA ASP B 53 0.39 38.71 -3.39
C ASP B 53 1.60 39.53 -2.96
N LEU B 54 2.24 39.08 -1.88
CA LEU B 54 3.37 39.80 -1.33
C LEU B 54 4.67 39.33 -1.98
N LYS B 55 5.32 40.26 -2.70
CA LYS B 55 6.64 40.01 -3.24
C LYS B 55 7.64 40.31 -2.14
N TYR B 56 8.14 39.24 -1.52
CA TYR B 56 8.99 39.37 -0.34
C TYR B 56 10.44 39.64 -0.66
N TYR B 57 10.98 40.67 -0.01
CA TYR B 57 12.39 41.01 -0.09
C TYR B 57 12.88 41.21 1.34
N ASP B 58 13.82 40.37 1.75
CA ASP B 58 14.33 40.38 3.10
C ASP B 58 15.50 41.36 3.23
N LEU B 59 15.26 42.50 3.86
CA LEU B 59 16.30 43.52 4.01
C LEU B 59 16.96 43.51 5.38
N SER B 60 16.93 42.35 6.04
CA SER B 60 17.64 42.17 7.31
C SER B 60 19.15 42.30 7.07
N VAL B 61 19.87 42.64 8.14
CA VAL B 61 21.34 42.79 8.09
C VAL B 61 22.00 41.51 7.55
N GLU B 62 21.55 40.36 8.05
CA GLU B 62 22.08 39.05 7.65
C GLU B 62 21.82 38.76 6.17
N SER B 63 20.65 39.15 5.69
CA SER B 63 20.28 38.95 4.29
C SER B 63 21.06 39.90 3.38
N ARG B 64 21.19 41.15 3.82
CA ARG B 64 21.94 42.15 3.07
C ARG B 64 23.42 41.79 3.01
N ASP B 65 23.98 41.39 4.14
CA ASP B 65 25.38 40.99 4.21
C ASP B 65 25.68 39.80 3.29
N ALA B 66 24.78 38.82 3.28
CA ALA B 66 24.92 37.62 2.45
C ALA B 66 24.89 37.95 0.96
N THR B 67 23.87 38.72 0.55
CA THR B 67 23.69 39.09 -0.85
C THR B 67 24.60 40.25 -1.27
N SER B 68 25.52 40.63 -0.38
CA SER B 68 26.39 41.79 -0.60
C SER B 68 25.56 43.05 -0.89
N ASP B 69 24.44 43.17 -0.19
CA ASP B 69 23.52 44.31 -0.30
C ASP B 69 22.75 44.39 -1.63
N LYS B 70 22.80 43.31 -2.41
CA LYS B 70 22.08 43.25 -3.69
C LYS B 70 20.56 43.16 -3.48
N ILE B 71 20.14 42.50 -2.40
CA ILE B 71 18.72 42.39 -2.07
C ILE B 71 18.06 43.78 -1.98
N THR B 72 18.77 44.75 -1.42
CA THR B 72 18.29 46.13 -1.33
C THR B 72 18.01 46.70 -2.73
N GLN B 73 18.90 46.42 -3.68
CA GLN B 73 18.73 46.87 -5.06
C GLN B 73 17.55 46.17 -5.74
N ASP B 74 17.48 44.85 -5.58
CA ASP B 74 16.38 44.04 -6.11
C ASP B 74 15.03 44.53 -5.58
N ALA B 75 14.97 44.76 -4.27
CA ALA B 75 13.78 45.27 -3.61
C ALA B 75 13.35 46.62 -4.16
N ALA B 76 14.32 47.52 -4.35
CA ALA B 76 14.07 48.84 -4.91
C ALA B 76 13.51 48.76 -6.32
N GLU B 77 14.08 47.87 -7.13
CA GLU B 77 13.65 47.69 -8.51
C GLU B 77 12.27 47.02 -8.62
N ALA B 78 11.93 46.22 -7.63
CA ALA B 78 10.61 45.58 -7.58
C ALA B 78 9.52 46.59 -7.30
N ILE B 79 9.82 47.56 -6.44
CA ILE B 79 8.90 48.67 -6.14
C ILE B 79 8.65 49.47 -7.41
N LYS B 80 9.72 49.68 -8.18
CA LYS B 80 9.63 50.38 -9.47
C LYS B 80 8.72 49.62 -10.43
N LYS B 81 8.79 48.29 -10.38
CA LYS B 81 8.01 47.43 -11.26
C LYS B 81 6.52 47.43 -10.93
N TYR B 82 6.18 47.19 -9.66
CA TYR B 82 4.79 46.99 -9.26
C TYR B 82 4.06 48.25 -8.80
N GLY B 83 4.79 49.23 -8.32
CA GLY B 83 4.21 50.53 -8.00
C GLY B 83 4.14 50.89 -6.53
N VAL B 84 3.98 49.89 -5.67
CA VAL B 84 3.86 50.16 -4.23
C VAL B 84 4.76 49.23 -3.40
N GLY B 85 5.56 49.83 -2.52
CA GLY B 85 6.39 49.10 -1.59
C GLY B 85 6.08 49.42 -0.14
N ILE B 86 6.18 48.42 0.73
CA ILE B 86 5.99 48.61 2.17
C ILE B 86 7.22 48.09 2.92
N LYS B 87 7.89 48.98 3.65
CA LYS B 87 9.16 48.64 4.28
C LYS B 87 9.18 48.71 5.82
N CYS B 88 9.78 47.67 6.40
CA CYS B 88 10.04 47.59 7.83
C CYS B 88 11.35 48.28 8.17
N ALA B 89 11.49 48.74 9.41
CA ALA B 89 12.72 49.40 9.86
C ALA B 89 13.92 48.46 9.79
N THR B 90 15.02 48.97 9.25
CA THR B 90 16.25 48.20 9.12
C THR B 90 17.37 48.87 9.91
N ILE B 91 18.43 48.11 10.17
CA ILE B 91 19.61 48.66 10.82
C ILE B 91 20.66 49.02 9.78
N THR B 92 21.15 50.26 9.86
CA THR B 92 22.34 50.68 9.12
C THR B 92 23.51 50.32 10.02
N PRO B 93 24.33 49.35 9.59
CA PRO B 93 25.42 48.85 10.43
C PRO B 93 26.53 49.88 10.66
N ASP B 94 27.08 49.87 11.87
CA ASP B 94 28.22 50.72 12.23
C ASP B 94 29.40 49.85 12.63
N GLU B 95 30.54 50.48 12.95
CA GLU B 95 31.74 49.76 13.37
C GLU B 95 31.46 48.69 14.42
N ALA B 96 30.63 49.04 15.41
CA ALA B 96 30.28 48.12 16.50
C ALA B 96 29.55 46.86 16.03
N ARG B 97 28.49 47.05 15.24
CA ARG B 97 27.71 45.91 14.73
C ARG B 97 28.45 45.11 13.66
N VAL B 98 29.30 45.79 12.90
CA VAL B 98 30.11 45.12 11.87
C VAL B 98 31.07 44.11 12.52
N LYS B 99 31.64 44.49 13.66
CA LYS B 99 32.59 43.65 14.39
C LYS B 99 31.92 42.47 15.10
N GLU B 100 30.71 42.69 15.60
CA GLU B 100 29.97 41.66 16.34
C GLU B 100 29.31 40.63 15.43
N PHE B 101 28.82 41.08 14.28
CA PHE B 101 28.07 40.21 13.37
C PHE B 101 28.82 39.94 12.07
N ASN B 102 30.09 39.56 12.18
CA ASN B 102 30.94 39.23 11.03
C ASN B 102 30.47 39.81 9.69
N LEU B 103 30.41 41.13 9.61
CA LEU B 103 29.95 41.80 8.40
C LEU B 103 31.10 42.06 7.44
N HIS B 104 30.83 41.86 6.15
CA HIS B 104 31.80 42.12 5.08
C HIS B 104 32.31 43.57 5.17
N LYS B 105 31.40 44.53 5.19
CA LYS B 105 31.76 45.95 5.32
C LYS B 105 30.65 46.74 6.03
N MET B 106 30.90 48.03 6.22
CA MET B 106 29.89 48.94 6.78
C MET B 106 28.92 49.36 5.68
N TRP B 107 27.94 48.50 5.43
CA TRP B 107 26.96 48.69 4.36
C TRP B 107 26.19 50.00 4.48
N LYS B 108 26.02 50.68 3.34
CA LYS B 108 25.27 51.93 3.29
C LYS B 108 23.82 51.73 3.71
N SER B 109 23.18 52.82 4.16
CA SER B 109 21.78 52.78 4.56
C SER B 109 20.90 52.28 3.41
N PRO B 110 20.10 51.25 3.69
CA PRO B 110 19.20 50.69 2.67
C PRO B 110 18.14 51.71 2.24
N ASN B 111 17.76 52.58 3.16
CA ASN B 111 16.83 53.67 2.86
C ASN B 111 17.43 54.64 1.85
N GLY B 112 18.70 54.96 2.02
CA GLY B 112 19.42 55.82 1.07
C GLY B 112 19.49 55.21 -0.31
N THR B 113 19.76 53.91 -0.37
CA THR B 113 19.86 53.17 -1.62
C THR B 113 18.53 53.16 -2.37
N ILE B 114 17.44 52.83 -1.66
CA ILE B 114 16.10 52.80 -2.25
C ILE B 114 15.66 54.18 -2.73
N ARG B 115 15.88 55.18 -1.87
CA ARG B 115 15.54 56.57 -2.21
C ARG B 115 16.28 57.06 -3.45
N ASN B 116 17.54 56.64 -3.60
CA ASN B 116 18.35 57.05 -4.74
C ASN B 116 17.89 56.42 -6.05
N ILE B 117 17.41 55.18 -5.98
CA ILE B 117 16.92 54.46 -7.15
C ILE B 117 15.55 54.96 -7.57
N LEU B 118 14.67 55.19 -6.60
CA LEU B 118 13.31 55.64 -6.89
C LEU B 118 13.22 57.15 -7.09
N GLY B 119 14.00 57.90 -6.31
CA GLY B 119 13.97 59.35 -6.33
C GLY B 119 12.64 59.90 -5.83
N GLY B 120 12.48 61.22 -5.93
CA GLY B 120 11.23 61.87 -5.59
C GLY B 120 11.19 62.62 -4.28
N THR B 121 10.14 62.40 -3.50
CA THR B 121 9.94 63.10 -2.25
C THR B 121 9.46 62.14 -1.15
N VAL B 122 10.06 62.25 0.03
CA VAL B 122 9.61 61.50 1.19
C VAL B 122 8.73 62.43 2.03
N PHE B 123 7.43 62.15 2.03
CA PHE B 123 6.48 62.94 2.79
C PHE B 123 6.31 62.38 4.20
N ARG B 124 6.57 63.22 5.19
CA ARG B 124 6.48 62.80 6.58
C ARG B 124 5.54 63.71 7.37
N GLU B 125 4.56 63.08 8.03
CA GLU B 125 3.59 63.79 8.86
C GLU B 125 3.26 62.96 10.11
N PRO B 126 2.90 63.63 11.21
CA PRO B 126 2.64 62.94 12.47
C PRO B 126 1.34 62.15 12.53
N ILE B 127 1.39 61.02 13.23
CA ILE B 127 0.21 60.24 13.56
C ILE B 127 -0.36 60.84 14.84
N VAL B 128 -1.36 61.70 14.68
CA VAL B 128 -1.91 62.45 15.80
C VAL B 128 -2.89 61.63 16.64
N ILE B 129 -2.53 61.45 17.92
CA ILE B 129 -3.41 60.84 18.90
C ILE B 129 -3.73 61.91 19.95
N PRO B 130 -5.00 62.36 19.96
CA PRO B 130 -5.45 63.46 20.83
C PRO B 130 -4.98 63.39 22.28
N ARG B 131 -4.97 62.20 22.87
CA ARG B 131 -4.60 62.02 24.27
C ARG B 131 -3.14 62.41 24.57
N ILE B 132 -2.26 62.14 23.61
CA ILE B 132 -0.82 62.42 23.74
C ILE B 132 -0.53 63.91 23.91
N PRO B 133 0.28 64.26 24.91
CA PRO B 133 0.71 65.65 25.13
C PRO B 133 1.67 66.12 24.04
N ARG B 134 1.39 67.30 23.48
CA ARG B 134 2.23 67.89 22.47
C ARG B 134 3.31 68.74 23.13
N LEU B 135 4.57 68.46 22.82
CA LEU B 135 5.69 69.17 23.40
C LEU B 135 5.80 70.62 22.91
N VAL B 136 5.08 70.90 21.83
CA VAL B 136 4.92 72.26 21.30
C VAL B 136 3.41 72.51 21.20
N PRO B 137 2.82 72.92 22.33
CA PRO B 137 1.36 73.02 22.52
C PRO B 137 0.57 73.69 21.40
N ARG B 138 1.10 74.76 20.82
CA ARG B 138 0.39 75.49 19.78
C ARG B 138 0.17 74.67 18.52
N TRP B 139 1.01 73.67 18.29
CA TRP B 139 0.89 72.79 17.13
C TRP B 139 -0.39 71.95 17.21
N GLU B 140 -1.49 72.54 16.73
CA GLU B 140 -2.79 71.88 16.71
C GLU B 140 -2.99 71.16 15.38
N LYS B 141 -2.67 71.84 14.29
CA LYS B 141 -2.83 71.31 12.94
C LYS B 141 -1.53 70.65 12.48
N PRO B 142 -1.64 69.53 11.76
CA PRO B 142 -0.48 68.77 11.28
C PRO B 142 0.48 69.56 10.37
N ILE B 143 1.78 69.35 10.59
CA ILE B 143 2.82 69.89 9.71
C ILE B 143 3.35 68.76 8.85
N ILE B 144 3.27 68.93 7.53
CA ILE B 144 3.76 67.90 6.60
C ILE B 144 5.11 68.29 6.02
N ILE B 145 6.07 67.39 6.10
CA ILE B 145 7.41 67.63 5.58
C ILE B 145 7.66 66.87 4.28
N GLY B 146 7.95 67.64 3.22
CA GLY B 146 8.32 67.07 1.94
C GLY B 146 9.81 67.02 1.81
N ARG B 147 10.41 65.91 2.23
CA ARG B 147 11.85 65.73 2.17
C ARG B 147 12.26 65.23 0.79
N HIS B 148 13.01 66.06 0.06
CA HIS B 148 13.60 65.65 -1.20
C HIS B 148 14.42 64.40 -0.94
N ALA B 149 14.17 63.35 -1.71
CA ALA B 149 14.74 62.05 -1.40
C ALA B 149 16.07 61.73 -2.10
N HIS B 150 16.47 62.57 -3.05
CA HIS B 150 17.54 62.20 -3.98
C HIS B 150 18.99 62.24 -3.48
N GLY B 151 19.60 63.42 -3.48
CA GLY B 151 21.05 63.50 -3.34
C GLY B 151 21.59 64.35 -2.21
N ASP B 152 22.43 65.32 -2.58
CA ASP B 152 23.14 66.16 -1.63
C ASP B 152 24.07 65.30 -0.78
N GLN B 153 23.98 65.44 0.54
CA GLN B 153 24.87 64.74 1.47
C GLN B 153 24.79 63.22 1.38
N TYR B 154 23.65 62.70 0.92
CA TYR B 154 23.41 61.26 0.92
C TYR B 154 24.00 60.52 -0.28
N LYS B 155 24.47 61.29 -1.25
CA LYS B 155 25.21 60.75 -2.37
C LYS B 155 26.52 61.52 -2.54
N ALA B 156 27.05 62.02 -1.43
CA ALA B 156 28.23 62.87 -1.44
C ALA B 156 29.55 62.13 -1.47
N THR B 157 30.58 62.82 -1.95
CA THR B 157 31.95 62.31 -1.95
C THR B 157 32.76 63.10 -0.92
N ASP B 158 33.12 62.45 0.18
CA ASP B 158 33.90 63.08 1.23
C ASP B 158 35.22 62.34 1.47
N THR B 159 36.24 63.07 1.90
CA THR B 159 37.57 62.50 2.10
C THR B 159 38.42 63.26 3.11
N LEU B 160 39.49 62.62 3.58
CA LEU B 160 40.47 63.26 4.45
C LEU B 160 41.55 63.92 3.62
N ILE B 161 41.95 65.12 4.03
CA ILE B 161 43.07 65.80 3.40
C ILE B 161 44.28 65.70 4.34
N PRO B 162 45.28 64.92 3.93
CA PRO B 162 46.45 64.61 4.76
C PRO B 162 47.36 65.79 5.07
N GLY B 163 47.46 66.75 4.15
CA GLY B 163 48.34 67.88 4.35
C GLY B 163 48.17 69.00 3.34
N PRO B 164 49.07 69.99 3.37
CA PRO B 164 49.00 71.15 2.48
C PRO B 164 48.93 70.77 1.00
N GLY B 165 47.98 71.39 0.29
CA GLY B 165 47.77 71.15 -1.12
C GLY B 165 46.57 71.92 -1.65
N SER B 166 46.28 71.72 -2.93
CA SER B 166 45.15 72.41 -3.57
C SER B 166 43.93 71.49 -3.68
N LEU B 167 42.74 72.09 -3.61
CA LEU B 167 41.47 71.38 -3.78
C LEU B 167 40.72 72.01 -4.94
N GLU B 168 40.29 71.18 -5.88
CA GLU B 168 39.62 71.67 -7.09
C GLU B 168 38.37 70.87 -7.44
N LEU B 169 37.34 71.57 -7.92
CA LEU B 169 36.16 70.93 -8.47
C LEU B 169 36.29 70.94 -9.98
N VAL B 170 36.19 69.76 -10.60
CA VAL B 170 36.43 69.65 -12.03
C VAL B 170 35.25 69.02 -12.76
N TYR B 171 34.70 69.79 -13.70
CA TYR B 171 33.61 69.33 -14.55
C TYR B 171 34.08 69.23 -16.00
N LYS B 172 33.89 68.05 -16.58
CA LYS B 172 34.23 67.82 -17.98
C LYS B 172 32.99 67.37 -18.75
N PRO B 173 32.46 68.24 -19.61
CA PRO B 173 31.27 67.89 -20.41
C PRO B 173 31.57 66.74 -21.37
N SER B 174 30.57 65.89 -21.60
CA SER B 174 30.69 64.78 -22.55
C SER B 174 30.85 65.31 -23.96
N ASP B 175 30.12 66.39 -24.26
CA ASP B 175 30.20 67.07 -25.54
C ASP B 175 30.74 68.48 -25.34
N PRO B 176 32.05 68.66 -25.53
CA PRO B 176 32.73 69.96 -25.35
C PRO B 176 32.22 71.07 -26.28
N THR B 177 31.43 70.71 -27.29
CA THR B 177 30.89 71.70 -28.23
C THR B 177 29.60 72.34 -27.69
N THR B 178 28.82 71.57 -26.95
CA THR B 178 27.55 72.05 -26.41
C THR B 178 27.66 72.62 -24.99
N ALA B 179 28.74 72.25 -24.29
CA ALA B 179 28.98 72.74 -22.93
C ALA B 179 30.48 72.94 -22.66
N GLN B 180 30.80 73.76 -21.65
CA GLN B 180 32.18 74.12 -21.36
C GLN B 180 32.75 73.44 -20.11
N PRO B 181 34.08 73.24 -20.07
CA PRO B 181 34.74 72.68 -18.89
C PRO B 181 34.78 73.66 -17.72
N GLN B 182 34.85 73.13 -16.50
CA GLN B 182 34.96 73.95 -15.31
C GLN B 182 36.02 73.39 -14.38
N THR B 183 36.95 74.25 -13.97
CA THR B 183 37.94 73.88 -12.96
C THR B 183 37.90 74.97 -11.90
N LEU B 184 37.10 74.73 -10.85
CA LEU B 184 36.88 75.72 -9.81
C LEU B 184 37.77 75.49 -8.60
N LYS B 185 38.45 76.56 -8.19
CA LYS B 185 39.31 76.54 -7.01
C LYS B 185 38.46 76.45 -5.75
N VAL B 186 38.64 75.36 -5.01
CA VAL B 186 37.88 75.14 -3.79
C VAL B 186 38.62 75.67 -2.58
N TYR B 187 39.84 75.17 -2.35
CA TYR B 187 40.63 75.58 -1.19
C TYR B 187 42.10 75.19 -1.27
N ASP B 188 42.95 76.04 -0.70
CA ASP B 188 44.37 75.76 -0.56
C ASP B 188 44.67 75.41 0.89
N TYR B 189 44.85 74.13 1.18
CA TYR B 189 45.15 73.66 2.53
C TYR B 189 46.56 74.04 2.94
N LYS B 190 46.70 74.50 4.18
CA LYS B 190 47.99 74.81 4.77
C LYS B 190 48.26 73.82 5.90
N GLY B 191 47.31 72.93 6.11
CA GLY B 191 47.39 71.87 7.08
C GLY B 191 46.41 70.78 6.70
N SER B 192 46.29 69.77 7.56
CA SER B 192 45.36 68.68 7.30
C SER B 192 43.91 69.09 7.60
N GLY B 193 42.97 68.48 6.89
CA GLY B 193 41.57 68.76 7.08
C GLY B 193 40.65 67.77 6.36
N VAL B 194 39.44 68.22 6.07
CA VAL B 194 38.45 67.41 5.36
C VAL B 194 37.91 68.14 4.14
N ALA B 195 37.46 67.36 3.16
CA ALA B 195 36.91 67.89 1.91
C ALA B 195 35.75 67.04 1.44
N MET B 196 34.69 67.69 0.99
CA MET B 196 33.55 66.97 0.43
C MET B 196 32.93 67.71 -0.73
N ALA B 197 32.25 66.95 -1.58
CA ALA B 197 31.53 67.49 -2.72
C ALA B 197 30.24 66.69 -2.90
N MET B 198 29.16 67.39 -3.22
CA MET B 198 27.88 66.75 -3.45
C MET B 198 27.22 67.34 -4.69
N TYR B 199 26.06 66.81 -5.04
CA TYR B 199 25.39 67.20 -6.27
C TYR B 199 23.89 66.98 -6.20
N ASN B 200 23.20 67.48 -7.22
CA ASN B 200 21.81 67.18 -7.49
C ASN B 200 21.50 67.52 -8.94
N THR B 201 20.43 66.96 -9.46
CA THR B 201 20.04 67.16 -10.85
C THR B 201 18.77 68.00 -10.92
N ASP B 202 18.62 68.76 -12.00
CA ASP B 202 17.43 69.58 -12.22
C ASP B 202 16.20 68.71 -12.38
N GLU B 203 16.37 67.54 -12.97
CA GLU B 203 15.29 66.58 -13.13
C GLU B 203 14.69 66.21 -11.77
N SER B 204 15.55 65.89 -10.81
CA SER B 204 15.11 65.47 -9.48
C SER B 204 14.48 66.61 -8.68
N ILE B 205 15.08 67.79 -8.72
CA ILE B 205 14.55 68.97 -8.04
C ILE B 205 13.18 69.33 -8.60
N GLU B 206 13.02 69.11 -9.90
CA GLU B 206 11.76 69.38 -10.59
C GLU B 206 10.65 68.44 -10.13
N GLY B 207 10.98 67.16 -9.94
CA GLY B 207 10.03 66.19 -9.45
C GLY B 207 9.60 66.48 -8.03
N PHE B 208 10.60 66.82 -7.21
CA PHE B 208 10.42 67.28 -5.84
C PHE B 208 9.39 68.40 -5.80
N ALA B 209 9.58 69.41 -6.65
CA ALA B 209 8.66 70.55 -6.74
C ALA B 209 7.25 70.10 -7.09
N HIS B 210 7.13 69.32 -8.17
CA HIS B 210 5.84 68.82 -8.64
C HIS B 210 5.03 68.12 -7.56
N SER B 211 5.68 67.22 -6.81
CA SER B 211 5.02 66.49 -5.74
C SER B 211 4.62 67.41 -4.59
N SER B 212 5.50 68.37 -4.27
CA SER B 212 5.24 69.36 -3.23
C SER B 212 4.00 70.18 -3.56
N PHE B 213 3.87 70.60 -4.82
CA PHE B 213 2.74 71.41 -5.27
C PHE B 213 1.44 70.61 -5.35
N LYS B 214 1.53 69.36 -5.79
CA LYS B 214 0.35 68.51 -5.92
C LYS B 214 -0.26 68.17 -4.57
N LEU B 215 0.59 67.89 -3.58
CA LEU B 215 0.12 67.59 -2.24
C LEU B 215 -0.53 68.82 -1.59
N ALA B 216 0.08 69.99 -1.79
CA ALA B 216 -0.47 71.25 -1.31
C ALA B 216 -1.88 71.48 -1.83
N ILE B 217 -2.06 71.24 -3.14
CA ILE B 217 -3.37 71.34 -3.78
C ILE B 217 -4.33 70.27 -3.24
N ASP B 218 -3.85 69.02 -3.20
CA ASP B 218 -4.65 67.89 -2.74
C ASP B 218 -5.11 68.04 -1.28
N LYS B 219 -4.21 68.52 -0.42
CA LYS B 219 -4.51 68.65 1.01
C LYS B 219 -4.93 70.04 1.45
N LYS B 220 -5.06 70.96 0.48
CA LYS B 220 -5.50 72.34 0.73
C LYS B 220 -4.65 73.09 1.77
N LEU B 221 -3.33 73.01 1.62
CA LEU B 221 -2.42 73.62 2.58
C LEU B 221 -1.44 74.59 1.93
N ASN B 222 -0.83 75.45 2.74
CA ASN B 222 0.22 76.35 2.27
C ASN B 222 1.54 75.60 2.12
N LEU B 223 2.29 75.96 1.08
CA LEU B 223 3.58 75.33 0.82
C LEU B 223 4.73 76.30 1.07
N PHE B 224 5.76 75.82 1.77
CA PHE B 224 6.97 76.59 1.99
C PHE B 224 8.19 75.78 1.55
N LEU B 225 8.97 76.34 0.63
CA LEU B 225 10.27 75.77 0.28
C LEU B 225 11.30 76.48 1.12
N SER B 226 12.28 75.74 1.63
CA SER B 226 13.35 76.33 2.43
C SER B 226 14.73 75.95 1.94
N THR B 227 15.57 76.97 1.74
CA THR B 227 16.96 76.80 1.33
C THR B 227 17.82 77.84 2.04
N LYS B 228 19.06 77.96 1.58
CA LYS B 228 19.99 78.99 2.06
C LYS B 228 20.65 79.62 0.84
N ASN B 229 19.82 80.16 -0.05
CA ASN B 229 20.26 80.72 -1.33
C ASN B 229 21.06 82.03 -1.22
N THR B 230 21.07 82.63 -0.04
CA THR B 230 21.87 83.83 0.20
C THR B 230 23.34 83.50 0.46
N ILE B 231 23.60 82.25 0.84
CA ILE B 231 24.95 81.75 1.07
C ILE B 231 25.36 80.84 -0.09
N LEU B 232 24.53 79.84 -0.38
CA LEU B 232 24.75 78.95 -1.52
C LEU B 232 23.89 79.44 -2.68
N LYS B 233 24.37 80.48 -3.35
CA LYS B 233 23.60 81.20 -4.38
C LYS B 233 23.23 80.37 -5.59
N LYS B 234 24.13 79.48 -6.00
CA LYS B 234 23.90 78.65 -7.18
C LYS B 234 23.23 77.33 -6.83
N TYR B 235 23.76 76.64 -5.82
CA TYR B 235 23.25 75.34 -5.43
C TYR B 235 21.83 75.42 -4.87
N ASP B 236 21.58 76.41 -4.02
CA ASP B 236 20.26 76.58 -3.42
C ASP B 236 19.34 77.46 -4.26
N GLY B 237 19.93 78.44 -4.94
CA GLY B 237 19.17 79.29 -5.84
C GLY B 237 18.46 78.49 -6.91
N ARG B 238 19.06 77.37 -7.30
CA ARG B 238 18.47 76.44 -8.27
C ARG B 238 17.19 75.81 -7.73
N PHE B 239 17.22 75.42 -6.46
CA PHE B 239 16.02 74.88 -5.80
C PHE B 239 14.91 75.92 -5.81
N LYS B 240 15.26 77.16 -5.50
CA LYS B 240 14.30 78.26 -5.49
C LYS B 240 13.77 78.56 -6.89
N ASP B 241 14.68 78.64 -7.87
CA ASP B 241 14.29 78.99 -9.24
C ASP B 241 13.38 77.95 -9.88
N ILE B 242 13.76 76.66 -9.77
CA ILE B 242 12.98 75.59 -10.36
C ILE B 242 11.59 75.52 -9.74
N PHE B 243 11.50 75.69 -8.42
CA PHE B 243 10.20 75.68 -7.73
C PHE B 243 9.27 76.76 -8.29
N GLN B 244 9.78 77.98 -8.38
CA GLN B 244 9.02 79.10 -8.95
C GLN B 244 8.69 78.86 -10.42
N GLU B 245 9.64 78.28 -11.14
CA GLU B 245 9.42 77.91 -12.54
C GLU B 245 8.23 76.94 -12.63
N VAL B 246 8.29 75.85 -11.86
CA VAL B 246 7.24 74.83 -11.85
C VAL B 246 5.90 75.40 -11.38
N TYR B 247 5.93 76.25 -10.35
CA TYR B 247 4.71 76.90 -9.84
C TYR B 247 4.03 77.72 -10.94
N GLU B 248 4.82 78.50 -11.68
CA GLU B 248 4.31 79.33 -12.77
C GLU B 248 3.89 78.48 -13.96
N ALA B 249 4.45 77.29 -14.06
CA ALA B 249 4.21 76.39 -15.20
C ALA B 249 2.84 75.71 -15.21
N GLN B 250 2.40 75.20 -14.06
CA GLN B 250 1.16 74.41 -14.01
C GLN B 250 0.31 74.62 -12.75
N TYR B 251 0.74 75.48 -11.83
CA TYR B 251 0.12 75.53 -10.51
C TYR B 251 -0.42 76.88 -10.04
N LYS B 252 -0.03 77.96 -10.71
CA LYS B 252 -0.44 79.31 -10.28
C LYS B 252 -1.96 79.43 -10.06
N SER B 253 -2.74 79.10 -11.09
CA SER B 253 -4.20 79.21 -11.04
C SER B 253 -4.83 78.36 -9.94
N LYS B 254 -4.41 77.10 -9.85
CA LYS B 254 -4.94 76.16 -8.87
C LYS B 254 -4.71 76.62 -7.43
N PHE B 255 -3.59 77.30 -7.20
CA PHE B 255 -3.26 77.84 -5.88
C PHE B 255 -4.12 79.04 -5.54
N GLU B 256 -4.30 79.93 -6.52
CA GLU B 256 -5.08 81.15 -6.33
C GLU B 256 -6.56 80.84 -6.11
N GLN B 257 -7.07 79.90 -6.89
CA GLN B 257 -8.46 79.46 -6.80
C GLN B 257 -8.76 78.77 -5.46
N LEU B 258 -7.80 78.02 -4.95
CA LEU B 258 -7.95 77.31 -3.68
C LEU B 258 -7.70 78.20 -2.46
N GLY B 259 -7.10 79.37 -2.70
CA GLY B 259 -6.80 80.30 -1.62
C GLY B 259 -5.55 79.98 -0.83
N ILE B 260 -4.76 79.00 -1.29
CA ILE B 260 -3.50 78.65 -0.64
C ILE B 260 -2.31 79.37 -1.28
N HIS B 261 -1.22 79.48 -0.53
CA HIS B 261 -0.06 80.25 -0.95
C HIS B 261 1.21 79.43 -1.02
N TYR B 262 2.07 79.76 -1.99
CA TYR B 262 3.42 79.22 -2.05
C TYR B 262 4.43 80.32 -1.75
N GLU B 263 5.50 79.97 -1.04
CA GLU B 263 6.49 80.93 -0.60
C GLU B 263 7.84 80.29 -0.36
N HIS B 264 8.91 80.94 -0.83
CA HIS B 264 10.26 80.52 -0.50
C HIS B 264 10.78 81.33 0.68
N ARG B 265 11.40 80.64 1.63
CA ARG B 265 11.97 81.28 2.81
C ARG B 265 13.36 80.74 3.08
N LEU B 266 14.15 81.49 3.84
CA LEU B 266 15.44 81.02 4.31
C LEU B 266 15.20 80.05 5.46
N ILE B 267 16.00 79.00 5.54
CA ILE B 267 15.85 77.96 6.56
C ILE B 267 15.80 78.51 7.99
N ASP B 268 16.32 79.73 8.19
CA ASP B 268 16.26 80.40 9.49
C ASP B 268 14.83 80.81 9.82
N ASP B 269 14.22 81.58 8.93
CA ASP B 269 12.86 82.09 9.14
C ASP B 269 11.91 80.92 9.29
N MET B 270 12.01 79.97 8.36
CA MET B 270 11.11 78.84 8.32
C MET B 270 11.04 78.10 9.65
N VAL B 271 12.16 77.53 10.08
CA VAL B 271 12.20 76.73 11.30
C VAL B 271 11.75 77.52 12.53
N ALA B 272 12.06 78.82 12.54
CA ALA B 272 11.65 79.72 13.61
C ALA B 272 10.15 79.96 13.58
N GLN B 273 9.63 80.29 12.41
CA GLN B 273 8.19 80.52 12.26
C GLN B 273 7.38 79.25 12.48
N MET B 274 8.02 78.10 12.22
CA MET B 274 7.42 76.80 12.46
C MET B 274 7.20 76.56 13.96
N ILE B 275 8.24 76.81 14.76
CA ILE B 275 8.19 76.68 16.22
C ILE B 275 7.11 77.57 16.82
N LYS B 276 6.94 78.74 16.23
CA LYS B 276 6.01 79.77 16.71
C LYS B 276 4.58 79.55 16.20
N SER B 277 4.44 78.74 15.15
CA SER B 277 3.16 78.54 14.47
C SER B 277 2.17 77.65 15.22
N LYS B 278 0.97 77.56 14.66
CA LYS B 278 -0.09 76.67 15.13
C LYS B 278 -0.11 75.39 14.29
N GLY B 279 0.86 75.27 13.39
CA GLY B 279 0.92 74.16 12.45
C GLY B 279 -0.02 74.38 11.27
N GLY B 280 -0.23 73.34 10.47
CA GLY B 280 -1.16 73.39 9.37
C GLY B 280 -0.59 73.91 8.06
N PHE B 281 0.48 73.28 7.60
CA PHE B 281 1.16 73.67 6.36
C PHE B 281 2.20 72.63 5.95
N ILE B 282 2.63 72.70 4.68
CA ILE B 282 3.64 71.80 4.16
C ILE B 282 4.99 72.50 4.05
N MET B 283 6.03 71.86 4.58
CA MET B 283 7.40 72.37 4.46
C MET B 283 8.20 71.48 3.52
N ALA B 284 8.40 71.96 2.30
CA ALA B 284 9.27 71.29 1.34
C ALA B 284 10.70 71.56 1.74
N LEU B 285 11.46 70.51 2.00
CA LEU B 285 12.84 70.64 2.47
C LEU B 285 13.80 69.79 1.67
N LYS B 286 15.04 70.27 1.54
CA LYS B 286 16.11 69.52 0.90
C LYS B 286 16.46 68.29 1.75
N ASN B 287 16.92 67.23 1.07
CA ASN B 287 17.23 65.95 1.70
C ASN B 287 17.65 66.01 3.17
N TYR B 288 18.71 66.76 3.44
CA TYR B 288 19.28 66.85 4.78
C TYR B 288 18.37 67.54 5.78
N ASP B 289 17.82 68.69 5.39
CA ASP B 289 16.93 69.44 6.28
C ASP B 289 15.67 68.66 6.60
N GLY B 290 15.07 68.04 5.58
CA GLY B 290 13.91 67.19 5.74
C GLY B 290 14.15 66.05 6.70
N ASP B 291 15.38 65.56 6.74
CA ASP B 291 15.76 64.49 7.65
C ASP B 291 15.81 64.97 9.10
N VAL B 292 16.51 66.09 9.33
CA VAL B 292 16.68 66.63 10.68
C VAL B 292 15.37 67.19 11.24
N GLN B 293 14.69 68.02 10.45
CA GLN B 293 13.46 68.68 10.88
C GLN B 293 12.32 67.69 11.10
N SER B 294 12.36 66.59 10.35
CA SER B 294 11.37 65.53 10.46
C SER B 294 11.20 65.06 11.89
N ASP B 295 12.32 64.85 12.57
CA ASP B 295 12.32 64.40 13.95
C ASP B 295 11.92 65.49 14.93
N ILE B 296 12.31 66.73 14.65
CA ILE B 296 11.88 67.88 15.45
C ILE B 296 10.35 67.95 15.45
N VAL B 297 9.76 67.89 14.25
CA VAL B 297 8.32 67.94 14.09
C VAL B 297 7.65 66.76 14.80
N ALA B 298 8.09 65.55 14.47
CA ALA B 298 7.58 64.33 15.10
C ALA B 298 7.58 64.45 16.62
N GLN B 299 8.76 64.75 17.17
CA GLN B 299 8.93 64.89 18.61
C GLN B 299 8.07 66.01 19.18
N GLY B 300 7.96 67.11 18.43
CA GLY B 300 7.15 68.25 18.84
C GLY B 300 5.67 67.92 18.96
N PHE B 301 5.18 67.09 18.04
CA PHE B 301 3.77 66.69 18.04
C PHE B 301 3.41 65.67 19.12
N GLY B 302 4.41 64.94 19.61
CA GLY B 302 4.17 63.98 20.69
C GLY B 302 5.27 62.96 20.93
N SER B 303 5.68 62.28 19.86
CA SER B 303 6.69 61.22 19.95
C SER B 303 7.22 60.84 18.58
N LEU B 304 8.46 60.35 18.55
CA LEU B 304 9.09 59.88 17.32
C LEU B 304 8.37 58.68 16.71
N GLY B 305 7.73 57.88 17.56
CA GLY B 305 7.02 56.69 17.11
C GLY B 305 5.68 56.98 16.47
N LEU B 306 5.30 58.26 16.41
CA LEU B 306 4.03 58.65 15.79
C LEU B 306 4.28 59.54 14.58
N MET B 307 4.75 58.92 13.50
CA MET B 307 5.03 59.63 12.26
C MET B 307 5.00 58.65 11.09
N THR B 308 4.26 59.02 10.03
CA THR B 308 4.27 58.25 8.80
C THR B 308 5.38 58.76 7.91
N SER B 309 5.87 57.90 7.03
CA SER B 309 6.91 58.26 6.07
C SER B 309 6.63 57.57 4.75
N ILE B 310 6.50 58.34 3.68
CA ILE B 310 6.17 57.77 2.38
C ILE B 310 6.90 58.44 1.22
N LEU B 311 7.58 57.61 0.43
CA LEU B 311 8.26 58.08 -0.76
C LEU B 311 7.29 58.07 -1.94
N VAL B 312 7.24 59.20 -2.66
CA VAL B 312 6.41 59.31 -3.85
C VAL B 312 7.26 59.77 -5.03
N THR B 313 6.97 59.22 -6.21
CA THR B 313 7.64 59.64 -7.43
C THR B 313 6.77 60.70 -8.12
N PRO B 314 7.41 61.63 -8.83
CA PRO B 314 6.71 62.75 -9.50
C PRO B 314 5.58 62.32 -10.44
N ASP B 315 5.72 61.15 -11.07
CA ASP B 315 4.72 60.66 -12.01
C ASP B 315 3.42 60.20 -11.35
N GLY B 316 3.46 60.02 -10.03
CA GLY B 316 2.29 59.63 -9.28
C GLY B 316 1.92 58.16 -9.34
N LYS B 317 2.88 57.31 -9.70
CA LYS B 317 2.61 55.88 -9.83
C LYS B 317 3.48 54.95 -8.98
N THR B 318 4.50 55.51 -8.34
CA THR B 318 5.37 54.72 -7.48
C THR B 318 5.39 55.23 -6.05
N PHE B 319 5.26 54.30 -5.11
CA PHE B 319 5.17 54.62 -3.69
C PHE B 319 5.98 53.66 -2.83
N GLU B 320 6.59 54.19 -1.77
CA GLU B 320 7.29 53.38 -0.79
C GLU B 320 6.91 53.87 0.61
N SER B 321 6.05 53.10 1.28
CA SER B 321 5.66 53.38 2.65
C SER B 321 6.60 52.66 3.59
N GLU B 322 7.19 53.40 4.52
CA GLU B 322 8.20 52.84 5.42
C GLU B 322 7.91 53.16 6.89
N ALA B 323 8.40 52.30 7.77
CA ALA B 323 8.33 52.55 9.21
C ALA B 323 9.45 53.52 9.56
N ALA B 324 9.06 54.72 9.99
CA ALA B 324 10.00 55.80 10.28
C ALA B 324 10.97 55.49 11.43
N HIS B 325 10.39 55.13 12.58
CA HIS B 325 11.16 54.86 13.80
C HIS B 325 12.16 53.72 13.63
N GLY B 326 13.34 53.89 14.20
CA GLY B 326 14.36 52.85 14.17
C GLY B 326 14.10 51.80 15.22
N THR B 327 14.67 50.61 15.03
CA THR B 327 14.53 49.54 16.00
C THR B 327 15.61 49.60 17.08
N VAL B 328 15.18 49.61 18.34
CA VAL B 328 16.10 49.66 19.47
C VAL B 328 16.55 48.23 19.81
N THR B 329 17.86 48.03 19.83
CA THR B 329 18.45 46.72 20.15
C THR B 329 18.13 46.28 21.58
N ARG B 330 18.00 47.25 22.48
CA ARG B 330 17.67 47.00 23.88
C ARG B 330 16.47 46.06 24.03
N HIS B 331 15.38 46.41 23.34
CA HIS B 331 14.14 45.62 23.38
C HIS B 331 14.32 44.23 22.77
N TYR B 332 15.15 44.14 21.73
CA TYR B 332 15.38 42.87 21.04
C TYR B 332 16.09 41.84 21.92
N ARG B 333 17.16 42.26 22.59
CA ARG B 333 17.91 41.37 23.48
C ARG B 333 17.01 40.81 24.57
N LYS B 334 16.21 41.68 25.19
CA LYS B 334 15.21 41.29 26.18
C LYS B 334 14.30 40.19 25.62
N TYR B 335 13.88 40.37 24.38
CA TYR B 335 13.02 39.41 23.68
C TYR B 335 13.72 38.07 23.46
N GLN B 336 15.01 38.13 23.15
CA GLN B 336 15.82 36.92 22.92
C GLN B 336 16.05 36.16 24.22
N LYS B 337 16.13 36.89 25.33
CA LYS B 337 16.28 36.31 26.67
C LYS B 337 14.95 35.76 27.19
N GLY B 338 13.88 36.02 26.45
CA GLY B 338 12.56 35.57 26.85
C GLY B 338 11.87 36.52 27.83
N GLU B 339 12.46 37.69 28.02
CA GLU B 339 11.88 38.73 28.88
C GLU B 339 10.78 39.48 28.13
N GLU B 340 9.96 40.23 28.87
CA GLU B 340 8.88 40.98 28.26
C GLU B 340 9.32 42.31 27.63
N THR B 341 8.59 42.72 26.60
CA THR B 341 8.88 43.97 25.89
C THR B 341 7.63 44.83 25.77
N SER B 342 7.84 46.12 25.57
CA SER B 342 6.76 47.08 25.35
C SER B 342 7.13 48.05 24.23
N THR B 343 7.31 47.50 23.04
CA THR B 343 7.67 48.29 21.86
C THR B 343 6.43 48.67 21.07
N ASN B 344 6.31 49.95 20.76
CA ASN B 344 5.17 50.45 19.98
C ASN B 344 5.20 49.93 18.56
N SER B 345 4.02 49.62 18.02
CA SER B 345 3.90 49.08 16.67
C SER B 345 3.08 49.96 15.73
N ILE B 346 2.66 51.12 16.22
CA ILE B 346 1.82 52.03 15.43
C ILE B 346 2.49 52.48 14.13
N ALA B 347 3.78 52.85 14.21
CA ALA B 347 4.52 53.29 13.03
C ALA B 347 4.61 52.19 11.98
N SER B 348 4.81 50.95 12.45
CA SER B 348 4.85 49.80 11.56
C SER B 348 3.47 49.51 10.98
N ILE B 349 2.43 49.57 11.82
CA ILE B 349 1.06 49.34 11.35
C ILE B 349 0.69 50.36 10.28
N PHE B 350 0.95 51.64 10.55
CA PHE B 350 0.65 52.71 9.61
C PHE B 350 1.46 52.60 8.32
N ALA B 351 2.67 52.05 8.40
CA ALA B 351 3.47 51.77 7.21
C ALA B 351 2.67 50.89 6.25
N TRP B 352 2.01 49.87 6.79
CA TRP B 352 1.17 48.97 6.02
C TRP B 352 -0.07 49.65 5.47
N SER B 353 -0.80 50.35 6.33
CA SER B 353 -2.08 50.97 5.95
C SER B 353 -1.95 52.02 4.85
N ARG B 354 -0.96 52.89 4.96
CA ARG B 354 -0.72 53.93 3.95
C ARG B 354 -0.30 53.30 2.63
N GLY B 355 0.49 52.23 2.71
CA GLY B 355 0.90 51.47 1.54
C GLY B 355 -0.28 50.79 0.87
N LEU B 356 -1.18 50.26 1.68
CA LEU B 356 -2.38 49.58 1.16
C LEU B 356 -3.38 50.58 0.58
N LEU B 357 -3.35 51.81 1.09
CA LEU B 357 -4.19 52.88 0.57
C LEU B 357 -3.75 53.28 -0.83
N LYS B 358 -2.45 53.55 -1.00
CA LYS B 358 -1.90 53.92 -2.30
C LYS B 358 -2.11 52.81 -3.31
N ARG B 359 -2.14 51.57 -2.84
CA ARG B 359 -2.40 50.40 -3.67
C ARG B 359 -3.85 50.41 -4.15
N GLY B 360 -4.77 50.62 -3.23
CA GLY B 360 -6.19 50.65 -3.53
C GLY B 360 -6.64 51.77 -4.45
N GLU B 361 -5.96 52.92 -4.38
CA GLU B 361 -6.27 54.07 -5.21
C GLU B 361 -5.80 53.90 -6.66
N LEU B 362 -4.70 53.16 -6.83
CA LEU B 362 -4.18 52.87 -8.16
C LEU B 362 -4.99 51.76 -8.85
N ASP B 363 -5.42 50.80 -8.06
CA ASP B 363 -6.19 49.65 -8.56
C ASP B 363 -7.69 49.96 -8.64
N ASN B 364 -8.10 51.05 -7.99
CA ASN B 364 -9.50 51.41 -7.86
C ASN B 364 -10.25 50.34 -7.05
N THR B 365 -9.76 50.07 -5.84
CA THR B 365 -10.37 49.10 -4.94
C THR B 365 -10.79 49.76 -3.63
N PRO B 366 -12.01 50.31 -3.61
CA PRO B 366 -12.54 50.98 -2.41
C PRO B 366 -12.52 50.10 -1.16
N ALA B 367 -12.83 48.82 -1.31
CA ALA B 367 -12.82 47.88 -0.19
C ALA B 367 -11.47 47.91 0.54
N LEU B 368 -10.39 47.87 -0.22
CA LEU B 368 -9.03 47.96 0.33
C LEU B 368 -8.80 49.31 1.01
N CYS B 369 -9.16 50.40 0.33
CA CYS B 369 -9.03 51.73 0.89
C CYS B 369 -9.78 51.82 2.22
N LYS B 370 -11.04 51.38 2.21
CA LYS B 370 -11.90 51.39 3.38
C LYS B 370 -11.35 50.53 4.52
N PHE B 371 -10.73 49.40 4.16
CA PHE B 371 -10.12 48.51 5.16
C PHE B 371 -8.96 49.21 5.86
N ALA B 372 -8.05 49.80 5.08
CA ALA B 372 -6.88 50.48 5.61
C ALA B 372 -7.25 51.64 6.54
N ASN B 373 -8.39 52.27 6.27
CA ASN B 373 -8.84 53.39 7.09
C ASN B 373 -9.35 52.98 8.46
N ILE B 374 -10.13 51.90 8.53
CA ILE B 374 -10.58 51.39 9.83
C ILE B 374 -9.46 50.66 10.58
N LEU B 375 -8.44 50.21 9.85
CA LEU B 375 -7.23 49.65 10.47
C LEU B 375 -6.56 50.75 11.30
N GLU B 376 -6.35 51.90 10.67
CA GLU B 376 -5.79 53.07 11.33
C GLU B 376 -6.70 53.50 12.47
N SER B 377 -7.99 53.61 12.16
CA SER B 377 -9.01 53.98 13.14
C SER B 377 -9.00 53.07 14.36
N ALA B 378 -8.86 51.77 14.13
CA ALA B 378 -8.86 50.78 15.22
C ALA B 378 -7.59 50.81 16.06
N THR B 379 -6.48 51.20 15.44
CA THR B 379 -5.19 51.28 16.11
C THR B 379 -5.15 52.49 17.04
N LEU B 380 -5.58 53.64 16.50
CA LEU B 380 -5.61 54.89 17.26
C LEU B 380 -6.61 54.83 18.41
N ASN B 381 -7.76 54.21 18.15
CA ASN B 381 -8.81 54.08 19.16
C ASN B 381 -8.43 53.19 20.34
N THR B 382 -7.56 52.20 20.08
CA THR B 382 -7.04 51.35 21.14
C THR B 382 -6.34 52.21 22.19
N VAL B 383 -5.52 53.15 21.72
CA VAL B 383 -4.82 54.09 22.59
C VAL B 383 -5.77 55.17 23.13
N GLN B 384 -6.44 55.90 22.23
CA GLN B 384 -7.28 57.02 22.60
C GLN B 384 -8.50 56.63 23.44
N GLN B 385 -9.31 55.70 22.92
CA GLN B 385 -10.57 55.35 23.56
C GLN B 385 -10.43 54.29 24.66
N ASP B 386 -9.62 53.27 24.44
CA ASP B 386 -9.50 52.16 25.38
C ASP B 386 -8.31 52.26 26.33
N GLY B 387 -7.45 53.25 26.11
CA GLY B 387 -6.30 53.48 26.98
C GLY B 387 -5.24 52.40 26.99
N ILE B 388 -5.26 51.51 25.99
CA ILE B 388 -4.27 50.45 25.88
C ILE B 388 -3.10 50.92 25.00
N MET B 389 -1.92 51.01 25.60
CA MET B 389 -0.74 51.52 24.90
C MET B 389 0.57 50.91 25.43
N THR B 390 1.64 51.12 24.67
CA THR B 390 2.98 50.66 25.04
C THR B 390 3.68 51.66 25.96
N LYS B 391 4.76 51.21 26.62
CA LYS B 391 5.47 52.00 27.62
C LYS B 391 5.77 53.46 27.23
N ASP B 392 6.29 53.65 26.02
CA ASP B 392 6.69 54.98 25.55
C ASP B 392 5.56 56.01 25.59
N LEU B 393 4.37 55.63 25.13
CA LEU B 393 3.22 56.52 25.15
C LEU B 393 2.75 56.78 26.59
N ALA B 394 2.68 55.72 27.38
CA ALA B 394 2.29 55.82 28.79
C ALA B 394 3.16 56.84 29.53
N LEU B 395 4.47 56.79 29.29
CA LEU B 395 5.41 57.71 29.91
C LEU B 395 5.24 59.13 29.37
N ALA B 396 4.99 59.24 28.07
CA ALA B 396 4.75 60.54 27.45
C ALA B 396 3.53 61.22 28.07
N CYS B 397 2.58 60.41 28.52
CA CYS B 397 1.38 60.90 29.21
C CYS B 397 1.61 61.08 30.71
N GLY B 398 2.84 60.86 31.16
CA GLY B 398 3.18 60.98 32.56
C GLY B 398 2.53 59.92 33.44
N ASN B 399 2.32 58.72 32.87
CA ASN B 399 1.74 57.59 33.59
C ASN B 399 2.83 56.63 34.03
N ASN B 400 3.47 56.95 35.15
CA ASN B 400 4.65 56.23 35.64
C ASN B 400 4.40 54.84 36.21
N GLU B 401 3.13 54.53 36.48
CA GLU B 401 2.74 53.21 36.97
C GLU B 401 3.07 52.13 35.94
N ARG B 402 3.51 50.97 36.40
CA ARG B 402 3.77 49.85 35.50
C ARG B 402 2.47 49.42 34.81
N SER B 403 1.40 49.35 35.59
CA SER B 403 0.08 48.94 35.10
C SER B 403 -0.54 49.94 34.12
N ALA B 404 0.21 50.98 33.75
CA ALA B 404 -0.25 51.99 32.80
C ALA B 404 -0.16 51.53 31.35
N TYR B 405 0.80 50.65 31.08
CA TYR B 405 1.03 50.15 29.72
C TYR B 405 0.89 48.64 29.63
N VAL B 406 0.86 48.14 28.41
CA VAL B 406 0.81 46.70 28.15
C VAL B 406 2.06 46.26 27.39
N THR B 407 2.21 44.95 27.17
CA THR B 407 3.36 44.42 26.45
C THR B 407 3.26 44.68 24.95
N THR B 408 4.34 44.35 24.23
CA THR B 408 4.36 44.43 22.77
C THR B 408 3.23 43.58 22.19
N GLU B 409 3.16 42.33 22.66
CA GLU B 409 2.17 41.36 22.21
C GLU B 409 0.76 41.77 22.59
N GLU B 410 0.59 42.22 23.83
CA GLU B 410 -0.71 42.61 24.35
C GLU B 410 -1.34 43.76 23.55
N PHE B 411 -0.52 44.73 23.15
CA PHE B 411 -1.01 45.85 22.36
C PHE B 411 -1.55 45.37 21.02
N LEU B 412 -0.76 44.57 20.31
CA LEU B 412 -1.14 44.07 19.01
C LEU B 412 -2.42 43.23 19.05
N ASP B 413 -2.54 42.39 20.08
CA ASP B 413 -3.74 41.58 20.27
C ASP B 413 -4.98 42.46 20.43
N ALA B 414 -4.84 43.53 21.20
CA ALA B 414 -5.93 44.49 21.44
C ALA B 414 -6.37 45.18 20.15
N VAL B 415 -5.40 45.51 19.30
CA VAL B 415 -5.68 46.14 17.99
C VAL B 415 -6.39 45.14 17.07
N GLU B 416 -6.01 43.87 17.17
CA GLU B 416 -6.64 42.79 16.41
C GLU B 416 -8.14 42.71 16.73
N LYS B 417 -8.47 42.76 18.02
CA LYS B 417 -9.86 42.70 18.47
C LYS B 417 -10.64 43.97 18.12
N ARG B 418 -9.96 45.12 18.15
CA ARG B 418 -10.55 46.39 17.73
C ARG B 418 -10.83 46.38 16.24
N LEU B 419 -9.94 45.75 15.47
CA LEU B 419 -10.13 45.58 14.04
C LEU B 419 -11.37 44.75 13.78
N GLN B 420 -11.50 43.64 14.51
CA GLN B 420 -12.65 42.74 14.38
C GLN B 420 -13.95 43.45 14.74
N LYS B 421 -13.92 44.23 15.80
CA LYS B 421 -15.08 44.99 16.27
C LYS B 421 -15.53 46.04 15.25
N GLU B 422 -14.58 46.86 14.79
CA GLU B 422 -14.89 47.97 13.88
C GLU B 422 -15.20 47.53 12.45
N ILE B 423 -14.91 46.27 12.13
CA ILE B 423 -15.26 45.69 10.83
C ILE B 423 -16.75 45.36 10.80
N LYS B 424 -17.26 44.83 11.91
CA LYS B 424 -18.64 44.35 12.00
C LYS B 424 -19.67 45.45 12.26
N SER B 425 -19.31 46.44 13.06
CA SER B 425 -20.21 47.54 13.40
C SER B 425 -20.53 48.41 12.18
N SER C 17 34.06 36.46 -8.10
CA SER C 17 32.82 37.09 -8.61
C SER C 17 31.65 36.10 -8.63
N LYS C 18 30.47 36.58 -8.25
CA LYS C 18 29.27 35.75 -8.16
C LYS C 18 28.75 35.35 -9.54
N ILE C 19 28.26 34.12 -9.64
CA ILE C 19 27.68 33.62 -10.89
C ILE C 19 26.27 34.16 -11.07
N LYS C 20 26.04 34.90 -12.16
CA LYS C 20 24.75 35.50 -12.43
C LYS C 20 23.75 34.47 -12.94
N VAL C 21 22.74 34.18 -12.12
CA VAL C 21 21.64 33.31 -12.52
C VAL C 21 20.65 34.16 -13.30
N LYS C 22 20.45 33.79 -14.57
CA LYS C 22 19.64 34.56 -15.51
C LYS C 22 18.19 34.70 -15.09
N GLN C 23 17.51 33.56 -14.96
CA GLN C 23 16.10 33.53 -14.62
C GLN C 23 15.90 33.36 -13.11
N PRO C 24 14.88 34.03 -12.56
CA PRO C 24 14.56 33.94 -11.12
C PRO C 24 14.24 32.52 -10.67
N VAL C 25 14.68 32.18 -9.46
CA VAL C 25 14.41 30.87 -8.86
C VAL C 25 13.34 31.03 -7.78
N VAL C 26 12.31 30.18 -7.85
CA VAL C 26 11.23 30.20 -6.87
C VAL C 26 11.62 29.40 -5.62
N GLU C 27 11.49 30.02 -4.46
CA GLU C 27 11.86 29.39 -3.19
C GLU C 27 10.66 29.19 -2.28
N LEU C 28 10.45 27.95 -1.85
CA LEU C 28 9.38 27.64 -0.91
C LEU C 28 9.99 27.28 0.44
N ASP C 29 9.80 28.15 1.43
CA ASP C 29 10.30 27.90 2.78
C ASP C 29 9.36 26.93 3.52
N GLY C 30 9.88 26.32 4.58
CA GLY C 30 9.14 25.30 5.31
C GLY C 30 9.04 25.56 6.81
N ASP C 31 9.11 24.47 7.58
CA ASP C 31 8.81 24.53 9.02
C ASP C 31 9.93 24.07 9.95
N GLU C 32 9.79 24.46 11.21
CA GLU C 32 10.63 24.02 12.33
C GLU C 32 12.13 23.89 12.01
N MET C 33 12.74 22.78 12.44
CA MET C 33 14.19 22.59 12.30
C MET C 33 14.70 22.64 10.87
N THR C 34 13.89 22.15 9.92
CA THR C 34 14.27 22.21 8.51
C THR C 34 14.41 23.65 8.04
N ARG C 35 13.53 24.52 8.53
CA ARG C 35 13.57 25.95 8.21
C ARG C 35 14.87 26.60 8.69
N ILE C 36 15.29 26.25 9.91
CA ILE C 36 16.54 26.76 10.47
C ILE C 36 17.71 26.35 9.60
N ILE C 37 17.74 25.07 9.23
CA ILE C 37 18.78 24.53 8.36
C ILE C 37 18.74 25.23 6.99
N TRP C 38 17.54 25.37 6.43
CA TRP C 38 17.30 25.99 5.13
C TRP C 38 17.88 27.40 4.99
N ASP C 39 17.65 28.24 6.01
CA ASP C 39 18.15 29.61 6.00
C ASP C 39 19.67 29.67 6.10
N LYS C 40 20.24 28.65 6.74
CA LYS C 40 21.69 28.58 6.92
C LYS C 40 22.40 28.09 5.66
N ILE C 41 21.72 27.25 4.87
CA ILE C 41 22.25 26.81 3.58
C ILE C 41 22.20 27.97 2.58
N LYS C 42 21.08 28.68 2.60
CA LYS C 42 20.82 29.80 1.68
C LYS C 42 21.83 30.93 1.86
N LYS C 43 22.03 31.36 3.09
CA LYS C 43 22.88 32.50 3.40
C LYS C 43 24.36 32.17 3.48
N LYS C 44 24.68 30.89 3.63
CA LYS C 44 26.08 30.48 3.77
C LYS C 44 26.65 29.84 2.50
N LEU C 45 25.84 29.05 1.81
CA LEU C 45 26.32 28.29 0.66
C LEU C 45 25.82 28.80 -0.68
N ILE C 46 24.66 29.44 -0.72
CA ILE C 46 24.06 29.84 -1.98
C ILE C 46 24.22 31.33 -2.30
N LEU C 47 23.77 32.19 -1.39
CA LEU C 47 23.78 33.64 -1.64
C LEU C 47 25.17 34.29 -1.78
N PRO C 48 26.13 33.94 -0.92
CA PRO C 48 27.47 34.52 -1.03
C PRO C 48 28.21 34.14 -2.31
N TYR C 49 27.67 33.16 -3.05
CA TYR C 49 28.33 32.66 -4.26
C TYR C 49 27.55 32.94 -5.54
N LEU C 50 26.27 33.25 -5.42
CA LEU C 50 25.42 33.47 -6.59
C LEU C 50 24.61 34.76 -6.51
N ASP C 51 24.31 35.32 -7.67
CA ASP C 51 23.44 36.48 -7.79
C ASP C 51 22.06 35.97 -8.23
N VAL C 52 21.34 35.38 -7.30
CA VAL C 52 20.04 34.77 -7.59
C VAL C 52 18.88 35.67 -7.19
N ASP C 53 17.91 35.76 -8.09
CA ASP C 53 16.65 36.43 -7.83
C ASP C 53 15.70 35.40 -7.22
N LEU C 54 15.58 35.40 -5.89
CA LEU C 54 14.73 34.44 -5.21
C LEU C 54 13.29 34.93 -5.07
N LYS C 55 12.36 34.17 -5.65
CA LYS C 55 10.94 34.44 -5.47
C LYS C 55 10.48 33.66 -4.23
N TYR C 56 10.52 34.34 -3.08
CA TYR C 56 10.31 33.73 -1.77
C TYR C 56 8.83 33.48 -1.45
N TYR C 57 8.48 32.22 -1.24
CA TYR C 57 7.13 31.84 -0.84
C TYR C 57 7.17 31.10 0.49
N ASP C 58 6.71 31.78 1.54
CA ASP C 58 6.71 31.21 2.88
C ASP C 58 5.59 30.19 3.04
N LEU C 59 5.97 28.91 3.07
CA LEU C 59 5.00 27.84 3.24
C LEU C 59 5.04 27.20 4.62
N SER C 60 5.45 27.97 5.62
CA SER C 60 5.34 27.53 7.00
C SER C 60 3.87 27.35 7.34
N VAL C 61 3.57 26.56 8.37
CA VAL C 61 2.18 26.35 8.77
C VAL C 61 1.54 27.67 9.18
N GLU C 62 2.29 28.50 9.89
CA GLU C 62 1.81 29.80 10.35
C GLU C 62 1.46 30.74 9.20
N SER C 63 2.22 30.65 8.11
CA SER C 63 1.97 31.45 6.92
C SER C 63 0.75 30.93 6.17
N ARG C 64 0.71 29.61 5.96
CA ARG C 64 -0.41 28.96 5.27
C ARG C 64 -1.73 29.20 5.99
N ASP C 65 -1.71 29.11 7.32
CA ASP C 65 -2.90 29.35 8.13
C ASP C 65 -3.36 30.80 8.04
N ALA C 66 -2.40 31.72 7.95
CA ALA C 66 -2.70 33.15 7.85
C ALA C 66 -3.30 33.49 6.50
N THR C 67 -2.78 32.87 5.44
CA THR C 67 -3.26 33.12 4.09
C THR C 67 -4.37 32.17 3.65
N SER C 68 -4.85 31.35 4.58
CA SER C 68 -5.83 30.30 4.28
C SER C 68 -5.34 29.37 3.17
N ASP C 69 -4.05 29.05 3.22
CA ASP C 69 -3.37 28.17 2.26
C ASP C 69 -3.27 28.72 0.83
N LYS C 70 -3.60 30.00 0.66
CA LYS C 70 -3.48 30.64 -0.65
C LYS C 70 -2.01 30.71 -1.09
N ILE C 71 -1.12 30.89 -0.12
CA ILE C 71 0.32 30.97 -0.40
C ILE C 71 0.87 29.71 -1.05
N THR C 72 0.33 28.55 -0.68
CA THR C 72 0.71 27.27 -1.28
C THR C 72 0.39 27.26 -2.77
N GLN C 73 -0.85 27.64 -3.09
CA GLN C 73 -1.33 27.74 -4.46
C GLN C 73 -0.55 28.80 -5.25
N ASP C 74 -0.23 29.90 -4.59
CA ASP C 74 0.55 30.98 -5.21
C ASP C 74 1.95 30.50 -5.60
N ALA C 75 2.60 29.80 -4.67
CA ALA C 75 3.93 29.25 -4.89
C ALA C 75 3.96 28.28 -6.06
N ALA C 76 2.92 27.44 -6.14
CA ALA C 76 2.78 26.44 -7.19
C ALA C 76 2.69 27.08 -8.57
N GLU C 77 1.93 28.17 -8.67
CA GLU C 77 1.78 28.90 -9.92
C GLU C 77 3.05 29.65 -10.29
N ALA C 78 3.78 30.12 -9.27
CA ALA C 78 5.05 30.80 -9.49
C ALA C 78 6.11 29.86 -10.06
N ILE C 79 6.12 28.62 -9.58
CA ILE C 79 7.02 27.59 -10.11
C ILE C 79 6.72 27.38 -11.59
N LYS C 80 5.42 27.27 -11.91
CA LYS C 80 4.95 27.13 -13.29
C LYS C 80 5.38 28.30 -14.18
N LYS C 81 5.43 29.50 -13.58
CA LYS C 81 5.80 30.72 -14.29
C LYS C 81 7.29 30.76 -14.64
N TYR C 82 8.15 30.59 -13.64
CA TYR C 82 9.60 30.76 -13.82
C TYR C 82 10.36 29.48 -14.16
N GLY C 83 9.73 28.32 -13.95
CA GLY C 83 10.32 27.06 -14.33
C GLY C 83 10.82 26.20 -13.19
N VAL C 84 11.69 26.76 -12.34
CA VAL C 84 12.30 26.00 -11.26
C VAL C 84 11.88 26.48 -9.87
N GLY C 85 11.50 25.52 -9.03
CA GLY C 85 11.17 25.79 -7.64
C GLY C 85 12.01 24.92 -6.71
N ILE C 86 12.36 25.47 -5.56
CA ILE C 86 13.13 24.72 -4.55
C ILE C 86 12.38 24.77 -3.22
N LYS C 87 11.77 23.64 -2.85
CA LYS C 87 10.89 23.57 -1.69
C LYS C 87 11.54 22.97 -0.45
N CYS C 88 11.34 23.63 0.68
CA CYS C 88 11.75 23.13 1.98
C CYS C 88 10.70 22.15 2.48
N ALA C 89 11.09 21.30 3.43
CA ALA C 89 10.15 20.35 4.03
C ALA C 89 9.09 21.10 4.82
N THR C 90 7.84 20.68 4.68
CA THR C 90 6.73 21.32 5.39
C THR C 90 5.96 20.35 6.28
N ILE C 91 5.13 20.93 7.14
CA ILE C 91 4.24 20.17 8.00
C ILE C 91 2.86 20.06 7.35
N THR C 92 2.38 18.83 7.24
CA THR C 92 0.99 18.57 6.92
C THR C 92 0.29 18.46 8.27
N PRO C 93 -0.51 19.46 8.62
CA PRO C 93 -1.14 19.53 9.94
C PRO C 93 -2.15 18.40 10.22
N ASP C 94 -2.03 17.81 11.39
CA ASP C 94 -3.00 16.85 11.90
C ASP C 94 -3.74 17.51 13.06
N GLU C 95 -4.64 16.76 13.69
CA GLU C 95 -5.43 17.27 14.83
C GLU C 95 -4.55 17.85 15.94
N ALA C 96 -3.45 17.16 16.24
CA ALA C 96 -2.51 17.59 17.27
C ALA C 96 -1.83 18.92 16.91
N ARG C 97 -1.41 19.06 15.66
CA ARG C 97 -0.72 20.26 15.18
C ARG C 97 -1.70 21.43 15.01
N VAL C 98 -2.96 21.11 14.74
CA VAL C 98 -4.03 22.12 14.69
C VAL C 98 -4.23 22.71 16.08
N LYS C 99 -3.98 21.89 17.10
CA LYS C 99 -4.09 22.31 18.49
C LYS C 99 -2.90 23.17 18.94
N GLU C 100 -1.71 22.85 18.45
CA GLU C 100 -0.48 23.55 18.85
C GLU C 100 -0.20 24.82 18.05
N PHE C 101 -1.02 25.08 17.03
CA PHE C 101 -0.85 26.27 16.20
C PHE C 101 -2.13 27.08 16.06
N ASN C 102 -3.19 26.65 16.74
CA ASN C 102 -4.50 27.31 16.68
C ASN C 102 -5.00 27.47 15.25
N LEU C 103 -4.79 26.43 14.44
CA LEU C 103 -5.15 26.46 13.03
C LEU C 103 -6.65 26.59 12.82
N HIS C 104 -7.02 27.44 11.88
CA HIS C 104 -8.42 27.64 11.51
C HIS C 104 -8.98 26.38 10.85
N LYS C 105 -8.12 25.68 10.11
CA LYS C 105 -8.50 24.47 9.40
C LYS C 105 -7.34 23.47 9.39
N MET C 106 -7.65 22.20 9.17
CA MET C 106 -6.64 21.19 8.94
C MET C 106 -6.26 21.23 7.46
N TRP C 107 -5.32 22.11 7.14
CA TRP C 107 -4.95 22.40 5.75
C TRP C 107 -4.33 21.21 5.03
N LYS C 108 -4.89 20.87 3.88
CA LYS C 108 -4.42 19.75 3.06
C LYS C 108 -2.91 19.84 2.82
N SER C 109 -2.26 18.69 2.70
CA SER C 109 -0.84 18.62 2.40
C SER C 109 -0.47 19.63 1.32
N PRO C 110 0.45 20.54 1.62
CA PRO C 110 0.92 21.50 0.61
C PRO C 110 1.58 20.78 -0.57
N ASN C 111 2.29 19.69 -0.29
CA ASN C 111 2.93 18.87 -1.32
C ASN C 111 1.94 18.34 -2.35
N GLY C 112 0.76 17.96 -1.89
CA GLY C 112 -0.31 17.50 -2.77
C GLY C 112 -0.88 18.61 -3.61
N THR C 113 -1.04 19.79 -3.00
CA THR C 113 -1.56 20.96 -3.70
C THR C 113 -0.63 21.40 -4.83
N ILE C 114 0.68 21.41 -4.55
CA ILE C 114 1.68 21.80 -5.53
C ILE C 114 1.75 20.77 -6.67
N ARG C 115 1.88 19.50 -6.31
CA ARG C 115 1.95 18.39 -7.27
C ARG C 115 0.73 18.33 -8.18
N ASN C 116 -0.45 18.64 -7.63
CA ASN C 116 -1.68 18.63 -8.41
C ASN C 116 -1.72 19.74 -9.46
N ILE C 117 -1.25 20.93 -9.08
CA ILE C 117 -1.22 22.07 -9.99
C ILE C 117 -0.19 21.87 -11.10
N LEU C 118 1.00 21.42 -10.73
CA LEU C 118 2.09 21.22 -11.68
C LEU C 118 1.93 19.95 -12.51
N GLY C 119 1.54 18.85 -11.86
CA GLY C 119 1.47 17.55 -12.49
C GLY C 119 2.85 16.96 -12.70
N GLY C 120 2.92 15.88 -13.47
CA GLY C 120 4.21 15.29 -13.83
C GLY C 120 4.60 14.08 -13.03
N THR C 121 5.91 13.90 -12.86
CA THR C 121 6.48 12.74 -12.19
C THR C 121 7.54 13.17 -11.17
N VAL C 122 7.55 12.53 -10.01
CA VAL C 122 8.54 12.78 -8.98
C VAL C 122 9.60 11.68 -9.01
N PHE C 123 10.85 12.08 -9.27
CA PHE C 123 11.97 11.15 -9.29
C PHE C 123 12.73 11.19 -7.98
N ARG C 124 12.68 10.07 -7.24
CA ARG C 124 13.33 9.96 -5.95
C ARG C 124 14.47 8.98 -6.04
N GLU C 125 15.65 9.41 -5.60
CA GLU C 125 16.87 8.62 -5.70
C GLU C 125 17.71 8.83 -4.44
N PRO C 126 18.29 7.74 -3.91
CA PRO C 126 19.14 7.82 -2.72
C PRO C 126 20.41 8.65 -2.90
N ILE C 127 20.85 9.30 -1.84
CA ILE C 127 22.15 9.98 -1.83
C ILE C 127 23.13 8.98 -1.23
N VAL C 128 23.95 8.41 -2.10
CA VAL C 128 24.85 7.31 -1.73
C VAL C 128 26.11 7.81 -1.03
N ILE C 129 26.31 7.31 0.19
CA ILE C 129 27.56 7.49 0.91
C ILE C 129 28.04 6.09 1.31
N PRO C 130 28.95 5.51 0.53
CA PRO C 130 29.44 4.15 0.74
C PRO C 130 29.94 3.88 2.17
N ARG C 131 30.33 4.96 2.86
CA ARG C 131 30.69 4.92 4.28
C ARG C 131 29.55 4.31 5.11
N ILE C 132 28.33 4.71 4.79
CA ILE C 132 27.12 4.24 5.48
C ILE C 132 26.78 2.79 5.10
N PRO C 133 26.55 1.96 6.10
CA PRO C 133 26.10 0.57 5.88
C PRO C 133 24.68 0.52 5.31
N ARG C 134 24.42 -0.48 4.48
CA ARG C 134 23.12 -0.64 3.86
C ARG C 134 22.28 -1.69 4.57
N LEU C 135 21.00 -1.38 4.75
CA LEU C 135 20.07 -2.30 5.40
C LEU C 135 19.66 -3.43 4.47
N VAL C 136 19.81 -3.18 3.17
CA VAL C 136 19.69 -4.20 2.12
C VAL C 136 21.04 -4.27 1.40
N PRO C 137 21.96 -5.05 1.94
CA PRO C 137 23.38 -5.11 1.51
C PRO C 137 23.62 -5.28 0.01
N ARG C 138 22.83 -6.11 -0.65
CA ARG C 138 23.03 -6.43 -2.07
C ARG C 138 22.91 -5.22 -3.01
N TRP C 139 22.19 -4.20 -2.56
CA TRP C 139 21.95 -2.99 -3.35
C TRP C 139 23.24 -2.21 -3.61
N GLU C 140 23.92 -2.52 -4.71
CA GLU C 140 25.16 -1.83 -5.06
C GLU C 140 24.85 -0.60 -5.92
N LYS C 141 24.04 -0.80 -6.95
CA LYS C 141 23.65 0.26 -7.86
C LYS C 141 22.35 0.91 -7.39
N PRO C 142 22.22 2.23 -7.56
CA PRO C 142 21.03 2.96 -7.11
C PRO C 142 19.72 2.53 -7.79
N ILE C 143 18.67 2.41 -6.98
CA ILE C 143 17.32 2.21 -7.50
C ILE C 143 16.68 3.60 -7.62
N ILE C 144 15.98 3.84 -8.72
CA ILE C 144 15.31 5.11 -8.94
C ILE C 144 13.79 4.91 -9.03
N ILE C 145 13.05 5.63 -8.19
CA ILE C 145 11.60 5.57 -8.20
C ILE C 145 11.02 6.74 -8.98
N GLY C 146 10.17 6.43 -9.94
CA GLY C 146 9.43 7.42 -10.70
C GLY C 146 7.99 7.46 -10.23
N ARG C 147 7.73 8.28 -9.23
CA ARG C 147 6.40 8.38 -8.65
C ARG C 147 5.54 9.37 -9.43
N HIS C 148 4.45 8.87 -10.01
CA HIS C 148 3.46 9.72 -10.66
C HIS C 148 2.92 10.71 -9.63
N ALA C 149 2.87 11.98 -10.01
CA ALA C 149 2.56 13.05 -9.06
C ALA C 149 1.11 13.53 -9.09
N HIS C 150 0.25 12.83 -9.83
CA HIS C 150 -1.13 13.28 -9.99
C HIS C 150 -2.19 12.20 -9.81
N GLY C 151 -3.35 12.62 -9.29
CA GLY C 151 -4.52 11.77 -9.19
C GLY C 151 -4.50 10.78 -8.04
N ASP C 152 -5.32 9.74 -8.17
CA ASP C 152 -5.45 8.68 -7.17
C ASP C 152 -5.84 9.21 -5.78
N GLN C 153 -5.33 8.56 -4.72
CA GLN C 153 -5.72 8.90 -3.35
C GLN C 153 -5.33 10.30 -2.87
N TYR C 154 -4.41 10.95 -3.58
CA TYR C 154 -3.96 12.29 -3.20
C TYR C 154 -4.85 13.42 -3.72
N LYS C 155 -5.98 13.06 -4.30
CA LYS C 155 -6.97 14.01 -4.80
C LYS C 155 -8.37 13.38 -4.77
N ALA C 156 -8.58 12.53 -3.76
CA ALA C 156 -9.80 11.71 -3.66
C ALA C 156 -10.93 12.37 -2.89
N THR C 157 -12.12 11.78 -3.02
CA THR C 157 -13.29 12.18 -2.25
C THR C 157 -13.64 11.02 -1.32
N ASP C 158 -13.49 11.26 -0.01
CA ASP C 158 -13.78 10.23 0.98
C ASP C 158 -14.81 10.72 2.00
N THR C 159 -15.74 9.84 2.35
CA THR C 159 -16.83 10.19 3.27
C THR C 159 -17.24 9.04 4.19
N LEU C 160 -17.95 9.40 5.26
CA LEU C 160 -18.47 8.42 6.19
C LEU C 160 -19.90 8.04 5.79
N ILE C 161 -20.20 6.76 5.86
CA ILE C 161 -21.54 6.27 5.57
C ILE C 161 -22.20 5.91 6.91
N PRO C 162 -23.20 6.69 7.31
CA PRO C 162 -23.82 6.57 8.64
C PRO C 162 -24.66 5.33 8.86
N GLY C 163 -25.28 4.80 7.80
CA GLY C 163 -26.16 3.65 7.91
C GLY C 163 -26.47 2.99 6.59
N PRO C 164 -27.43 2.04 6.60
CA PRO C 164 -27.79 1.29 5.39
C PRO C 164 -28.31 2.19 4.28
N GLY C 165 -27.86 1.93 3.05
CA GLY C 165 -28.26 2.70 1.90
C GLY C 165 -27.47 2.29 0.66
N SER C 166 -27.77 2.91 -0.48
CA SER C 166 -27.09 2.60 -1.72
C SER C 166 -25.98 3.60 -2.04
N LEU C 167 -24.87 3.09 -2.56
CA LEU C 167 -23.75 3.92 -2.99
C LEU C 167 -23.46 3.69 -4.48
N GLU C 168 -23.37 4.79 -5.23
CA GLU C 168 -23.20 4.70 -6.68
C GLU C 168 -22.16 5.68 -7.22
N LEU C 169 -21.57 5.30 -8.35
CA LEU C 169 -20.71 6.17 -9.13
C LEU C 169 -21.52 6.67 -10.31
N VAL C 170 -21.61 7.99 -10.45
CA VAL C 170 -22.42 8.59 -11.52
C VAL C 170 -21.56 9.44 -12.45
N TYR C 171 -21.54 9.06 -13.73
CA TYR C 171 -20.85 9.82 -14.76
C TYR C 171 -21.83 10.41 -15.76
N LYS C 172 -21.74 11.73 -15.96
CA LYS C 172 -22.58 12.43 -16.93
C LYS C 172 -21.70 13.23 -17.89
N PRO C 173 -21.71 12.86 -19.17
CA PRO C 173 -20.89 13.53 -20.18
C PRO C 173 -21.39 14.92 -20.53
N SER C 174 -20.47 15.83 -20.83
CA SER C 174 -20.82 17.20 -21.23
C SER C 174 -21.44 17.19 -22.62
N ASP C 175 -21.04 16.24 -23.45
CA ASP C 175 -21.64 16.01 -24.75
C ASP C 175 -22.30 14.63 -24.77
N PRO C 176 -23.60 14.58 -24.47
CA PRO C 176 -24.35 13.32 -24.44
C PRO C 176 -24.50 12.64 -25.81
N THR C 177 -23.73 13.09 -26.80
CA THR C 177 -23.77 12.51 -28.13
C THR C 177 -22.59 11.57 -28.40
N THR C 178 -21.41 11.94 -27.92
CA THR C 178 -20.20 11.14 -28.13
C THR C 178 -20.00 10.05 -27.07
N ALA C 179 -20.76 10.13 -25.99
CA ALA C 179 -20.63 9.18 -24.88
C ALA C 179 -21.95 8.91 -24.18
N GLN C 180 -22.02 7.75 -23.53
CA GLN C 180 -23.19 7.35 -22.76
C GLN C 180 -22.93 7.60 -21.28
N PRO C 181 -23.92 8.16 -20.57
CA PRO C 181 -23.79 8.33 -19.12
C PRO C 181 -23.79 6.98 -18.44
N GLN C 182 -23.16 6.88 -17.27
CA GLN C 182 -23.13 5.61 -16.56
C GLN C 182 -23.31 5.74 -15.05
N THR C 183 -24.26 4.97 -14.55
CA THR C 183 -24.49 4.85 -13.11
C THR C 183 -24.01 3.46 -12.71
N LEU C 184 -23.00 3.42 -11.84
CA LEU C 184 -22.43 2.15 -11.41
C LEU C 184 -22.75 1.91 -9.95
N LYS C 185 -23.29 0.73 -9.68
CA LYS C 185 -23.63 0.32 -8.32
C LYS C 185 -22.35 -0.04 -7.58
N VAL C 186 -21.97 0.79 -6.60
CA VAL C 186 -20.73 0.56 -5.86
C VAL C 186 -20.94 -0.43 -4.70
N TYR C 187 -21.81 -0.07 -3.76
CA TYR C 187 -22.07 -0.93 -2.61
C TYR C 187 -23.43 -0.66 -1.96
N ASP C 188 -24.04 -1.73 -1.46
CA ASP C 188 -25.25 -1.64 -0.67
C ASP C 188 -24.91 -1.88 0.79
N TYR C 189 -24.80 -0.79 1.54
CA TYR C 189 -24.46 -0.84 2.96
C TYR C 189 -25.59 -1.46 3.77
N LYS C 190 -25.22 -2.28 4.75
CA LYS C 190 -26.17 -2.88 5.68
C LYS C 190 -25.86 -2.33 7.08
N GLY C 191 -24.73 -1.66 7.19
CA GLY C 191 -24.32 -0.99 8.41
C GLY C 191 -23.49 0.23 8.08
N SER C 192 -23.09 0.96 9.12
CA SER C 192 -22.25 2.15 8.91
C SER C 192 -20.88 1.74 8.38
N GLY C 193 -20.27 2.65 7.61
CA GLY C 193 -18.99 2.35 7.00
C GLY C 193 -18.29 3.56 6.43
N VAL C 194 -17.57 3.32 5.35
CA VAL C 194 -16.75 4.34 4.73
C VAL C 194 -16.77 4.17 3.21
N ALA C 195 -16.65 5.28 2.49
CA ALA C 195 -16.70 5.26 1.03
C ALA C 195 -15.77 6.31 0.45
N MET C 196 -15.09 5.97 -0.63
CA MET C 196 -14.22 6.93 -1.31
C MET C 196 -14.15 6.69 -2.82
N ALA C 197 -13.95 7.78 -3.55
CA ALA C 197 -13.75 7.72 -5.00
C ALA C 197 -12.52 8.53 -5.37
N MET C 198 -11.75 8.01 -6.32
CA MET C 198 -10.55 8.68 -6.82
C MET C 198 -10.50 8.59 -8.34
N TYR C 199 -9.56 9.30 -8.94
CA TYR C 199 -9.51 9.40 -10.40
C TYR C 199 -8.10 9.66 -10.92
N ASN C 200 -7.96 9.46 -12.22
CA ASN C 200 -6.76 9.90 -12.95
C ASN C 200 -7.14 10.22 -14.40
N THR C 201 -6.22 10.87 -15.09
CA THR C 201 -6.46 11.38 -16.43
C THR C 201 -5.56 10.67 -17.44
N ASP C 202 -6.09 10.41 -18.63
CA ASP C 202 -5.30 9.82 -19.71
C ASP C 202 -4.11 10.72 -20.05
N GLU C 203 -4.37 12.03 -20.19
CA GLU C 203 -3.33 13.02 -20.45
C GLU C 203 -2.20 12.97 -19.42
N SER C 204 -2.58 12.88 -18.14
CA SER C 204 -1.61 12.85 -17.04
C SER C 204 -0.82 11.54 -16.99
N ILE C 205 -1.47 10.42 -17.29
CA ILE C 205 -0.80 9.11 -17.33
C ILE C 205 0.19 9.07 -18.49
N GLU C 206 -0.19 9.70 -19.61
CA GLU C 206 0.69 9.83 -20.77
C GLU C 206 1.96 10.60 -20.42
N GLY C 207 1.81 11.66 -19.62
CA GLY C 207 2.94 12.44 -19.15
C GLY C 207 3.84 11.66 -18.21
N PHE C 208 3.21 10.81 -17.38
CA PHE C 208 3.91 9.88 -16.51
C PHE C 208 4.81 8.96 -17.35
N ALA C 209 4.28 8.50 -18.48
CA ALA C 209 5.00 7.59 -19.37
C ALA C 209 6.22 8.23 -20.04
N HIS C 210 6.02 9.37 -20.68
CA HIS C 210 7.09 10.07 -21.39
C HIS C 210 8.27 10.38 -20.48
N SER C 211 7.98 11.00 -19.34
CA SER C 211 9.01 11.36 -18.36
C SER C 211 9.78 10.14 -17.85
N SER C 212 9.10 9.00 -17.74
CA SER C 212 9.71 7.77 -17.27
C SER C 212 10.67 7.17 -18.30
N PHE C 213 10.21 7.06 -19.53
CA PHE C 213 11.02 6.52 -20.63
C PHE C 213 12.25 7.38 -20.90
N LYS C 214 12.07 8.70 -20.84
CA LYS C 214 13.16 9.64 -21.07
C LYS C 214 14.27 9.50 -20.04
N LEU C 215 13.88 9.48 -18.76
CA LEU C 215 14.82 9.30 -17.66
C LEU C 215 15.52 7.94 -17.76
N ALA C 216 14.78 6.93 -18.21
CA ALA C 216 15.31 5.59 -18.40
C ALA C 216 16.38 5.55 -19.50
N ILE C 217 16.13 6.29 -20.58
CA ILE C 217 17.09 6.42 -21.68
C ILE C 217 18.32 7.22 -21.23
N ASP C 218 18.08 8.34 -20.57
CA ASP C 218 19.13 9.24 -20.11
C ASP C 218 20.13 8.57 -19.17
N LYS C 219 19.62 7.80 -18.21
CA LYS C 219 20.47 7.12 -17.23
C LYS C 219 20.83 5.69 -17.63
N LYS C 220 20.33 5.28 -18.81
CA LYS C 220 20.60 3.95 -19.37
C LYS C 220 20.26 2.81 -18.41
N LEU C 221 19.02 2.82 -17.91
CA LEU C 221 18.57 1.81 -16.96
C LEU C 221 17.28 1.16 -17.44
N ASN C 222 17.05 -0.08 -16.98
CA ASN C 222 15.79 -0.77 -17.23
C ASN C 222 14.65 -0.07 -16.52
N LEU C 223 13.45 -0.14 -17.09
CA LEU C 223 12.27 0.48 -16.50
C LEU C 223 11.21 -0.56 -16.16
N PHE C 224 10.60 -0.42 -15.00
CA PHE C 224 9.50 -1.28 -14.58
C PHE C 224 8.32 -0.44 -14.14
N LEU C 225 7.22 -0.51 -14.90
CA LEU C 225 5.95 0.06 -14.45
C LEU C 225 5.24 -1.03 -13.65
N SER C 226 4.71 -0.66 -12.49
CA SER C 226 3.97 -1.61 -11.67
C SER C 226 2.53 -1.20 -11.45
N THR C 227 1.71 -2.18 -11.11
CA THR C 227 0.28 -1.98 -10.95
C THR C 227 -0.39 -3.18 -10.29
N LYS C 228 -1.68 -3.01 -9.98
CA LYS C 228 -2.51 -4.09 -9.48
C LYS C 228 -3.65 -4.33 -10.47
N ASN C 229 -3.30 -4.47 -11.75
CA ASN C 229 -4.28 -4.66 -12.83
C ASN C 229 -5.06 -5.96 -12.75
N THR C 230 -4.61 -6.88 -11.89
CA THR C 230 -5.34 -8.11 -11.63
C THR C 230 -6.63 -7.82 -10.88
N ILE C 231 -6.62 -6.73 -10.11
CA ILE C 231 -7.78 -6.32 -9.32
C ILE C 231 -8.44 -5.07 -9.90
N LEU C 232 -7.63 -4.06 -10.20
CA LEU C 232 -8.13 -2.84 -10.82
C LEU C 232 -8.03 -2.96 -12.33
N LYS C 233 -8.92 -3.78 -12.90
CA LYS C 233 -8.88 -4.15 -14.31
C LYS C 233 -8.80 -2.96 -15.27
N LYS C 234 -9.80 -2.07 -15.18
CA LYS C 234 -9.88 -0.91 -16.08
C LYS C 234 -8.93 0.20 -15.66
N TYR C 235 -8.99 0.57 -14.38
CA TYR C 235 -8.19 1.65 -13.81
C TYR C 235 -6.69 1.45 -13.99
N ASP C 236 -6.16 0.42 -13.35
CA ASP C 236 -4.73 0.12 -13.39
C ASP C 236 -4.28 -0.35 -14.77
N GLY C 237 -5.20 -0.94 -15.52
CA GLY C 237 -4.93 -1.40 -16.87
C GLY C 237 -4.62 -0.28 -17.84
N ARG C 238 -5.18 0.90 -17.58
CA ARG C 238 -4.96 2.09 -18.40
C ARG C 238 -3.51 2.58 -18.33
N PHE C 239 -2.90 2.44 -17.15
CA PHE C 239 -1.49 2.76 -16.95
C PHE C 239 -0.62 1.83 -17.78
N LYS C 240 -1.00 0.55 -17.83
CA LYS C 240 -0.29 -0.46 -18.62
C LYS C 240 -0.41 -0.19 -20.12
N ASP C 241 -1.64 0.05 -20.58
CA ASP C 241 -1.92 0.28 -21.99
C ASP C 241 -1.20 1.50 -22.54
N ILE C 242 -1.46 2.67 -21.93
CA ILE C 242 -0.84 3.93 -22.34
C ILE C 242 0.68 3.83 -22.37
N PHE C 243 1.26 3.20 -21.35
CA PHE C 243 2.71 3.01 -21.28
C PHE C 243 3.24 2.21 -22.46
N GLN C 244 2.60 1.08 -22.76
CA GLN C 244 2.97 0.22 -23.89
C GLN C 244 2.73 0.93 -25.23
N GLU C 245 1.61 1.64 -25.31
CA GLU C 245 1.25 2.43 -26.49
C GLU C 245 2.31 3.49 -26.78
N VAL C 246 2.81 4.13 -25.72
CA VAL C 246 3.86 5.13 -25.84
C VAL C 246 5.22 4.49 -26.12
N TYR C 247 5.51 3.40 -25.42
CA TYR C 247 6.77 2.67 -25.60
C TYR C 247 7.00 2.31 -27.06
N GLU C 248 5.93 1.94 -27.75
CA GLU C 248 5.99 1.57 -29.16
C GLU C 248 6.00 2.78 -30.09
N ALA C 249 5.34 3.86 -29.66
CA ALA C 249 5.24 5.06 -30.48
C ALA C 249 6.54 5.84 -30.60
N GLN C 250 7.34 5.88 -29.54
CA GLN C 250 8.49 6.79 -29.50
C GLN C 250 9.80 6.27 -28.90
N TYR C 251 9.74 5.21 -28.09
CA TYR C 251 10.91 4.82 -27.30
C TYR C 251 11.48 3.42 -27.53
N LYS C 252 10.68 2.55 -28.15
CA LYS C 252 11.09 1.17 -28.46
C LYS C 252 12.53 1.08 -28.95
N SER C 253 12.81 1.76 -30.05
CA SER C 253 14.09 1.69 -30.76
C SER C 253 15.30 2.05 -29.90
N LYS C 254 15.28 3.26 -29.33
CA LYS C 254 16.39 3.73 -28.49
C LYS C 254 16.65 2.81 -27.29
N PHE C 255 15.57 2.22 -26.77
CA PHE C 255 15.66 1.24 -25.69
C PHE C 255 16.44 0.00 -26.14
N GLU C 256 16.10 -0.50 -27.33
CA GLU C 256 16.76 -1.66 -27.92
C GLU C 256 18.18 -1.32 -28.38
N GLN C 257 18.38 -0.07 -28.76
CA GLN C 257 19.68 0.43 -29.20
C GLN C 257 20.68 0.47 -28.05
N LEU C 258 20.23 0.92 -26.88
CA LEU C 258 21.08 0.99 -25.69
C LEU C 258 21.14 -0.37 -24.97
N GLY C 259 20.18 -1.24 -25.27
CA GLY C 259 20.12 -2.55 -24.67
C GLY C 259 19.39 -2.58 -23.33
N ILE C 260 18.45 -1.65 -23.17
CA ILE C 260 17.63 -1.58 -21.96
C ILE C 260 16.20 -2.01 -22.27
N HIS C 261 15.53 -2.60 -21.28
CA HIS C 261 14.20 -3.16 -21.49
C HIS C 261 13.14 -2.52 -20.60
N TYR C 262 12.01 -2.16 -21.20
CA TYR C 262 10.84 -1.74 -20.45
C TYR C 262 9.94 -2.95 -20.24
N GLU C 263 9.24 -2.98 -19.11
CA GLU C 263 8.34 -4.08 -18.78
C GLU C 263 7.36 -3.69 -17.68
N HIS C 264 6.08 -4.01 -17.92
CA HIS C 264 5.06 -3.85 -16.89
C HIS C 264 5.04 -5.09 -16.01
N ARG C 265 4.93 -4.88 -14.70
CA ARG C 265 4.88 -6.00 -13.76
C ARG C 265 3.90 -5.74 -12.62
N LEU C 266 3.29 -6.82 -12.12
CA LEU C 266 2.43 -6.74 -10.96
C LEU C 266 3.26 -6.28 -9.76
N ILE C 267 2.78 -5.24 -9.08
CA ILE C 267 3.53 -4.65 -7.96
C ILE C 267 4.03 -5.67 -6.94
N ASP C 268 3.25 -6.73 -6.74
CA ASP C 268 3.63 -7.81 -5.83
C ASP C 268 4.94 -8.46 -6.26
N ASP C 269 5.06 -8.78 -7.55
CA ASP C 269 6.27 -9.36 -8.11
C ASP C 269 7.43 -8.36 -8.03
N MET C 270 7.14 -7.10 -8.35
CA MET C 270 8.14 -6.05 -8.39
C MET C 270 8.81 -5.82 -7.05
N VAL C 271 8.02 -5.57 -6.01
CA VAL C 271 8.56 -5.29 -4.68
C VAL C 271 9.38 -6.47 -4.15
N ALA C 272 8.96 -7.69 -4.48
CA ALA C 272 9.68 -8.89 -4.10
C ALA C 272 11.00 -8.98 -4.86
N GLN C 273 10.96 -8.64 -6.15
CA GLN C 273 12.15 -8.62 -6.99
C GLN C 273 13.13 -7.55 -6.53
N MET C 274 12.61 -6.37 -6.20
CA MET C 274 13.40 -5.23 -5.75
C MET C 274 14.19 -5.53 -4.48
N ILE C 275 13.49 -6.04 -3.45
CA ILE C 275 14.13 -6.43 -2.18
C ILE C 275 15.21 -7.48 -2.42
N LYS C 276 15.00 -8.34 -3.41
CA LYS C 276 15.94 -9.42 -3.74
C LYS C 276 17.08 -8.98 -4.66
N SER C 277 16.83 -7.94 -5.46
CA SER C 277 17.78 -7.51 -6.49
C SER C 277 19.05 -6.83 -5.95
N LYS C 278 19.95 -6.47 -6.87
CA LYS C 278 21.19 -5.75 -6.56
C LYS C 278 21.06 -4.26 -6.87
N GLY C 279 19.85 -3.83 -7.22
CA GLY C 279 19.60 -2.45 -7.61
C GLY C 279 19.99 -2.19 -9.05
N GLY C 280 19.89 -0.92 -9.45
CA GLY C 280 20.29 -0.50 -10.78
C GLY C 280 19.19 -0.57 -11.83
N PHE C 281 18.07 0.10 -11.54
CA PHE C 281 16.92 0.14 -12.44
C PHE C 281 15.93 1.21 -11.99
N ILE C 282 14.91 1.46 -12.82
CA ILE C 282 13.89 2.47 -12.51
C ILE C 282 12.50 1.85 -12.40
N MET C 283 11.83 2.14 -11.29
CA MET C 283 10.47 1.66 -11.07
C MET C 283 9.45 2.80 -11.18
N ALA C 284 8.69 2.82 -12.26
CA ALA C 284 7.56 3.73 -12.38
C ALA C 284 6.46 3.20 -11.47
N LEU C 285 5.85 4.09 -10.69
CA LEU C 285 4.83 3.68 -9.72
C LEU C 285 3.70 4.69 -9.64
N LYS C 286 2.50 4.20 -9.33
CA LYS C 286 1.34 5.06 -9.09
C LYS C 286 1.61 5.88 -7.84
N ASN C 287 0.98 7.06 -7.75
CA ASN C 287 1.20 8.00 -6.64
C ASN C 287 1.39 7.39 -5.25
N TYR C 288 0.44 6.54 -4.86
CA TYR C 288 0.47 5.91 -3.53
C TYR C 288 1.65 4.94 -3.38
N ASP C 289 1.86 4.11 -4.40
CA ASP C 289 2.94 3.14 -4.40
C ASP C 289 4.29 3.83 -4.41
N GLY C 290 4.38 4.92 -5.17
CA GLY C 290 5.58 5.74 -5.24
C GLY C 290 5.97 6.27 -3.87
N ASP C 291 4.99 6.78 -3.13
CA ASP C 291 5.21 7.32 -1.80
C ASP C 291 5.73 6.29 -0.80
N VAL C 292 5.14 5.10 -0.83
CA VAL C 292 5.50 4.04 0.11
C VAL C 292 6.88 3.45 -0.19
N GLN C 293 7.08 3.03 -1.44
CA GLN C 293 8.36 2.41 -1.84
C GLN C 293 9.53 3.38 -1.71
N SER C 294 9.28 4.67 -1.92
CA SER C 294 10.30 5.71 -1.78
C SER C 294 11.07 5.55 -0.48
N ASP C 295 10.34 5.41 0.63
CA ASP C 295 10.96 5.29 1.94
C ASP C 295 11.63 3.94 2.18
N ILE C 296 11.07 2.88 1.58
CA ILE C 296 11.68 1.56 1.67
C ILE C 296 13.04 1.56 0.97
N VAL C 297 13.06 2.10 -0.26
CA VAL C 297 14.30 2.21 -1.02
C VAL C 297 15.33 3.08 -0.30
N ALA C 298 14.90 4.27 0.11
CA ALA C 298 15.77 5.23 0.80
C ALA C 298 16.38 4.64 2.06
N GLN C 299 15.54 3.99 2.88
CA GLN C 299 16.00 3.38 4.12
C GLN C 299 16.94 2.20 3.88
N GLY C 300 16.64 1.44 2.82
CA GLY C 300 17.47 0.29 2.46
C GLY C 300 18.89 0.64 2.11
N PHE C 301 19.10 1.80 1.49
CA PHE C 301 20.43 2.24 1.08
C PHE C 301 21.26 2.80 2.23
N GLY C 302 20.57 3.28 3.28
CA GLY C 302 21.26 3.83 4.44
C GLY C 302 20.29 4.14 5.57
N SER C 303 20.75 3.91 6.81
CA SER C 303 19.91 4.14 7.99
C SER C 303 19.45 5.59 8.13
N LEU C 304 19.93 6.45 7.25
CA LEU C 304 19.46 7.82 7.14
C LEU C 304 18.72 7.96 5.81
N GLY C 305 17.65 8.75 5.81
CA GLY C 305 16.80 8.88 4.64
C GLY C 305 17.39 9.56 3.42
N LEU C 306 18.73 9.71 3.41
CA LEU C 306 19.46 10.36 2.31
C LEU C 306 18.84 10.08 0.94
N MET C 307 18.12 11.07 0.41
CA MET C 307 17.40 10.92 -0.85
C MET C 307 17.09 12.27 -1.48
N THR C 308 17.32 12.38 -2.79
CA THR C 308 16.91 13.55 -3.56
C THR C 308 15.50 13.31 -4.08
N SER C 309 14.72 14.38 -4.22
CA SER C 309 13.35 14.29 -4.69
C SER C 309 13.03 15.47 -5.60
N ILE C 310 12.63 15.17 -6.83
CA ILE C 310 12.37 16.22 -7.83
C ILE C 310 11.18 15.93 -8.75
N LEU C 311 10.21 16.86 -8.74
CA LEU C 311 9.05 16.80 -9.62
C LEU C 311 9.45 17.25 -11.03
N VAL C 312 8.95 16.55 -12.04
CA VAL C 312 9.32 16.80 -13.43
C VAL C 312 8.07 16.78 -14.32
N THR C 313 7.85 17.86 -15.06
CA THR C 313 6.75 17.94 -16.04
C THR C 313 7.18 17.31 -17.37
N PRO C 314 6.23 16.74 -18.10
CA PRO C 314 6.51 16.09 -19.39
C PRO C 314 7.06 17.03 -20.46
N ASP C 315 6.63 18.29 -20.46
CA ASP C 315 7.12 19.27 -21.44
C ASP C 315 8.59 19.66 -21.23
N GLY C 316 9.15 19.26 -20.08
CA GLY C 316 10.53 19.53 -19.76
C GLY C 316 10.80 20.99 -19.46
N LYS C 317 9.76 21.72 -19.10
CA LYS C 317 9.87 23.16 -18.88
C LYS C 317 9.75 23.55 -17.41
N THR C 318 9.30 22.62 -16.57
CA THR C 318 9.10 22.91 -15.16
C THR C 318 9.69 21.84 -14.23
N PHE C 319 10.28 22.29 -13.12
CA PHE C 319 10.90 21.41 -12.14
C PHE C 319 10.62 21.88 -10.72
N GLU C 320 10.65 20.95 -9.77
CA GLU C 320 10.49 21.26 -8.35
C GLU C 320 11.38 20.33 -7.50
N SER C 321 12.55 20.83 -7.12
CA SER C 321 13.48 20.08 -6.28
C SER C 321 13.10 20.28 -4.82
N GLU C 322 13.00 19.18 -4.07
CA GLU C 322 12.51 19.25 -2.70
C GLU C 322 13.26 18.35 -1.72
N ALA C 323 13.19 18.73 -0.45
CA ALA C 323 13.61 17.88 0.66
C ALA C 323 12.34 17.18 1.15
N ALA C 324 12.33 15.85 1.04
CA ALA C 324 11.12 15.08 1.35
C ALA C 324 10.98 14.73 2.83
N HIS C 325 12.08 14.30 3.44
CA HIS C 325 12.09 13.97 4.87
C HIS C 325 11.49 15.12 5.66
N GLY C 326 10.44 14.81 6.42
CA GLY C 326 9.73 15.81 7.21
C GLY C 326 10.62 16.51 8.21
N THR C 327 10.04 17.47 8.94
CA THR C 327 10.81 18.24 9.92
C THR C 327 11.34 17.35 11.04
N VAL C 328 12.52 17.71 11.54
CA VAL C 328 13.15 17.01 12.66
C VAL C 328 12.68 17.62 13.98
N THR C 329 11.36 17.71 14.12
CA THR C 329 10.67 18.31 15.27
C THR C 329 11.43 18.31 16.60
N ARG C 330 11.98 17.16 16.98
CA ARG C 330 12.67 17.00 18.26
C ARG C 330 13.92 17.88 18.40
N HIS C 331 14.63 18.09 17.29
CA HIS C 331 15.80 18.96 17.28
C HIS C 331 15.40 20.43 17.32
N TYR C 332 14.23 20.74 16.78
CA TYR C 332 13.68 22.10 16.81
C TYR C 332 13.42 22.54 18.25
N ARG C 333 12.92 21.61 19.07
CA ARG C 333 12.63 21.86 20.48
C ARG C 333 13.89 22.25 21.26
N LYS C 334 14.97 21.51 21.02
CA LYS C 334 16.26 21.81 21.63
C LYS C 334 16.76 23.17 21.16
N TYR C 335 16.55 23.45 19.87
CA TYR C 335 16.95 24.73 19.27
C TYR C 335 16.24 25.93 19.91
N GLN C 336 14.96 25.75 20.22
CA GLN C 336 14.16 26.80 20.86
C GLN C 336 14.66 27.14 22.27
N LYS C 337 15.14 26.12 22.98
CA LYS C 337 15.64 26.28 24.34
C LYS C 337 17.14 26.59 24.36
N GLY C 338 17.70 26.89 23.19
CA GLY C 338 19.11 27.23 23.05
C GLY C 338 20.07 26.07 23.28
N GLU C 339 19.57 24.85 23.18
CA GLU C 339 20.38 23.65 23.36
C GLU C 339 21.02 23.21 22.05
N GLU C 340 22.07 22.41 22.15
CA GLU C 340 22.84 21.94 21.00
C GLU C 340 22.09 20.92 20.16
N THR C 341 22.19 21.07 18.84
CA THR C 341 21.60 20.11 17.89
C THR C 341 22.70 19.53 17.00
N SER C 342 22.44 18.37 16.41
CA SER C 342 23.39 17.73 15.51
C SER C 342 22.69 16.86 14.46
N THR C 343 21.82 17.50 13.68
CA THR C 343 21.12 16.83 12.60
C THR C 343 21.74 17.21 11.26
N ASN C 344 21.90 16.21 10.37
CA ASN C 344 22.48 16.45 9.05
C ASN C 344 21.54 17.23 8.15
N SER C 345 22.12 17.94 7.19
CA SER C 345 21.36 18.82 6.30
C SER C 345 21.67 18.54 4.84
N ILE C 346 22.15 17.33 4.56
CA ILE C 346 22.58 16.94 3.22
C ILE C 346 21.43 16.93 2.20
N ALA C 347 20.28 16.42 2.60
CA ALA C 347 19.10 16.38 1.73
C ALA C 347 18.70 17.78 1.27
N SER C 348 18.66 18.71 2.22
CA SER C 348 18.29 20.11 1.95
C SER C 348 19.33 20.82 1.08
N ILE C 349 20.60 20.47 1.28
CA ILE C 349 21.68 20.98 0.43
C ILE C 349 21.48 20.46 -0.99
N PHE C 350 21.22 19.16 -1.11
CA PHE C 350 21.01 18.52 -2.40
C PHE C 350 19.71 18.97 -3.07
N ALA C 351 18.79 19.51 -2.28
CA ALA C 351 17.56 20.10 -2.81
C ALA C 351 17.86 21.44 -3.50
N TRP C 352 18.83 22.18 -2.97
CA TRP C 352 19.24 23.43 -3.60
C TRP C 352 20.10 23.17 -4.84
N SER C 353 21.06 22.25 -4.71
CA SER C 353 21.98 21.92 -5.79
C SER C 353 21.27 21.38 -7.03
N ARG C 354 20.36 20.42 -6.85
CA ARG C 354 19.62 19.84 -7.97
C ARG C 354 18.66 20.85 -8.59
N GLY C 355 18.15 21.76 -7.77
CA GLY C 355 17.29 22.83 -8.23
C GLY C 355 18.07 23.87 -9.05
N LEU C 356 19.25 24.22 -8.55
CA LEU C 356 20.11 25.17 -9.25
C LEU C 356 20.68 24.55 -10.53
N LEU C 357 20.87 23.24 -10.51
CA LEU C 357 21.36 22.49 -11.68
C LEU C 357 20.35 22.51 -12.83
N LYS C 358 19.07 22.38 -12.49
CA LYS C 358 18.00 22.45 -13.49
C LYS C 358 17.87 23.86 -14.06
N ARG C 359 18.11 24.86 -13.20
CA ARG C 359 18.11 26.26 -13.60
C ARG C 359 19.28 26.56 -14.54
N GLY C 360 20.42 25.90 -14.30
CA GLY C 360 21.59 26.03 -15.13
C GLY C 360 21.36 25.46 -16.52
N GLU C 361 20.83 24.24 -16.57
CA GLU C 361 20.54 23.56 -17.83
C GLU C 361 19.52 24.34 -18.68
N LEU C 362 18.47 24.84 -18.03
CA LEU C 362 17.43 25.61 -18.72
C LEU C 362 17.97 26.91 -19.32
N ASP C 363 18.83 27.59 -18.57
CA ASP C 363 19.37 28.89 -18.98
C ASP C 363 20.65 28.80 -19.79
N ASN C 364 21.21 27.59 -19.87
CA ASN C 364 22.51 27.37 -20.52
C ASN C 364 23.61 28.17 -19.85
N THR C 365 23.72 28.01 -18.53
CA THR C 365 24.76 28.65 -17.73
C THR C 365 25.66 27.57 -17.12
N PRO C 366 26.73 27.21 -17.83
CA PRO C 366 27.65 26.17 -17.39
C PRO C 366 28.30 26.44 -16.04
N ALA C 367 28.51 27.73 -15.72
CA ALA C 367 29.08 28.13 -14.44
C ALA C 367 28.17 27.73 -13.26
N LEU C 368 26.86 27.87 -13.45
CA LEU C 368 25.89 27.43 -12.46
C LEU C 368 25.92 25.90 -12.31
N CYS C 369 25.81 25.20 -13.44
CA CYS C 369 25.85 23.74 -13.46
C CYS C 369 27.08 23.20 -12.71
N LYS C 370 28.24 23.78 -12.99
CA LYS C 370 29.48 23.38 -12.32
C LYS C 370 29.48 23.71 -10.83
N PHE C 371 28.87 24.84 -10.46
CA PHE C 371 28.78 25.25 -9.06
C PHE C 371 27.91 24.28 -8.26
N ALA C 372 26.84 23.80 -8.89
CA ALA C 372 25.93 22.85 -8.25
C ALA C 372 26.61 21.50 -7.97
N ASN C 373 27.36 21.00 -8.94
CA ASN C 373 28.09 19.74 -8.79
C ASN C 373 29.18 19.83 -7.72
N ILE C 374 29.79 21.00 -7.60
CA ILE C 374 30.81 21.25 -6.58
C ILE C 374 30.17 21.36 -5.19
N LEU C 375 28.99 21.96 -5.12
CA LEU C 375 28.23 22.04 -3.87
C LEU C 375 27.96 20.64 -3.32
N GLU C 376 27.56 19.75 -4.21
CA GLU C 376 27.31 18.35 -3.86
C GLU C 376 28.61 17.65 -3.50
N SER C 377 29.66 17.93 -4.28
CA SER C 377 30.98 17.36 -4.05
C SER C 377 31.54 17.72 -2.66
N ALA C 378 31.54 19.03 -2.36
CA ALA C 378 32.08 19.55 -1.10
C ALA C 378 31.37 18.97 0.12
N THR C 379 30.04 18.88 0.05
CA THR C 379 29.23 18.32 1.12
C THR C 379 29.67 16.91 1.50
N LEU C 380 29.81 16.06 0.48
CA LEU C 380 30.22 14.66 0.67
C LEU C 380 31.69 14.54 1.07
N ASN C 381 32.53 15.40 0.49
CA ASN C 381 33.95 15.40 0.82
C ASN C 381 34.21 15.81 2.27
N THR C 382 33.39 16.72 2.78
CA THR C 382 33.44 17.12 4.19
C THR C 382 33.17 15.92 5.08
N VAL C 383 32.15 15.14 4.72
CA VAL C 383 31.74 13.95 5.48
C VAL C 383 32.75 12.81 5.39
N GLN C 384 33.31 12.59 4.19
CA GLN C 384 34.13 11.41 3.95
C GLN C 384 35.64 11.63 4.03
N GLN C 385 36.17 12.48 3.17
CA GLN C 385 37.62 12.71 3.14
C GLN C 385 38.13 13.48 4.35
N ASP C 386 37.26 14.33 4.93
CA ASP C 386 37.65 15.13 6.09
C ASP C 386 37.09 14.61 7.40
N GLY C 387 36.10 13.73 7.31
CA GLY C 387 35.52 13.09 8.49
C GLY C 387 34.69 14.01 9.38
N ILE C 388 34.26 15.14 8.84
CA ILE C 388 33.44 16.09 9.59
C ILE C 388 31.96 15.82 9.33
N MET C 389 31.25 15.40 10.37
CA MET C 389 29.85 14.98 10.26
C MET C 389 29.09 15.19 11.56
N THR C 390 27.77 15.03 11.48
CA THR C 390 26.91 15.20 12.64
C THR C 390 26.65 13.88 13.37
N LYS C 391 25.95 13.95 14.50
CA LYS C 391 25.65 12.81 15.36
C LYS C 391 25.02 11.63 14.61
N ASP C 392 23.96 11.91 13.85
CA ASP C 392 23.22 10.89 13.12
C ASP C 392 24.08 10.12 12.12
N LEU C 393 24.95 10.83 11.40
CA LEU C 393 25.89 10.22 10.47
C LEU C 393 26.93 9.39 11.20
N ALA C 394 27.48 9.96 12.27
CA ALA C 394 28.51 9.32 13.08
C ALA C 394 28.03 8.03 13.73
N LEU C 395 26.75 7.99 14.10
CA LEU C 395 26.14 6.81 14.72
C LEU C 395 25.99 5.66 13.73
N ALA C 396 25.49 5.98 12.54
CA ALA C 396 25.29 4.99 11.48
C ALA C 396 26.61 4.43 10.95
N CYS C 397 27.69 5.19 11.10
CA CYS C 397 28.99 4.81 10.55
C CYS C 397 29.79 3.85 11.44
N GLY C 398 29.26 3.56 12.64
CA GLY C 398 29.92 2.65 13.55
C GLY C 398 30.57 3.32 14.74
N ASN C 399 30.39 4.63 14.86
CA ASN C 399 30.90 5.39 16.01
C ASN C 399 29.78 5.63 17.01
N ASN C 400 30.13 6.17 18.18
CA ASN C 400 29.15 6.45 19.22
C ASN C 400 29.50 7.65 20.09
N GLU C 401 30.80 7.90 20.25
CA GLU C 401 31.29 8.95 21.13
C GLU C 401 31.04 10.36 20.60
N ARG C 402 30.96 11.31 21.53
CA ARG C 402 30.74 12.73 21.21
C ARG C 402 31.92 13.34 20.46
N SER C 403 33.09 12.71 20.61
CA SER C 403 34.30 13.13 19.93
C SER C 403 34.25 12.85 18.42
N ALA C 404 33.22 12.09 18.01
CA ALA C 404 33.07 11.68 16.61
C ALA C 404 32.21 12.62 15.77
N TYR C 405 31.43 13.49 16.42
CA TYR C 405 30.53 14.39 15.69
C TYR C 405 30.70 15.88 15.96
N VAL C 406 30.09 16.69 15.10
CA VAL C 406 30.07 18.14 15.23
C VAL C 406 28.62 18.64 15.25
N THR C 407 28.42 19.92 15.58
CA THR C 407 27.07 20.48 15.63
C THR C 407 26.49 20.77 14.25
N THR C 408 25.18 20.99 14.19
CA THR C 408 24.45 21.25 12.94
C THR C 408 25.07 22.40 12.13
N GLU C 409 25.48 23.47 12.84
CA GLU C 409 26.08 24.63 12.21
C GLU C 409 27.55 24.40 11.84
N GLU C 410 28.25 23.62 12.67
CA GLU C 410 29.65 23.27 12.42
C GLU C 410 29.80 22.46 11.14
N PHE C 411 28.85 21.58 10.87
CA PHE C 411 28.85 20.81 9.63
C PHE C 411 28.76 21.75 8.43
N LEU C 412 27.77 22.64 8.46
CA LEU C 412 27.56 23.60 7.39
C LEU C 412 28.75 24.56 7.24
N ASP C 413 29.26 25.06 8.36
CA ASP C 413 30.45 25.91 8.35
C ASP C 413 31.61 25.19 7.66
N ALA C 414 31.75 23.90 7.95
CA ALA C 414 32.78 23.06 7.35
C ALA C 414 32.50 22.75 5.88
N VAL C 415 31.23 22.74 5.49
CA VAL C 415 30.85 22.57 4.08
C VAL C 415 31.25 23.83 3.32
N GLU C 416 30.87 24.98 3.88
CA GLU C 416 31.19 26.30 3.33
C GLU C 416 32.68 26.45 3.04
N LYS C 417 33.51 26.00 3.98
CA LYS C 417 34.96 26.07 3.82
C LYS C 417 35.47 25.11 2.74
N ARG C 418 34.87 23.92 2.68
CA ARG C 418 35.19 22.96 1.64
C ARG C 418 34.72 23.47 0.28
N LEU C 419 33.62 24.22 0.30
CA LEU C 419 33.09 24.83 -0.91
C LEU C 419 34.08 25.84 -1.49
N GLN C 420 34.60 26.71 -0.63
CA GLN C 420 35.56 27.73 -1.06
C GLN C 420 36.90 27.13 -1.48
N LYS C 421 37.25 26.01 -0.86
CA LYS C 421 38.49 25.30 -1.19
C LYS C 421 38.38 24.63 -2.57
N GLU C 422 37.25 23.97 -2.82
CA GLU C 422 37.05 23.25 -4.07
C GLU C 422 36.74 24.17 -5.25
N ILE C 423 36.17 25.34 -4.97
CA ILE C 423 35.93 26.35 -6.00
C ILE C 423 37.26 26.94 -6.48
N LYS C 424 38.23 27.02 -5.57
CA LYS C 424 39.55 27.53 -5.88
C LYS C 424 40.38 26.56 -6.72
N SER C 425 40.22 25.26 -6.45
CA SER C 425 40.98 24.22 -7.15
C SER C 425 40.55 24.03 -8.61
N ILE C 426 40.38 25.16 -9.31
CA ILE C 426 39.94 25.20 -10.71
C ILE C 426 38.58 24.51 -10.88
N ALA D 15 2.66 -42.77 14.00
CA ALA D 15 1.63 -43.01 15.05
C ALA D 15 0.82 -44.26 14.75
N PHE D 16 1.20 -45.37 15.40
CA PHE D 16 0.46 -46.62 15.31
C PHE D 16 -0.98 -46.39 15.73
N SER D 17 -1.14 -45.70 16.85
CA SER D 17 -2.45 -45.24 17.32
C SER D 17 -2.66 -43.81 16.85
N LYS D 18 -3.18 -43.69 15.62
CA LYS D 18 -3.43 -42.39 15.00
C LYS D 18 -4.17 -41.44 15.93
N ILE D 19 -3.74 -40.19 15.96
CA ILE D 19 -4.39 -39.16 16.77
C ILE D 19 -5.78 -38.88 16.21
N LYS D 20 -6.80 -39.00 17.07
CA LYS D 20 -8.18 -38.80 16.67
C LYS D 20 -8.56 -37.33 16.66
N VAL D 21 -8.90 -36.83 15.47
CA VAL D 21 -9.35 -35.46 15.31
C VAL D 21 -10.86 -35.37 15.56
N LYS D 22 -11.24 -34.58 16.55
CA LYS D 22 -12.62 -34.45 17.02
C LYS D 22 -13.58 -33.97 15.93
N GLN D 23 -13.34 -32.77 15.41
CA GLN D 23 -14.21 -32.18 14.38
C GLN D 23 -13.60 -32.36 12.99
N PRO D 24 -14.47 -32.55 11.99
CA PRO D 24 -14.02 -32.66 10.59
C PRO D 24 -13.34 -31.39 10.07
N VAL D 25 -12.31 -31.58 9.24
CA VAL D 25 -11.54 -30.48 8.69
C VAL D 25 -11.88 -30.27 7.22
N VAL D 26 -12.21 -29.04 6.86
CA VAL D 26 -12.53 -28.69 5.48
C VAL D 26 -11.25 -28.48 4.68
N GLU D 27 -11.12 -29.22 3.58
CA GLU D 27 -9.94 -29.12 2.73
C GLU D 27 -10.31 -28.58 1.34
N LEU D 28 -9.52 -27.62 0.86
CA LEU D 28 -9.73 -27.06 -0.48
C LEU D 28 -8.51 -27.31 -1.36
N ASP D 29 -8.67 -28.17 -2.36
CA ASP D 29 -7.59 -28.52 -3.28
C ASP D 29 -7.35 -27.42 -4.32
N GLY D 30 -6.11 -27.33 -4.80
CA GLY D 30 -5.74 -26.30 -5.76
C GLY D 30 -5.41 -26.84 -7.14
N ASP D 31 -4.46 -26.19 -7.80
CA ASP D 31 -4.15 -26.49 -9.20
C ASP D 31 -2.70 -26.90 -9.44
N GLU D 32 -2.51 -27.61 -10.55
CA GLU D 32 -1.20 -27.90 -11.13
C GLU D 32 -0.15 -28.44 -10.16
N MET D 33 0.99 -27.74 -10.05
CA MET D 33 2.11 -28.21 -9.24
C MET D 33 1.77 -28.33 -7.76
N THR D 34 1.14 -27.30 -7.21
CA THR D 34 0.73 -27.31 -5.80
C THR D 34 -0.24 -28.45 -5.50
N ARG D 35 -1.11 -28.76 -6.47
CA ARG D 35 -2.07 -29.85 -6.36
C ARG D 35 -1.36 -31.19 -6.18
N ILE D 36 -0.30 -31.41 -6.95
CA ILE D 36 0.51 -32.63 -6.89
C ILE D 36 1.24 -32.72 -5.55
N ILE D 37 1.81 -31.59 -5.13
CA ILE D 37 2.50 -31.48 -3.85
C ILE D 37 1.52 -31.62 -2.68
N TRP D 38 0.29 -31.14 -2.89
CA TRP D 38 -0.77 -31.21 -1.88
C TRP D 38 -1.17 -32.66 -1.61
N ASP D 39 -1.42 -33.41 -2.68
CA ASP D 39 -1.84 -34.81 -2.58
C ASP D 39 -0.80 -35.68 -1.86
N LYS D 40 0.47 -35.49 -2.20
CA LYS D 40 1.57 -36.23 -1.58
C LYS D 40 1.68 -35.94 -0.09
N ILE D 41 1.64 -34.66 0.26
CA ILE D 41 1.71 -34.22 1.66
C ILE D 41 0.62 -34.89 2.49
N LYS D 42 -0.61 -34.82 1.99
CA LYS D 42 -1.76 -35.42 2.66
C LYS D 42 -1.58 -36.91 2.90
N LYS D 43 -1.21 -37.63 1.84
CA LYS D 43 -1.10 -39.08 1.88
C LYS D 43 0.16 -39.60 2.58
N LYS D 44 1.19 -38.76 2.68
CA LYS D 44 2.45 -39.17 3.29
C LYS D 44 2.74 -38.55 4.66
N LEU D 45 2.29 -37.31 4.85
CA LEU D 45 2.60 -36.58 6.09
C LEU D 45 1.43 -36.44 7.07
N ILE D 46 0.20 -36.48 6.57
CA ILE D 46 -0.97 -36.24 7.40
C ILE D 46 -1.81 -37.50 7.69
N LEU D 47 -2.29 -38.16 6.64
CA LEU D 47 -3.24 -39.28 6.78
C LEU D 47 -2.72 -40.52 7.55
N PRO D 48 -1.45 -40.91 7.38
CA PRO D 48 -0.90 -42.03 8.16
C PRO D 48 -0.83 -41.80 9.68
N TYR D 49 -0.94 -40.55 10.13
CA TYR D 49 -0.81 -40.24 11.56
C TYR D 49 -2.09 -39.71 12.18
N LEU D 50 -3.04 -39.32 11.35
CA LEU D 50 -4.29 -38.73 11.82
C LEU D 50 -5.52 -39.44 11.27
N ASP D 51 -6.50 -39.65 12.14
CA ASP D 51 -7.81 -40.12 11.72
C ASP D 51 -8.69 -38.89 11.52
N VAL D 52 -8.63 -38.33 10.31
CA VAL D 52 -9.36 -37.11 9.99
C VAL D 52 -10.53 -37.30 9.06
N ASP D 53 -11.56 -36.50 9.29
CA ASP D 53 -12.70 -36.41 8.41
C ASP D 53 -12.51 -35.15 7.56
N LEU D 54 -11.99 -35.34 6.36
CA LEU D 54 -11.71 -34.23 5.47
C LEU D 54 -12.89 -33.92 4.58
N LYS D 55 -13.52 -32.78 4.81
CA LYS D 55 -14.61 -32.32 3.94
C LYS D 55 -13.96 -31.76 2.68
N TYR D 56 -14.07 -32.52 1.59
CA TYR D 56 -13.33 -32.22 0.36
C TYR D 56 -14.06 -31.29 -0.58
N TYR D 57 -13.37 -30.22 -0.98
CA TYR D 57 -13.89 -29.26 -1.96
C TYR D 57 -12.80 -28.98 -3.00
N ASP D 58 -12.96 -29.61 -4.16
CA ASP D 58 -12.01 -29.40 -5.26
C ASP D 58 -12.17 -28.01 -5.85
N LEU D 59 -11.19 -27.16 -5.59
CA LEU D 59 -11.22 -25.79 -6.09
C LEU D 59 -10.27 -25.61 -7.27
N SER D 60 -10.06 -26.69 -8.01
CA SER D 60 -9.29 -26.63 -9.25
C SER D 60 -10.02 -25.72 -10.23
N VAL D 61 -9.29 -25.20 -11.21
CA VAL D 61 -9.87 -24.31 -12.22
C VAL D 61 -11.02 -25.02 -12.94
N GLU D 62 -10.76 -26.23 -13.42
CA GLU D 62 -11.75 -27.04 -14.13
C GLU D 62 -12.99 -27.33 -13.27
N SER D 63 -12.79 -27.64 -11.99
CA SER D 63 -13.89 -27.88 -11.06
C SER D 63 -14.73 -26.63 -10.85
N ARG D 64 -14.07 -25.48 -10.77
CA ARG D 64 -14.75 -24.20 -10.64
C ARG D 64 -15.52 -23.85 -11.93
N ASP D 65 -14.90 -24.10 -13.08
CA ASP D 65 -15.55 -23.84 -14.37
C ASP D 65 -16.81 -24.69 -14.56
N ALA D 66 -16.78 -25.92 -14.05
CA ALA D 66 -17.90 -26.85 -14.17
C ALA D 66 -19.06 -26.48 -13.23
N THR D 67 -18.74 -25.90 -12.08
CA THR D 67 -19.75 -25.55 -11.08
C THR D 67 -20.14 -24.07 -11.14
N SER D 68 -19.48 -23.32 -12.02
CA SER D 68 -19.67 -21.86 -12.14
C SER D 68 -19.23 -21.14 -10.87
N ASP D 69 -18.04 -21.52 -10.38
CA ASP D 69 -17.45 -20.98 -9.14
C ASP D 69 -18.34 -21.17 -7.89
N LYS D 70 -19.42 -21.94 -8.05
CA LYS D 70 -20.34 -22.24 -6.96
C LYS D 70 -19.68 -23.09 -5.88
N ILE D 71 -18.77 -23.97 -6.30
CA ILE D 71 -18.00 -24.79 -5.37
C ILE D 71 -17.16 -23.94 -4.42
N THR D 72 -16.61 -22.84 -4.94
CA THR D 72 -15.84 -21.89 -4.14
C THR D 72 -16.70 -21.40 -2.98
N GLN D 73 -17.93 -21.01 -3.29
CA GLN D 73 -18.89 -20.57 -2.29
C GLN D 73 -19.17 -21.68 -1.30
N ASP D 74 -19.51 -22.87 -1.81
CA ASP D 74 -19.75 -24.04 -0.98
C ASP D 74 -18.63 -24.26 0.03
N ALA D 75 -17.40 -24.24 -0.47
CA ALA D 75 -16.22 -24.41 0.37
C ALA D 75 -16.12 -23.30 1.42
N ALA D 76 -16.48 -22.08 1.03
CA ALA D 76 -16.41 -20.93 1.92
C ALA D 76 -17.35 -21.07 3.11
N GLU D 77 -18.58 -21.52 2.87
CA GLU D 77 -19.54 -21.73 3.96
C GLU D 77 -19.23 -22.99 4.77
N ALA D 78 -18.48 -23.92 4.17
CA ALA D 78 -18.03 -25.11 4.87
C ALA D 78 -17.01 -24.74 5.95
N ILE D 79 -16.13 -23.80 5.64
CA ILE D 79 -15.19 -23.24 6.62
C ILE D 79 -15.98 -22.62 7.77
N LYS D 80 -17.00 -21.84 7.42
CA LYS D 80 -17.84 -21.14 8.39
C LYS D 80 -18.56 -22.11 9.33
N LYS D 81 -19.11 -23.18 8.76
CA LYS D 81 -19.88 -24.17 9.52
C LYS D 81 -19.00 -24.96 10.49
N TYR D 82 -17.89 -25.51 9.99
CA TYR D 82 -17.04 -26.40 10.77
C TYR D 82 -15.98 -25.69 11.61
N GLY D 83 -15.40 -24.62 11.08
CA GLY D 83 -14.46 -23.81 11.85
C GLY D 83 -13.06 -23.69 11.28
N VAL D 84 -12.55 -24.75 10.67
CA VAL D 84 -11.18 -24.74 10.16
C VAL D 84 -11.08 -25.23 8.71
N GLY D 85 -10.50 -24.38 7.86
CA GLY D 85 -10.25 -24.73 6.48
C GLY D 85 -8.77 -24.72 6.15
N ILE D 86 -8.36 -25.68 5.34
CA ILE D 86 -6.97 -25.78 4.89
C ILE D 86 -6.95 -25.75 3.36
N LYS D 87 -6.48 -24.63 2.80
CA LYS D 87 -6.53 -24.39 1.37
C LYS D 87 -5.21 -24.54 0.62
N CYS D 88 -5.30 -25.16 -0.55
CA CYS D 88 -4.17 -25.32 -1.47
C CYS D 88 -4.15 -24.14 -2.44
N ALA D 89 -2.95 -23.79 -2.91
CA ALA D 89 -2.77 -22.66 -3.82
C ALA D 89 -3.52 -22.85 -5.14
N THR D 90 -4.50 -21.97 -5.39
CA THR D 90 -5.31 -22.04 -6.59
C THR D 90 -4.81 -21.08 -7.65
N ILE D 91 -5.37 -21.20 -8.85
CA ILE D 91 -5.04 -20.31 -9.96
C ILE D 91 -6.23 -19.42 -10.29
N THR D 92 -5.94 -18.13 -10.46
CA THR D 92 -6.92 -17.17 -10.96
C THR D 92 -6.68 -16.99 -12.45
N PRO D 93 -7.58 -17.53 -13.28
CA PRO D 93 -7.40 -17.52 -14.74
C PRO D 93 -7.44 -16.13 -15.36
N ASP D 94 -6.47 -15.85 -16.24
CA ASP D 94 -6.44 -14.61 -17.01
C ASP D 94 -7.02 -14.87 -18.41
N GLU D 95 -7.11 -13.82 -19.22
CA GLU D 95 -7.67 -13.93 -20.57
C GLU D 95 -7.13 -15.12 -21.36
N ALA D 96 -5.82 -15.35 -21.27
CA ALA D 96 -5.17 -16.47 -21.97
C ALA D 96 -5.58 -17.83 -21.39
N ARG D 97 -5.73 -17.90 -20.07
CA ARG D 97 -6.18 -19.11 -19.40
C ARG D 97 -7.61 -19.45 -19.80
N VAL D 98 -8.48 -18.44 -19.71
CA VAL D 98 -9.89 -18.56 -20.09
C VAL D 98 -10.05 -19.03 -21.53
N LYS D 99 -9.15 -18.59 -22.41
CA LYS D 99 -9.19 -18.95 -23.82
C LYS D 99 -8.51 -20.29 -24.12
N GLU D 100 -7.29 -20.47 -23.63
CA GLU D 100 -6.50 -21.68 -23.89
C GLU D 100 -7.17 -22.93 -23.33
N PHE D 101 -7.63 -22.84 -22.08
CA PHE D 101 -8.27 -23.96 -21.40
C PHE D 101 -9.77 -24.02 -21.68
N ASN D 102 -10.25 -23.05 -22.46
CA ASN D 102 -11.65 -22.97 -22.89
C ASN D 102 -12.66 -22.95 -21.73
N LEU D 103 -12.58 -21.90 -20.92
CA LEU D 103 -13.48 -21.74 -19.78
C LEU D 103 -14.56 -20.71 -20.10
N HIS D 104 -15.55 -20.59 -19.21
CA HIS D 104 -16.64 -19.65 -19.38
C HIS D 104 -16.21 -18.23 -19.00
N LYS D 105 -16.84 -17.68 -17.97
CA LYS D 105 -16.49 -16.34 -17.47
C LYS D 105 -15.07 -16.34 -16.89
N MET D 106 -14.46 -15.15 -16.84
CA MET D 106 -13.17 -14.98 -16.19
C MET D 106 -13.39 -15.00 -14.67
N TRP D 107 -13.37 -16.21 -14.11
CA TRP D 107 -13.68 -16.43 -12.69
C TRP D 107 -12.83 -15.57 -11.76
N LYS D 108 -13.45 -15.15 -10.67
CA LYS D 108 -12.78 -14.32 -9.67
C LYS D 108 -11.85 -15.17 -8.81
N SER D 109 -10.86 -14.52 -8.20
CA SER D 109 -9.94 -15.19 -7.28
C SER D 109 -10.71 -15.83 -6.13
N PRO D 110 -10.51 -17.14 -5.92
CA PRO D 110 -11.16 -17.84 -4.81
C PRO D 110 -10.81 -17.20 -3.47
N ASN D 111 -9.53 -16.88 -3.27
CA ASN D 111 -9.07 -16.26 -2.05
C ASN D 111 -9.82 -14.96 -1.73
N GLY D 112 -10.01 -14.13 -2.75
CA GLY D 112 -10.80 -12.92 -2.62
C GLY D 112 -12.22 -13.20 -2.17
N THR D 113 -12.85 -14.16 -2.85
CA THR D 113 -14.21 -14.60 -2.54
C THR D 113 -14.32 -15.17 -1.13
N ILE D 114 -13.40 -16.05 -0.76
CA ILE D 114 -13.38 -16.67 0.57
C ILE D 114 -13.15 -15.62 1.66
N ARG D 115 -12.23 -14.70 1.41
CA ARG D 115 -11.98 -13.60 2.34
C ARG D 115 -13.21 -12.70 2.47
N ASN D 116 -13.84 -12.40 1.33
CA ASN D 116 -15.05 -11.56 1.33
C ASN D 116 -16.23 -12.19 2.07
N ILE D 117 -16.32 -13.52 1.99
CA ILE D 117 -17.40 -14.26 2.64
C ILE D 117 -17.17 -14.36 4.16
N LEU D 118 -16.00 -14.82 4.56
CA LEU D 118 -15.69 -15.03 5.98
C LEU D 118 -15.31 -13.74 6.70
N GLY D 119 -14.64 -12.84 5.99
CA GLY D 119 -14.15 -11.59 6.58
C GLY D 119 -13.03 -11.82 7.57
N GLY D 120 -12.53 -10.73 8.17
CA GLY D 120 -11.56 -10.84 9.23
C GLY D 120 -10.16 -10.31 8.94
N THR D 121 -9.15 -11.06 9.34
CA THR D 121 -7.76 -10.67 9.19
C THR D 121 -6.90 -11.83 8.70
N VAL D 122 -6.13 -11.59 7.64
CA VAL D 122 -5.14 -12.55 7.17
C VAL D 122 -3.83 -12.26 7.89
N PHE D 123 -3.31 -13.26 8.59
CA PHE D 123 -2.04 -13.11 9.30
C PHE D 123 -0.92 -13.75 8.51
N ARG D 124 0.13 -12.97 8.27
CA ARG D 124 1.24 -13.40 7.42
C ARG D 124 2.57 -13.30 8.17
N GLU D 125 3.17 -14.45 8.42
CA GLU D 125 4.40 -14.56 9.19
C GLU D 125 5.44 -15.40 8.44
N PRO D 126 6.71 -14.99 8.46
CA PRO D 126 7.79 -15.76 7.83
C PRO D 126 8.10 -17.11 8.48
N ILE D 127 8.38 -18.11 7.66
CA ILE D 127 8.87 -19.39 8.14
C ILE D 127 10.39 -19.28 8.28
N VAL D 128 10.83 -19.05 9.51
CA VAL D 128 12.23 -18.77 9.78
C VAL D 128 13.11 -20.02 9.81
N ILE D 129 14.04 -20.08 8.86
CA ILE D 129 15.07 -21.11 8.80
C ILE D 129 16.41 -20.37 8.90
N PRO D 130 17.02 -20.37 10.10
CA PRO D 130 18.25 -19.61 10.38
C PRO D 130 19.39 -19.85 9.38
N ARG D 131 19.55 -21.08 8.93
CA ARG D 131 20.54 -21.47 7.92
C ARG D 131 20.41 -20.63 6.63
N ILE D 132 19.18 -20.16 6.36
CA ILE D 132 18.89 -19.40 5.15
C ILE D 132 19.25 -17.92 5.29
N PRO D 133 20.03 -17.40 4.34
CA PRO D 133 20.43 -15.98 4.33
C PRO D 133 19.24 -15.04 4.29
N ARG D 134 19.35 -13.94 5.02
CA ARG D 134 18.31 -12.91 5.07
C ARG D 134 18.73 -11.72 4.24
N LEU D 135 17.85 -11.29 3.34
CA LEU D 135 18.11 -10.15 2.48
C LEU D 135 18.06 -8.84 3.27
N VAL D 136 17.47 -8.90 4.46
CA VAL D 136 17.51 -7.80 5.42
C VAL D 136 18.09 -8.33 6.74
N PRO D 137 19.42 -8.24 6.87
CA PRO D 137 20.19 -8.80 8.00
C PRO D 137 19.67 -8.51 9.40
N ARG D 138 19.29 -7.25 9.67
CA ARG D 138 18.84 -6.85 11.00
C ARG D 138 17.63 -7.65 11.49
N TRP D 139 16.77 -8.05 10.56
CA TRP D 139 15.54 -8.77 10.88
C TRP D 139 15.82 -10.11 11.55
N GLU D 140 15.98 -10.07 12.88
CA GLU D 140 16.27 -11.25 13.69
C GLU D 140 15.01 -11.84 14.31
N LYS D 141 14.08 -10.97 14.70
CA LYS D 141 12.82 -11.38 15.29
C LYS D 141 11.72 -11.30 14.23
N PRO D 142 10.77 -12.24 14.27
CA PRO D 142 9.69 -12.32 13.27
C PRO D 142 8.83 -11.06 13.16
N ILE D 143 8.48 -10.68 11.93
CA ILE D 143 7.54 -9.59 11.68
C ILE D 143 6.22 -10.16 11.16
N ILE D 144 5.14 -9.90 11.91
CA ILE D 144 3.82 -10.39 11.50
C ILE D 144 3.00 -9.26 10.89
N ILE D 145 2.38 -9.54 9.74
CA ILE D 145 1.47 -8.61 9.11
C ILE D 145 0.03 -9.06 9.27
N GLY D 146 -0.76 -8.22 9.94
CA GLY D 146 -2.19 -8.43 10.07
C GLY D 146 -2.90 -7.67 8.97
N ARG D 147 -3.15 -8.37 7.87
CA ARG D 147 -3.77 -7.76 6.70
C ARG D 147 -5.29 -7.84 6.78
N HIS D 148 -5.94 -6.69 6.62
CA HIS D 148 -7.40 -6.62 6.62
C HIS D 148 -7.95 -7.34 5.40
N ALA D 149 -8.65 -8.46 5.63
CA ALA D 149 -9.08 -9.36 4.56
C ALA D 149 -10.25 -8.86 3.70
N HIS D 150 -10.85 -7.74 4.08
CA HIS D 150 -12.09 -7.28 3.45
C HIS D 150 -12.03 -5.91 2.78
N GLY D 151 -12.77 -5.77 1.68
CA GLY D 151 -13.08 -4.48 1.09
C GLY D 151 -12.00 -3.76 0.31
N ASP D 152 -12.06 -2.42 0.37
CA ASP D 152 -11.15 -1.54 -0.36
C ASP D 152 -11.10 -1.88 -1.85
N GLN D 153 -9.90 -1.96 -2.43
CA GLN D 153 -9.79 -2.18 -3.88
C GLN D 153 -10.23 -3.57 -4.37
N TYR D 154 -10.32 -4.53 -3.44
CA TYR D 154 -10.64 -5.91 -3.80
C TYR D 154 -12.14 -6.14 -4.05
N LYS D 155 -12.95 -5.17 -3.64
CA LYS D 155 -14.39 -5.16 -3.93
C LYS D 155 -14.75 -3.85 -4.62
N ALA D 156 -13.75 -3.19 -5.19
CA ALA D 156 -13.92 -1.87 -5.78
C ALA D 156 -14.62 -1.89 -7.13
N THR D 157 -15.17 -0.73 -7.51
CA THR D 157 -15.77 -0.50 -8.81
C THR D 157 -14.81 0.41 -9.57
N ASP D 158 -14.41 -0.01 -10.77
CA ASP D 158 -13.55 0.81 -11.61
C ASP D 158 -14.04 0.86 -13.05
N THR D 159 -13.97 2.04 -13.66
CA THR D 159 -14.45 2.25 -15.03
C THR D 159 -13.57 3.23 -15.82
N LEU D 160 -13.82 3.28 -17.14
CA LEU D 160 -13.15 4.21 -18.02
C LEU D 160 -14.07 5.39 -18.33
N ILE D 161 -13.51 6.59 -18.31
CA ILE D 161 -14.25 7.79 -18.65
C ILE D 161 -13.87 8.22 -20.06
N PRO D 162 -14.85 8.25 -20.96
CA PRO D 162 -14.62 8.54 -22.38
C PRO D 162 -14.26 10.00 -22.70
N GLY D 163 -14.93 10.96 -22.06
CA GLY D 163 -14.69 12.36 -22.36
C GLY D 163 -15.08 13.32 -21.26
N PRO D 164 -15.06 14.62 -21.56
CA PRO D 164 -15.37 15.66 -20.57
C PRO D 164 -16.75 15.46 -19.93
N GLY D 165 -16.77 15.41 -18.60
CA GLY D 165 -18.01 15.19 -17.87
C GLY D 165 -17.85 15.21 -16.37
N SER D 166 -18.98 15.08 -15.67
CA SER D 166 -19.01 15.11 -14.22
C SER D 166 -18.91 13.71 -13.63
N LEU D 167 -18.14 13.60 -12.55
CA LEU D 167 -18.00 12.35 -11.81
C LEU D 167 -18.40 12.60 -10.36
N GLU D 168 -19.44 11.92 -9.90
CA GLU D 168 -19.91 12.11 -8.52
C GLU D 168 -20.24 10.81 -7.78
N LEU D 169 -19.94 10.82 -6.48
CA LEU D 169 -20.26 9.72 -5.58
C LEU D 169 -21.61 10.01 -4.93
N VAL D 170 -22.57 9.11 -5.13
CA VAL D 170 -23.94 9.32 -4.66
C VAL D 170 -24.36 8.24 -3.66
N TYR D 171 -24.83 8.68 -2.49
CA TYR D 171 -25.32 7.79 -1.45
C TYR D 171 -26.76 8.12 -1.09
N LYS D 172 -27.61 7.09 -1.08
CA LYS D 172 -29.02 7.23 -0.75
C LYS D 172 -29.41 6.29 0.40
N PRO D 173 -29.76 6.86 1.55
CA PRO D 173 -30.10 6.06 2.73
C PRO D 173 -31.41 5.27 2.58
N SER D 174 -31.49 4.12 3.25
CA SER D 174 -32.68 3.28 3.22
C SER D 174 -33.87 3.94 3.92
N ASP D 175 -33.58 4.68 4.98
CA ASP D 175 -34.59 5.47 5.69
C ASP D 175 -34.14 6.93 5.74
N PRO D 176 -34.69 7.76 4.85
CA PRO D 176 -34.35 9.18 4.78
C PRO D 176 -34.57 9.94 6.09
N THR D 177 -35.18 9.27 7.08
CA THR D 177 -35.47 9.86 8.37
C THR D 177 -34.41 9.54 9.44
N THR D 178 -33.63 8.49 9.21
CA THR D 178 -32.55 8.10 10.12
C THR D 178 -31.23 8.73 9.68
N ALA D 179 -31.03 8.80 8.36
CA ALA D 179 -29.84 9.40 7.76
C ALA D 179 -30.25 10.28 6.58
N GLN D 180 -29.33 11.13 6.13
CA GLN D 180 -29.63 12.05 5.02
C GLN D 180 -28.64 11.92 3.86
N PRO D 181 -29.16 11.91 2.63
CA PRO D 181 -28.39 11.61 1.41
C PRO D 181 -27.17 12.52 1.15
N GLN D 182 -26.26 12.01 0.32
CA GLN D 182 -25.04 12.72 -0.05
C GLN D 182 -24.77 12.61 -1.54
N THR D 183 -24.47 13.75 -2.17
CA THR D 183 -24.07 13.81 -3.57
C THR D 183 -22.76 14.59 -3.65
N LEU D 184 -21.65 13.86 -3.79
CA LEU D 184 -20.33 14.47 -3.70
C LEU D 184 -19.60 14.55 -5.03
N LYS D 185 -19.09 15.73 -5.33
CA LYS D 185 -18.32 15.98 -6.55
C LYS D 185 -16.94 15.38 -6.42
N VAL D 186 -16.64 14.40 -7.27
CA VAL D 186 -15.34 13.74 -7.26
C VAL D 186 -14.39 14.44 -8.22
N TYR D 187 -14.87 14.69 -9.45
CA TYR D 187 -14.06 15.32 -10.49
C TYR D 187 -14.89 15.76 -11.69
N ASP D 188 -14.40 16.78 -12.40
CA ASP D 188 -14.97 17.22 -13.67
C ASP D 188 -13.93 17.02 -14.77
N TYR D 189 -14.05 15.88 -15.47
CA TYR D 189 -13.10 15.52 -16.52
C TYR D 189 -13.00 16.56 -17.63
N LYS D 190 -11.76 16.92 -17.98
CA LYS D 190 -11.48 17.79 -19.11
C LYS D 190 -11.19 16.94 -20.34
N GLY D 191 -11.12 15.62 -20.12
CA GLY D 191 -10.85 14.65 -21.17
C GLY D 191 -10.97 13.22 -20.66
N SER D 192 -10.52 12.28 -21.48
CA SER D 192 -10.58 10.86 -21.13
C SER D 192 -9.73 10.51 -19.91
N GLY D 193 -10.10 9.44 -19.21
CA GLY D 193 -9.36 9.02 -18.02
C GLY D 193 -9.95 7.82 -17.31
N VAL D 194 -9.49 7.59 -16.08
CA VAL D 194 -9.96 6.46 -15.27
C VAL D 194 -10.72 6.91 -14.03
N ALA D 195 -11.56 6.01 -13.50
CA ALA D 195 -12.33 6.29 -12.30
C ALA D 195 -12.54 5.03 -11.48
N MET D 196 -12.39 5.17 -10.16
CA MET D 196 -12.68 4.06 -9.25
C MET D 196 -13.25 4.56 -7.92
N ALA D 197 -14.11 3.74 -7.34
CA ALA D 197 -14.65 4.00 -6.01
C ALA D 197 -14.69 2.70 -5.22
N MET D 198 -14.32 2.79 -3.94
CA MET D 198 -14.29 1.63 -3.07
C MET D 198 -14.97 1.94 -1.74
N TYR D 199 -15.00 0.94 -0.85
CA TYR D 199 -15.70 1.07 0.42
C TYR D 199 -15.14 0.10 1.45
N ASN D 200 -15.62 0.27 2.67
CA ASN D 200 -15.44 -0.69 3.75
C ASN D 200 -16.49 -0.44 4.83
N THR D 201 -16.66 -1.38 5.74
CA THR D 201 -17.66 -1.27 6.78
C THR D 201 -17.02 -1.14 8.15
N ASP D 202 -17.68 -0.39 9.03
CA ASP D 202 -17.22 -0.21 10.41
C ASP D 202 -17.03 -1.54 11.14
N GLU D 203 -17.95 -2.48 10.92
CA GLU D 203 -17.90 -3.79 11.56
C GLU D 203 -16.68 -4.60 11.11
N SER D 204 -16.39 -4.56 9.82
CA SER D 204 -15.22 -5.23 9.25
C SER D 204 -13.93 -4.67 9.86
N ILE D 205 -13.84 -3.34 9.90
CA ILE D 205 -12.69 -2.65 10.48
C ILE D 205 -12.59 -2.95 11.99
N GLU D 206 -13.74 -2.97 12.67
CA GLU D 206 -13.80 -3.28 14.10
C GLU D 206 -13.32 -4.69 14.38
N GLY D 207 -13.67 -5.62 13.50
CA GLY D 207 -13.22 -7.00 13.61
C GLY D 207 -11.74 -7.14 13.30
N PHE D 208 -11.28 -6.28 12.38
CA PHE D 208 -9.87 -6.19 12.03
C PHE D 208 -9.06 -5.75 13.26
N ALA D 209 -9.56 -4.75 13.98
CA ALA D 209 -8.91 -4.23 15.18
C ALA D 209 -8.76 -5.28 16.28
N HIS D 210 -9.89 -5.91 16.65
CA HIS D 210 -9.91 -6.90 17.71
C HIS D 210 -8.91 -8.04 17.50
N SER D 211 -8.88 -8.60 16.30
CA SER D 211 -7.96 -9.69 15.96
C SER D 211 -6.49 -9.26 16.05
N SER D 212 -6.21 -8.01 15.68
CA SER D 212 -4.85 -7.48 15.76
C SER D 212 -4.41 -7.35 17.21
N PHE D 213 -5.26 -6.73 18.03
CA PHE D 213 -4.98 -6.51 19.45
C PHE D 213 -4.80 -7.82 20.23
N LYS D 214 -5.53 -8.86 19.84
CA LYS D 214 -5.45 -10.17 20.49
C LYS D 214 -4.16 -10.91 20.17
N LEU D 215 -3.80 -10.97 18.88
CA LEU D 215 -2.55 -11.60 18.45
C LEU D 215 -1.35 -10.94 19.12
N ALA D 216 -1.43 -9.62 19.29
CA ALA D 216 -0.39 -8.83 19.95
C ALA D 216 -0.23 -9.21 21.42
N ILE D 217 -1.35 -9.37 22.12
CA ILE D 217 -1.35 -9.76 23.53
C ILE D 217 -0.84 -11.18 23.71
N ASP D 218 -1.23 -12.07 22.79
CA ASP D 218 -0.82 -13.47 22.82
C ASP D 218 0.69 -13.64 22.64
N LYS D 219 1.18 -13.19 21.48
CA LYS D 219 2.59 -13.30 21.13
C LYS D 219 3.44 -12.27 21.87
N LYS D 220 2.78 -11.47 22.72
CA LYS D 220 3.42 -10.43 23.51
C LYS D 220 4.29 -9.51 22.65
N LEU D 221 3.68 -9.00 21.58
CA LEU D 221 4.36 -8.15 20.61
C LEU D 221 3.70 -6.78 20.50
N ASN D 222 4.49 -5.77 20.16
CA ASN D 222 3.98 -4.43 19.88
C ASN D 222 3.09 -4.43 18.65
N LEU D 223 2.14 -3.50 18.61
CA LEU D 223 1.21 -3.40 17.48
C LEU D 223 1.29 -2.04 16.80
N PHE D 224 1.54 -2.05 15.49
CA PHE D 224 1.51 -0.83 14.70
C PHE D 224 0.42 -0.89 13.63
N LEU D 225 -0.34 0.19 13.52
CA LEU D 225 -1.37 0.33 12.50
C LEU D 225 -0.94 1.42 11.54
N SER D 226 -0.89 1.08 10.25
CA SER D 226 -0.44 2.03 9.23
C SER D 226 -1.53 2.49 8.31
N THR D 227 -1.55 3.80 8.08
CA THR D 227 -2.63 4.47 7.35
C THR D 227 -2.05 5.70 6.64
N LYS D 228 -2.83 6.29 5.74
CA LYS D 228 -2.48 7.56 5.10
C LYS D 228 -3.58 8.59 5.39
N ASN D 229 -3.96 8.69 6.66
CA ASN D 229 -5.10 9.51 7.08
C ASN D 229 -4.86 11.03 7.05
N THR D 230 -3.61 11.43 6.85
CA THR D 230 -3.28 12.83 6.66
C THR D 230 -3.78 13.29 5.28
N ILE D 231 -3.99 12.32 4.39
CA ILE D 231 -4.46 12.58 3.03
C ILE D 231 -5.90 12.08 2.85
N LEU D 232 -6.21 10.94 3.47
CA LEU D 232 -7.56 10.38 3.47
C LEU D 232 -8.14 10.52 4.88
N LYS D 233 -8.46 11.76 5.25
CA LYS D 233 -8.90 12.11 6.60
C LYS D 233 -10.08 11.31 7.13
N LYS D 234 -11.03 11.00 6.24
CA LYS D 234 -12.24 10.30 6.64
C LYS D 234 -12.13 8.80 6.45
N TYR D 235 -11.74 8.38 5.24
CA TYR D 235 -11.61 6.96 4.92
C TYR D 235 -10.57 6.27 5.81
N ASP D 236 -9.34 6.75 5.73
CA ASP D 236 -8.24 6.17 6.48
C ASP D 236 -8.32 6.54 7.96
N GLY D 237 -8.82 7.75 8.23
CA GLY D 237 -9.03 8.21 9.59
C GLY D 237 -9.94 7.29 10.37
N ARG D 238 -10.90 6.69 9.67
CA ARG D 238 -11.84 5.74 10.27
C ARG D 238 -11.12 4.55 10.87
N PHE D 239 -10.08 4.06 10.18
CA PHE D 239 -9.28 2.96 10.67
C PHE D 239 -8.57 3.36 11.96
N LYS D 240 -7.88 4.50 11.90
CA LYS D 240 -7.17 5.05 13.06
C LYS D 240 -8.10 5.23 14.26
N ASP D 241 -9.30 5.76 14.01
CA ASP D 241 -10.27 6.01 15.07
C ASP D 241 -10.81 4.73 15.68
N ILE D 242 -11.27 3.81 14.85
CA ILE D 242 -11.82 2.53 15.33
C ILE D 242 -10.78 1.77 16.15
N PHE D 243 -9.56 1.67 15.63
CA PHE D 243 -8.47 1.01 16.34
C PHE D 243 -8.23 1.61 17.72
N GLN D 244 -8.18 2.94 17.79
CA GLN D 244 -8.03 3.68 19.04
C GLN D 244 -9.20 3.43 19.98
N GLU D 245 -10.41 3.42 19.40
CA GLU D 245 -11.65 3.13 20.12
C GLU D 245 -11.56 1.76 20.80
N VAL D 246 -11.34 0.73 19.98
CA VAL D 246 -11.23 -0.65 20.45
C VAL D 246 -10.10 -0.81 21.48
N TYR D 247 -9.03 -0.05 21.29
CA TYR D 247 -7.89 -0.10 22.20
C TYR D 247 -8.24 0.38 23.61
N GLU D 248 -9.00 1.48 23.68
CA GLU D 248 -9.41 2.04 24.96
C GLU D 248 -10.66 1.34 25.51
N ALA D 249 -11.17 0.38 24.74
CA ALA D 249 -12.36 -0.35 25.11
C ALA D 249 -12.07 -1.68 25.81
N GLN D 250 -11.01 -2.38 25.42
CA GLN D 250 -10.77 -3.72 25.93
C GLN D 250 -9.30 -4.10 26.18
N TYR D 251 -8.37 -3.43 25.51
CA TYR D 251 -6.97 -3.90 25.49
C TYR D 251 -5.92 -2.97 26.08
N LYS D 252 -6.30 -1.73 26.38
CA LYS D 252 -5.37 -0.74 26.93
C LYS D 252 -4.64 -1.22 28.18
N SER D 253 -5.38 -1.83 29.10
CA SER D 253 -4.80 -2.32 30.36
C SER D 253 -3.87 -3.51 30.16
N LYS D 254 -4.27 -4.44 29.29
CA LYS D 254 -3.49 -5.65 29.02
C LYS D 254 -2.15 -5.34 28.36
N PHE D 255 -2.12 -4.29 27.54
CA PHE D 255 -0.90 -3.85 26.89
C PHE D 255 0.09 -3.28 27.90
N GLU D 256 -0.40 -2.41 28.79
CA GLU D 256 0.42 -1.82 29.84
C GLU D 256 0.98 -2.88 30.80
N GLN D 257 0.13 -3.82 31.19
CA GLN D 257 0.53 -4.93 32.07
C GLN D 257 1.69 -5.71 31.48
N LEU D 258 1.55 -6.12 30.22
CA LEU D 258 2.58 -6.90 29.53
C LEU D 258 3.76 -6.06 29.10
N GLY D 259 3.59 -4.74 29.14
CA GLY D 259 4.64 -3.82 28.73
C GLY D 259 4.75 -3.66 27.23
N ILE D 260 3.69 -4.00 26.51
CA ILE D 260 3.65 -3.81 25.06
C ILE D 260 2.88 -2.53 24.72
N HIS D 261 3.06 -2.05 23.49
CA HIS D 261 2.50 -0.75 23.08
C HIS D 261 1.79 -0.80 21.74
N TYR D 262 0.68 -0.07 21.66
CA TYR D 262 0.01 0.15 20.39
C TYR D 262 0.30 1.58 19.91
N GLU D 263 0.39 1.75 18.59
CA GLU D 263 0.67 3.05 18.00
C GLU D 263 0.18 3.12 16.55
N HIS D 264 -0.45 4.23 16.19
CA HIS D 264 -0.78 4.48 14.79
C HIS D 264 0.37 5.23 14.14
N ARG D 265 0.66 4.87 12.89
CA ARG D 265 1.72 5.51 12.11
C ARG D 265 1.27 5.66 10.66
N LEU D 266 1.76 6.70 9.99
CA LEU D 266 1.57 6.80 8.55
C LEU D 266 2.35 5.67 7.89
N ILE D 267 1.78 5.09 6.83
CA ILE D 267 2.38 3.94 6.15
C ILE D 267 3.85 4.16 5.74
N ASP D 268 4.17 5.33 5.18
CA ASP D 268 5.51 5.60 4.70
C ASP D 268 6.58 5.66 5.80
N ASP D 269 6.23 6.16 6.97
CA ASP D 269 7.17 6.14 8.10
C ASP D 269 7.34 4.73 8.65
N MET D 270 6.25 3.97 8.67
CA MET D 270 6.25 2.62 9.20
C MET D 270 7.09 1.66 8.36
N VAL D 271 6.87 1.63 7.06
CA VAL D 271 7.63 0.76 6.17
C VAL D 271 9.12 1.09 6.21
N ALA D 272 9.43 2.37 6.38
CA ALA D 272 10.80 2.83 6.56
C ALA D 272 11.37 2.31 7.87
N GLN D 273 10.57 2.41 8.94
CA GLN D 273 10.98 1.89 10.25
C GLN D 273 11.13 0.37 10.20
N MET D 274 10.23 -0.28 9.46
CA MET D 274 10.24 -1.74 9.30
C MET D 274 11.56 -2.19 8.68
N ILE D 275 11.93 -1.54 7.57
CA ILE D 275 13.18 -1.81 6.87
C ILE D 275 14.40 -1.54 7.75
N LYS D 276 14.26 -0.57 8.65
CA LYS D 276 15.35 -0.16 9.55
C LYS D 276 15.43 -1.01 10.82
N SER D 277 14.31 -1.60 11.23
CA SER D 277 14.22 -2.34 12.49
C SER D 277 14.91 -3.71 12.48
N LYS D 278 14.90 -4.37 13.62
CA LYS D 278 15.44 -5.72 13.77
C LYS D 278 14.31 -6.75 13.89
N GLY D 279 13.12 -6.38 13.42
CA GLY D 279 11.95 -7.22 13.51
C GLY D 279 11.38 -7.29 14.92
N GLY D 280 10.37 -8.14 15.10
CA GLY D 280 9.79 -8.38 16.41
C GLY D 280 8.58 -7.54 16.76
N PHE D 281 7.64 -7.43 15.82
CA PHE D 281 6.40 -6.65 16.02
C PHE D 281 5.36 -7.05 14.99
N ILE D 282 4.11 -6.69 15.25
CA ILE D 282 3.00 -6.92 14.33
C ILE D 282 2.62 -5.61 13.63
N MET D 283 2.32 -5.71 12.33
CA MET D 283 1.92 -4.55 11.54
C MET D 283 0.52 -4.73 10.97
N ALA D 284 -0.46 -4.13 11.64
CA ALA D 284 -1.83 -4.12 11.13
C ALA D 284 -1.87 -3.23 9.89
N LEU D 285 -2.36 -3.80 8.79
CA LEU D 285 -2.40 -3.10 7.51
C LEU D 285 -3.73 -3.29 6.81
N LYS D 286 -4.13 -2.27 6.05
CA LYS D 286 -5.35 -2.37 5.24
C LYS D 286 -5.12 -3.39 4.12
N ASN D 287 -6.21 -3.87 3.53
CA ASN D 287 -6.16 -4.91 2.51
C ASN D 287 -4.98 -4.86 1.53
N TYR D 288 -4.85 -3.73 0.84
CA TYR D 288 -3.82 -3.58 -0.20
C TYR D 288 -2.38 -3.59 0.33
N ASP D 289 -2.12 -2.80 1.37
CA ASP D 289 -0.79 -2.71 1.95
C ASP D 289 -0.32 -4.05 2.49
N GLY D 290 -1.19 -4.70 3.25
CA GLY D 290 -0.91 -6.03 3.78
C GLY D 290 -0.48 -6.99 2.68
N ASP D 291 -1.24 -6.99 1.59
CA ASP D 291 -0.95 -7.79 0.41
C ASP D 291 0.47 -7.53 -0.13
N VAL D 292 0.79 -6.27 -0.38
CA VAL D 292 2.08 -5.88 -0.94
C VAL D 292 3.23 -6.08 0.05
N GLN D 293 3.03 -5.63 1.29
CA GLN D 293 4.07 -5.71 2.32
C GLN D 293 4.39 -7.13 2.75
N SER D 294 3.42 -8.03 2.62
CA SER D 294 3.64 -9.45 2.92
C SER D 294 4.77 -10.00 2.07
N ASP D 295 4.71 -9.71 0.77
CA ASP D 295 5.74 -10.13 -0.18
C ASP D 295 7.10 -9.52 0.18
N ILE D 296 7.11 -8.23 0.51
CA ILE D 296 8.33 -7.55 0.93
C ILE D 296 8.93 -8.25 2.15
N VAL D 297 8.13 -8.37 3.22
CA VAL D 297 8.58 -9.03 4.45
C VAL D 297 9.06 -10.44 4.17
N ALA D 298 8.28 -11.22 3.43
CA ALA D 298 8.64 -12.59 3.07
C ALA D 298 10.00 -12.65 2.39
N GLN D 299 10.19 -11.82 1.37
CA GLN D 299 11.44 -11.79 0.63
C GLN D 299 12.60 -11.34 1.51
N GLY D 300 12.37 -10.32 2.33
CA GLY D 300 13.37 -9.80 3.25
C GLY D 300 13.91 -10.85 4.21
N PHE D 301 13.02 -11.67 4.74
CA PHE D 301 13.40 -12.72 5.68
C PHE D 301 14.20 -13.86 5.03
N GLY D 302 14.05 -14.03 3.71
CA GLY D 302 14.81 -15.03 3.00
C GLY D 302 14.26 -15.41 1.64
N SER D 303 13.00 -15.83 1.62
CA SER D 303 12.34 -16.31 0.41
C SER D 303 10.83 -16.07 0.47
N LEU D 304 10.21 -15.93 -0.70
CA LEU D 304 8.76 -15.77 -0.78
C LEU D 304 8.01 -17.02 -0.30
N GLY D 305 8.62 -18.18 -0.52
CA GLY D 305 8.02 -19.46 -0.14
C GLY D 305 8.14 -19.82 1.32
N LEU D 306 8.82 -18.98 2.09
CA LEU D 306 8.93 -19.18 3.54
C LEU D 306 7.96 -18.26 4.26
N MET D 307 6.66 -18.43 3.97
CA MET D 307 5.63 -17.57 4.54
C MET D 307 4.36 -18.35 4.88
N THR D 308 3.77 -18.04 6.03
CA THR D 308 2.49 -18.61 6.45
C THR D 308 1.39 -17.59 6.21
N SER D 309 0.16 -18.08 6.02
CA SER D 309 -0.98 -17.22 5.78
C SER D 309 -2.27 -17.82 6.34
N ILE D 310 -2.84 -17.17 7.36
CA ILE D 310 -4.06 -17.64 7.97
C ILE D 310 -5.11 -16.54 8.16
N LEU D 311 -6.30 -16.79 7.63
CA LEU D 311 -7.43 -15.89 7.81
C LEU D 311 -8.18 -16.28 9.09
N VAL D 312 -8.43 -15.30 9.95
CA VAL D 312 -9.16 -15.55 11.19
C VAL D 312 -10.32 -14.58 11.35
N THR D 313 -11.41 -15.06 11.94
CA THR D 313 -12.57 -14.22 12.21
C THR D 313 -12.43 -13.60 13.61
N PRO D 314 -13.06 -12.44 13.80
CA PRO D 314 -12.99 -11.71 15.08
C PRO D 314 -13.49 -12.51 16.28
N ASP D 315 -14.53 -13.32 16.09
CA ASP D 315 -15.13 -14.10 17.18
C ASP D 315 -14.23 -15.23 17.70
N GLY D 316 -13.18 -15.56 16.94
CA GLY D 316 -12.26 -16.60 17.31
C GLY D 316 -12.80 -18.00 17.08
N LYS D 317 -13.75 -18.12 16.15
CA LYS D 317 -14.39 -19.40 15.86
C LYS D 317 -13.91 -20.02 14.54
N THR D 318 -13.73 -19.18 13.53
CA THR D 318 -13.40 -19.63 12.18
C THR D 318 -11.96 -19.30 11.76
N PHE D 319 -11.30 -20.27 11.14
CA PHE D 319 -9.92 -20.13 10.68
C PHE D 319 -9.75 -20.70 9.27
N GLU D 320 -8.98 -20.00 8.44
CA GLU D 320 -8.70 -20.44 7.08
C GLU D 320 -7.19 -20.41 6.81
N SER D 321 -6.56 -21.57 6.93
CA SER D 321 -5.12 -21.71 6.74
C SER D 321 -4.80 -22.04 5.29
N GLU D 322 -4.10 -21.13 4.60
CA GLU D 322 -3.82 -21.30 3.18
C GLU D 322 -2.33 -21.44 2.86
N ALA D 323 -2.04 -21.95 1.67
CA ALA D 323 -0.68 -22.01 1.16
C ALA D 323 -0.41 -20.74 0.36
N ALA D 324 0.63 -20.00 0.75
CA ALA D 324 0.95 -18.72 0.13
C ALA D 324 1.60 -18.88 -1.23
N HIS D 325 2.75 -19.56 -1.26
CA HIS D 325 3.53 -19.78 -2.47
C HIS D 325 2.63 -20.21 -3.64
N GLY D 326 2.41 -19.28 -4.56
CA GLY D 326 1.60 -19.54 -5.74
C GLY D 326 2.20 -20.60 -6.64
N THR D 327 1.34 -21.34 -7.33
CA THR D 327 1.77 -22.41 -8.21
C THR D 327 2.33 -21.88 -9.53
N VAL D 328 3.60 -22.17 -9.79
CA VAL D 328 4.25 -21.75 -11.02
C VAL D 328 3.92 -22.76 -12.13
N THR D 329 3.16 -22.29 -13.11
CA THR D 329 2.69 -23.13 -14.22
C THR D 329 3.82 -23.79 -15.03
N ARG D 330 5.03 -23.26 -14.86
CA ARG D 330 6.21 -23.79 -15.54
C ARG D 330 6.62 -25.14 -14.97
N HIS D 331 6.62 -25.25 -13.65
CA HIS D 331 6.97 -26.47 -12.94
C HIS D 331 6.03 -27.62 -13.29
N TYR D 332 4.78 -27.29 -13.61
CA TYR D 332 3.78 -28.28 -13.97
C TYR D 332 4.05 -28.89 -15.34
N ARG D 333 4.30 -28.03 -16.33
CA ARG D 333 4.57 -28.45 -17.70
C ARG D 333 5.65 -29.53 -17.76
N LYS D 334 6.68 -29.37 -16.95
CA LYS D 334 7.77 -30.34 -16.85
C LYS D 334 7.30 -31.66 -16.22
N TYR D 335 6.50 -31.56 -15.16
CA TYR D 335 5.96 -32.75 -14.50
C TYR D 335 5.05 -33.55 -15.42
N GLN D 336 4.34 -32.84 -16.29
CA GLN D 336 3.45 -33.48 -17.27
C GLN D 336 4.24 -34.20 -18.36
N LYS D 337 5.49 -33.80 -18.56
CA LYS D 337 6.36 -34.40 -19.56
C LYS D 337 7.33 -35.43 -18.95
N GLY D 338 7.11 -35.75 -17.67
CA GLY D 338 7.95 -36.71 -16.96
C GLY D 338 9.34 -36.20 -16.65
N GLU D 339 9.54 -34.88 -16.75
CA GLU D 339 10.83 -34.26 -16.52
C GLU D 339 11.05 -33.91 -15.05
N GLU D 340 12.32 -33.75 -14.67
CA GLU D 340 12.69 -33.47 -13.29
C GLU D 340 12.21 -32.09 -12.82
N THR D 341 11.58 -32.07 -11.65
CA THR D 341 11.07 -30.83 -11.05
C THR D 341 11.58 -30.65 -9.63
N SER D 342 11.73 -29.39 -9.20
CA SER D 342 12.21 -29.09 -7.86
C SER D 342 11.42 -27.95 -7.21
N THR D 343 10.15 -28.21 -6.90
CA THR D 343 9.29 -27.23 -6.27
C THR D 343 9.28 -27.38 -4.75
N ASN D 344 9.27 -26.25 -4.05
CA ASN D 344 9.23 -26.24 -2.59
C ASN D 344 7.83 -26.53 -2.06
N SER D 345 7.77 -27.34 -1.00
CA SER D 345 6.51 -27.75 -0.40
C SER D 345 6.33 -27.29 1.04
N ILE D 346 7.31 -26.55 1.56
CA ILE D 346 7.29 -26.09 2.95
C ILE D 346 6.06 -25.24 3.25
N ALA D 347 5.73 -24.33 2.34
CA ALA D 347 4.55 -23.48 2.50
C ALA D 347 3.26 -24.32 2.55
N SER D 348 3.20 -25.36 1.72
CA SER D 348 2.06 -26.26 1.70
C SER D 348 1.99 -27.14 2.95
N ILE D 349 3.16 -27.55 3.45
CA ILE D 349 3.24 -28.31 4.70
C ILE D 349 2.70 -27.46 5.85
N PHE D 350 3.22 -26.24 5.97
CA PHE D 350 2.84 -25.33 7.04
C PHE D 350 1.36 -24.92 6.97
N ALA D 351 0.81 -24.89 5.76
CA ALA D 351 -0.61 -24.64 5.57
C ALA D 351 -1.44 -25.70 6.29
N TRP D 352 -0.99 -26.94 6.21
CA TRP D 352 -1.64 -28.06 6.89
C TRP D 352 -1.49 -28.00 8.40
N SER D 353 -0.25 -27.80 8.87
CA SER D 353 0.05 -27.80 10.30
C SER D 353 -0.60 -26.65 11.07
N ARG D 354 -0.76 -25.50 10.41
CA ARG D 354 -1.44 -24.36 11.03
C ARG D 354 -2.93 -24.61 11.20
N GLY D 355 -3.52 -25.30 10.23
CA GLY D 355 -4.93 -25.65 10.27
C GLY D 355 -5.24 -26.62 11.38
N LEU D 356 -4.46 -27.70 11.46
CA LEU D 356 -4.65 -28.73 12.50
C LEU D 356 -4.29 -28.18 13.88
N LEU D 357 -3.42 -27.18 13.91
CA LEU D 357 -3.03 -26.49 15.14
C LEU D 357 -4.22 -25.74 15.73
N LYS D 358 -5.01 -25.10 14.87
CA LYS D 358 -6.20 -24.37 15.28
C LYS D 358 -7.32 -25.34 15.62
N ARG D 359 -7.41 -26.41 14.84
CA ARG D 359 -8.37 -27.48 15.10
C ARG D 359 -8.15 -28.04 16.52
N GLY D 360 -6.89 -28.32 16.85
CA GLY D 360 -6.53 -28.79 18.17
C GLY D 360 -6.98 -27.84 19.27
N GLU D 361 -6.70 -26.55 19.11
CA GLU D 361 -7.06 -25.52 20.08
C GLU D 361 -8.57 -25.44 20.31
N LEU D 362 -9.33 -25.50 19.21
CA LEU D 362 -10.79 -25.42 19.28
C LEU D 362 -11.40 -26.65 19.93
N ASP D 363 -10.87 -27.82 19.60
CA ASP D 363 -11.39 -29.09 20.13
C ASP D 363 -10.87 -29.43 21.51
N ASN D 364 -9.75 -28.80 21.90
CA ASN D 364 -9.03 -29.14 23.12
C ASN D 364 -8.50 -30.58 23.00
N THR D 365 -7.59 -30.75 22.04
CA THR D 365 -6.96 -32.04 21.76
C THR D 365 -5.45 -31.82 21.67
N PRO D 366 -4.78 -31.76 22.81
CA PRO D 366 -3.33 -31.47 22.87
C PRO D 366 -2.51 -32.40 21.97
N ALA D 367 -2.97 -33.64 21.82
CA ALA D 367 -2.31 -34.65 20.99
C ALA D 367 -2.10 -34.17 19.55
N LEU D 368 -3.06 -33.41 19.03
CA LEU D 368 -2.98 -32.86 17.68
C LEU D 368 -1.97 -31.71 17.60
N CYS D 369 -2.04 -30.79 18.57
CA CYS D 369 -1.14 -29.65 18.65
C CYS D 369 0.32 -30.10 18.65
N LYS D 370 0.60 -31.18 19.39
CA LYS D 370 1.93 -31.76 19.45
C LYS D 370 2.36 -32.31 18.09
N PHE D 371 1.41 -32.91 17.37
CA PHE D 371 1.69 -33.43 16.03
C PHE D 371 2.01 -32.30 15.06
N ALA D 372 1.19 -31.25 15.09
CA ALA D 372 1.38 -30.08 14.23
C ALA D 372 2.74 -29.44 14.44
N ASN D 373 3.14 -29.30 15.70
CA ASN D 373 4.46 -28.74 16.05
C ASN D 373 5.61 -29.64 15.58
N ILE D 374 5.46 -30.95 15.81
CA ILE D 374 6.46 -31.93 15.36
C ILE D 374 6.57 -31.94 13.83
N LEU D 375 5.44 -31.76 13.15
CA LEU D 375 5.41 -31.66 11.69
C LEU D 375 6.29 -30.52 11.19
N GLU D 376 6.06 -29.32 11.73
CA GLU D 376 6.84 -28.13 11.38
C GLU D 376 8.32 -28.35 11.69
N SER D 377 8.58 -28.86 12.89
CA SER D 377 9.94 -29.12 13.34
C SER D 377 10.67 -30.11 12.42
N ALA D 378 9.98 -31.16 12.00
CA ALA D 378 10.56 -32.16 11.10
C ALA D 378 10.76 -31.60 9.69
N THR D 379 9.93 -30.64 9.32
CA THR D 379 10.03 -29.98 8.02
C THR D 379 11.20 -29.00 8.00
N LEU D 380 11.40 -28.30 9.10
CA LEU D 380 12.45 -27.30 9.20
C LEU D 380 13.83 -27.92 9.34
N ASN D 381 13.96 -28.89 10.24
CA ASN D 381 15.25 -29.56 10.50
C ASN D 381 15.81 -30.30 9.30
N THR D 382 14.94 -30.74 8.39
CA THR D 382 15.36 -31.38 7.14
C THR D 382 16.20 -30.41 6.32
N VAL D 383 15.83 -29.13 6.35
CA VAL D 383 16.60 -28.08 5.69
C VAL D 383 17.71 -27.57 6.61
N GLN D 384 17.38 -27.37 7.88
CA GLN D 384 18.29 -26.78 8.85
C GLN D 384 19.44 -27.71 9.27
N GLN D 385 19.10 -28.91 9.72
CA GLN D 385 20.08 -29.87 10.22
C GLN D 385 20.63 -30.78 9.11
N ASP D 386 19.73 -31.40 8.35
CA ASP D 386 20.11 -32.37 7.32
C ASP D 386 20.63 -31.72 6.04
N GLY D 387 20.30 -30.45 5.85
CA GLY D 387 20.74 -29.71 4.66
C GLY D 387 20.08 -30.15 3.38
N ILE D 388 18.93 -30.81 3.49
CA ILE D 388 18.16 -31.25 2.33
C ILE D 388 17.11 -30.20 1.98
N MET D 389 17.14 -29.71 0.75
CA MET D 389 16.24 -28.64 0.31
C MET D 389 16.00 -28.62 -1.20
N THR D 390 15.06 -27.78 -1.63
CA THR D 390 14.71 -27.63 -3.04
C THR D 390 15.52 -26.51 -3.71
N LYS D 391 15.39 -26.42 -5.03
CA LYS D 391 16.16 -25.49 -5.87
C LYS D 391 16.18 -24.03 -5.40
N ASP D 392 15.00 -23.50 -5.09
CA ASP D 392 14.87 -22.10 -4.66
C ASP D 392 15.70 -21.81 -3.42
N LEU D 393 15.53 -22.63 -2.38
CA LEU D 393 16.25 -22.45 -1.12
C LEU D 393 17.74 -22.73 -1.27
N ALA D 394 18.08 -23.62 -2.19
CA ALA D 394 19.48 -23.93 -2.50
C ALA D 394 20.17 -22.70 -3.06
N LEU D 395 19.54 -22.07 -4.05
CA LEU D 395 20.06 -20.85 -4.66
C LEU D 395 20.11 -19.68 -3.69
N ALA D 396 19.12 -19.61 -2.81
CA ALA D 396 19.07 -18.57 -1.76
C ALA D 396 20.29 -18.65 -0.85
N CYS D 397 20.74 -19.88 -0.59
CA CYS D 397 21.96 -20.11 0.21
C CYS D 397 23.21 -19.68 -0.54
N GLY D 398 23.09 -19.50 -1.87
CA GLY D 398 24.19 -19.06 -2.70
C GLY D 398 24.80 -20.16 -3.54
N ASN D 399 24.35 -21.40 -3.32
CA ASN D 399 24.88 -22.56 -4.03
C ASN D 399 24.19 -22.77 -5.38
N ASN D 400 24.95 -22.59 -6.45
CA ASN D 400 24.43 -22.66 -7.81
C ASN D 400 24.52 -24.05 -8.47
N GLU D 401 25.25 -24.96 -7.81
CA GLU D 401 25.41 -26.33 -8.32
C GLU D 401 24.09 -27.10 -8.23
N ARG D 402 23.86 -27.97 -9.22
CA ARG D 402 22.66 -28.80 -9.23
C ARG D 402 22.62 -29.76 -8.04
N SER D 403 23.78 -30.31 -7.69
CA SER D 403 23.91 -31.26 -6.59
C SER D 403 23.66 -30.66 -5.20
N ALA D 404 23.34 -29.37 -5.17
CA ALA D 404 23.08 -28.66 -3.90
C ALA D 404 21.62 -28.76 -3.46
N TYR D 405 20.74 -29.20 -4.35
CA TYR D 405 19.32 -29.35 -4.04
C TYR D 405 18.77 -30.71 -4.48
N VAL D 406 17.70 -31.13 -3.81
CA VAL D 406 17.01 -32.37 -4.14
C VAL D 406 15.73 -32.09 -4.95
N THR D 407 15.22 -33.12 -5.61
CA THR D 407 14.00 -33.03 -6.42
C THR D 407 12.76 -32.88 -5.52
N THR D 408 11.65 -32.42 -6.12
CA THR D 408 10.38 -32.21 -5.41
C THR D 408 10.01 -33.39 -4.51
N GLU D 409 10.00 -34.58 -5.09
CA GLU D 409 9.64 -35.81 -4.39
C GLU D 409 10.66 -36.18 -3.32
N GLU D 410 11.95 -35.97 -3.63
CA GLU D 410 13.04 -36.30 -2.73
C GLU D 410 12.97 -35.54 -1.40
N PHE D 411 12.61 -34.26 -1.45
CA PHE D 411 12.49 -33.43 -0.26
C PHE D 411 11.40 -33.95 0.68
N LEU D 412 10.26 -34.32 0.10
CA LEU D 412 9.14 -34.85 0.87
C LEU D 412 9.46 -36.20 1.51
N ASP D 413 10.20 -37.04 0.79
CA ASP D 413 10.62 -38.34 1.30
C ASP D 413 11.54 -38.18 2.51
N ALA D 414 12.33 -37.10 2.51
CA ALA D 414 13.23 -36.78 3.60
C ALA D 414 12.47 -36.26 4.82
N VAL D 415 11.43 -35.47 4.57
CA VAL D 415 10.55 -34.99 5.64
C VAL D 415 9.76 -36.15 6.23
N GLU D 416 9.29 -37.03 5.36
CA GLU D 416 8.56 -38.24 5.76
C GLU D 416 9.40 -39.08 6.72
N LYS D 417 10.60 -39.46 6.27
CA LYS D 417 11.52 -40.26 7.08
C LYS D 417 11.83 -39.58 8.42
N ARG D 418 11.91 -38.26 8.39
CA ARG D 418 12.15 -37.46 9.60
C ARG D 418 10.94 -37.47 10.53
N LEU D 419 9.77 -37.23 9.95
CA LEU D 419 8.52 -37.18 10.70
C LEU D 419 8.20 -38.49 11.42
N GLN D 420 8.65 -39.60 10.85
CA GLN D 420 8.43 -40.93 11.43
C GLN D 420 9.21 -41.12 12.72
N LYS D 421 10.46 -40.67 12.72
CA LYS D 421 11.33 -40.82 13.89
C LYS D 421 11.02 -39.80 14.99
N GLU D 422 10.79 -38.54 14.60
CA GLU D 422 10.52 -37.46 15.54
C GLU D 422 9.19 -37.60 16.28
N ILE D 423 8.20 -38.22 15.63
CA ILE D 423 6.88 -38.43 16.22
C ILE D 423 6.89 -39.51 17.32
N LYS D 424 7.97 -40.28 17.37
CA LYS D 424 8.13 -41.34 18.37
C LYS D 424 8.09 -40.79 19.80
N SER D 425 8.18 -39.47 19.93
CA SER D 425 8.05 -38.79 21.21
C SER D 425 6.59 -38.76 21.70
N ILE D 426 5.72 -39.47 20.99
CA ILE D 426 4.28 -39.59 21.30
C ILE D 426 3.61 -38.21 21.41
N SER E 17 -30.79 -23.42 -17.15
CA SER E 17 -31.00 -23.33 -15.67
C SER E 17 -30.76 -24.69 -15.00
N LYS E 18 -29.88 -24.70 -14.01
CA LYS E 18 -29.47 -25.92 -13.32
C LYS E 18 -30.55 -26.46 -12.37
N ILE E 19 -30.71 -27.78 -12.35
CA ILE E 19 -31.67 -28.45 -11.49
C ILE E 19 -31.11 -28.54 -10.07
N LYS E 20 -31.90 -28.08 -9.10
CA LYS E 20 -31.48 -28.09 -7.70
C LYS E 20 -31.73 -29.44 -7.01
N VAL E 21 -30.64 -30.07 -6.58
CA VAL E 21 -30.72 -31.31 -5.81
C VAL E 21 -30.89 -30.95 -4.33
N LYS E 22 -31.93 -31.50 -3.71
CA LYS E 22 -32.25 -31.18 -2.32
C LYS E 22 -31.15 -31.62 -1.34
N GLN E 23 -31.12 -32.92 -1.04
CA GLN E 23 -30.14 -33.47 -0.12
C GLN E 23 -28.86 -33.90 -0.85
N PRO E 24 -27.70 -33.74 -0.20
CA PRO E 24 -26.40 -34.07 -0.80
C PRO E 24 -26.25 -35.53 -1.25
N VAL E 25 -25.30 -35.75 -2.16
CA VAL E 25 -25.05 -37.06 -2.74
C VAL E 25 -23.63 -37.52 -2.39
N VAL E 26 -23.53 -38.70 -1.79
CA VAL E 26 -22.23 -39.29 -1.47
C VAL E 26 -21.58 -39.81 -2.76
N GLU E 27 -20.32 -39.43 -2.96
CA GLU E 27 -19.60 -39.79 -4.18
C GLU E 27 -18.27 -40.48 -3.84
N LEU E 28 -18.11 -41.70 -4.33
CA LEU E 28 -16.89 -42.47 -4.08
C LEU E 28 -16.09 -42.64 -5.35
N ASP E 29 -14.89 -42.07 -5.35
CA ASP E 29 -13.98 -42.14 -6.51
C ASP E 29 -13.20 -43.45 -6.54
N GLY E 30 -12.75 -43.83 -7.74
CA GLY E 30 -12.07 -45.09 -7.94
C GLY E 30 -10.67 -44.98 -8.49
N ASP E 31 -10.25 -46.03 -9.19
CA ASP E 31 -8.87 -46.17 -9.67
C ASP E 31 -8.71 -46.19 -11.19
N GLU E 32 -7.46 -45.98 -11.61
CA GLU E 32 -7.01 -46.13 -13.00
C GLU E 32 -7.91 -45.46 -14.04
N MET E 33 -8.17 -46.17 -15.14
CA MET E 33 -8.94 -45.62 -16.26
C MET E 33 -10.37 -45.22 -15.89
N THR E 34 -11.01 -46.05 -15.08
CA THR E 34 -12.38 -45.78 -14.61
C THR E 34 -12.46 -44.46 -13.86
N ARG E 35 -11.38 -44.11 -13.15
CA ARG E 35 -11.28 -42.85 -12.42
C ARG E 35 -11.26 -41.66 -13.39
N ILE E 36 -10.56 -41.82 -14.52
CA ILE E 36 -10.50 -40.79 -15.54
C ILE E 36 -11.84 -40.63 -16.26
N ILE E 37 -12.45 -41.76 -16.62
CA ILE E 37 -13.79 -41.77 -17.22
C ILE E 37 -14.77 -41.09 -16.26
N TRP E 38 -14.63 -41.41 -14.98
CA TRP E 38 -15.48 -40.87 -13.91
C TRP E 38 -15.41 -39.34 -13.82
N ASP E 39 -14.20 -38.79 -13.79
CA ASP E 39 -14.03 -37.35 -13.66
C ASP E 39 -14.51 -36.58 -14.89
N LYS E 40 -14.34 -37.18 -16.06
CA LYS E 40 -14.81 -36.58 -17.31
C LYS E 40 -16.34 -36.54 -17.33
N ILE E 41 -16.98 -37.56 -16.78
CA ILE E 41 -18.44 -37.63 -16.71
C ILE E 41 -18.98 -36.52 -15.81
N LYS E 42 -18.47 -36.45 -14.60
CA LYS E 42 -18.89 -35.46 -13.61
C LYS E 42 -18.82 -34.04 -14.16
N LYS E 43 -17.66 -33.67 -14.69
CA LYS E 43 -17.41 -32.32 -15.18
C LYS E 43 -18.19 -31.97 -16.44
N LYS E 44 -18.51 -32.98 -17.25
CA LYS E 44 -19.20 -32.75 -18.53
C LYS E 44 -20.71 -32.97 -18.46
N LEU E 45 -21.12 -34.13 -17.94
CA LEU E 45 -22.52 -34.54 -18.00
C LEU E 45 -23.36 -34.23 -16.75
N ILE E 46 -22.71 -34.01 -15.61
CA ILE E 46 -23.44 -33.81 -14.37
C ILE E 46 -23.35 -32.39 -13.80
N LEU E 47 -22.12 -31.90 -13.58
CA LEU E 47 -21.90 -30.60 -12.93
C LEU E 47 -22.50 -29.37 -13.65
N PRO E 48 -22.35 -29.28 -14.98
CA PRO E 48 -22.95 -28.17 -15.73
C PRO E 48 -24.48 -28.17 -15.75
N TYR E 49 -25.10 -29.24 -15.25
CA TYR E 49 -26.56 -29.35 -15.26
C TYR E 49 -27.18 -29.40 -13.87
N LEU E 50 -26.42 -29.85 -12.87
CA LEU E 50 -26.95 -30.04 -11.53
C LEU E 50 -26.28 -29.20 -10.45
N ASP E 51 -27.11 -28.66 -9.55
CA ASP E 51 -26.64 -27.98 -8.36
C ASP E 51 -26.63 -28.98 -7.22
N VAL E 52 -25.62 -29.86 -7.24
CA VAL E 52 -25.51 -30.98 -6.32
C VAL E 52 -24.40 -30.79 -5.30
N ASP E 53 -24.71 -31.09 -4.04
CA ASP E 53 -23.72 -31.12 -2.98
C ASP E 53 -23.12 -32.53 -2.94
N LEU E 54 -21.86 -32.63 -3.37
CA LEU E 54 -21.21 -33.94 -3.49
C LEU E 54 -20.24 -34.23 -2.35
N LYS E 55 -20.64 -35.14 -1.47
CA LYS E 55 -19.78 -35.61 -0.39
C LYS E 55 -18.76 -36.59 -0.97
N TYR E 56 -17.55 -36.09 -1.18
CA TYR E 56 -16.49 -36.80 -1.90
C TYR E 56 -15.63 -37.66 -1.00
N TYR E 57 -15.50 -38.94 -1.38
CA TYR E 57 -14.64 -39.88 -0.67
C TYR E 57 -13.71 -40.57 -1.67
N ASP E 58 -12.43 -40.21 -1.62
CA ASP E 58 -11.44 -40.80 -2.51
C ASP E 58 -11.12 -42.22 -2.05
N LEU E 59 -11.68 -43.19 -2.76
CA LEU E 59 -11.48 -44.60 -2.44
C LEU E 59 -10.49 -45.27 -3.39
N SER E 60 -9.57 -44.48 -3.93
CA SER E 60 -8.49 -45.01 -4.76
C SER E 60 -7.58 -45.89 -3.91
N VAL E 61 -6.83 -46.78 -4.56
CA VAL E 61 -5.94 -47.69 -3.86
C VAL E 61 -4.84 -46.92 -3.11
N GLU E 62 -4.29 -45.89 -3.75
CA GLU E 62 -3.29 -45.04 -3.14
C GLU E 62 -3.85 -44.32 -1.92
N SER E 63 -5.14 -43.96 -1.99
CA SER E 63 -5.83 -43.31 -0.89
C SER E 63 -6.12 -44.28 0.24
N ARG E 64 -6.83 -45.37 -0.07
CA ARG E 64 -7.20 -46.40 0.90
C ARG E 64 -6.01 -46.89 1.73
N ASP E 65 -4.86 -47.01 1.09
CA ASP E 65 -3.63 -47.43 1.76
C ASP E 65 -3.20 -46.41 2.82
N ALA E 66 -2.91 -45.19 2.37
CA ALA E 66 -2.48 -44.09 3.24
C ALA E 66 -3.44 -43.84 4.39
N THR E 67 -4.68 -44.27 4.21
CA THR E 67 -5.74 -44.06 5.18
C THR E 67 -5.99 -45.32 6.03
N SER E 68 -5.29 -46.40 5.70
CA SER E 68 -5.47 -47.70 6.36
C SER E 68 -6.90 -48.22 6.22
N ASP E 69 -7.47 -47.96 5.04
CA ASP E 69 -8.83 -48.39 4.65
C ASP E 69 -9.97 -47.85 5.53
N LYS E 70 -9.72 -46.73 6.20
CA LYS E 70 -10.76 -46.08 6.99
C LYS E 70 -11.71 -45.26 6.11
N ILE E 71 -11.18 -44.75 5.00
CA ILE E 71 -11.95 -43.95 4.04
C ILE E 71 -13.13 -44.74 3.47
N THR E 72 -12.92 -46.02 3.23
CA THR E 72 -13.97 -46.93 2.76
C THR E 72 -15.07 -47.08 3.81
N GLN E 73 -14.68 -47.21 5.07
CA GLN E 73 -15.62 -47.33 6.17
C GLN E 73 -16.43 -46.04 6.37
N ASP E 74 -15.74 -44.91 6.33
CA ASP E 74 -16.38 -43.60 6.50
C ASP E 74 -17.33 -43.32 5.35
N ALA E 75 -16.90 -43.66 4.13
CA ALA E 75 -17.71 -43.49 2.93
C ALA E 75 -19.02 -44.27 3.02
N ALA E 76 -18.96 -45.49 3.52
CA ALA E 76 -20.13 -46.34 3.71
C ALA E 76 -21.09 -45.74 4.74
N GLU E 77 -20.53 -45.19 5.81
CA GLU E 77 -21.30 -44.52 6.85
C GLU E 77 -22.03 -43.30 6.29
N ALA E 78 -21.38 -42.58 5.39
CA ALA E 78 -21.96 -41.41 4.73
C ALA E 78 -23.15 -41.80 3.86
N ILE E 79 -23.01 -42.89 3.10
CA ILE E 79 -24.10 -43.42 2.27
C ILE E 79 -25.30 -43.74 3.15
N LYS E 80 -25.06 -44.43 4.27
CA LYS E 80 -26.11 -44.74 5.24
C LYS E 80 -26.72 -43.47 5.81
N LYS E 81 -25.89 -42.46 6.02
CA LYS E 81 -26.32 -41.18 6.59
C LYS E 81 -27.24 -40.41 5.63
N TYR E 82 -26.79 -40.23 4.39
CA TYR E 82 -27.51 -39.41 3.41
C TYR E 82 -28.55 -40.16 2.58
N GLY E 83 -28.28 -41.44 2.30
CA GLY E 83 -29.23 -42.26 1.58
C GLY E 83 -28.81 -42.72 0.20
N VAL E 84 -28.03 -41.90 -0.50
CA VAL E 84 -27.61 -42.23 -1.86
C VAL E 84 -26.11 -42.05 -2.07
N GLY E 85 -25.46 -43.12 -2.53
CA GLY E 85 -24.05 -43.11 -2.87
C GLY E 85 -23.81 -43.59 -4.28
N ILE E 86 -22.92 -42.89 -4.99
CA ILE E 86 -22.55 -43.26 -6.36
C ILE E 86 -21.06 -43.63 -6.39
N LYS E 87 -20.76 -44.88 -6.69
CA LYS E 87 -19.40 -45.40 -6.60
C LYS E 87 -18.73 -45.68 -7.93
N CYS E 88 -17.45 -45.33 -8.00
CA CYS E 88 -16.58 -45.62 -9.14
C CYS E 88 -15.88 -46.96 -8.95
N ALA E 89 -15.57 -47.62 -10.06
CA ALA E 89 -14.90 -48.92 -10.02
C ALA E 89 -13.55 -48.84 -9.31
N THR E 90 -13.32 -49.77 -8.38
CA THR E 90 -12.09 -49.76 -7.58
C THR E 90 -11.22 -51.00 -7.83
N ILE E 91 -10.02 -50.96 -7.25
CA ILE E 91 -9.07 -52.06 -7.32
C ILE E 91 -9.02 -52.81 -5.99
N THR E 92 -9.18 -54.13 -6.05
CA THR E 92 -8.93 -54.99 -4.91
C THR E 92 -7.48 -55.46 -5.03
N PRO E 93 -6.64 -55.02 -4.09
CA PRO E 93 -5.20 -55.33 -4.11
C PRO E 93 -4.87 -56.82 -4.23
N ASP E 94 -4.34 -57.23 -5.39
CA ASP E 94 -3.87 -58.59 -5.57
C ASP E 94 -2.36 -58.67 -5.26
N GLU E 95 -1.74 -59.79 -5.62
CA GLU E 95 -0.33 -60.03 -5.36
C GLU E 95 0.58 -58.90 -5.83
N ALA E 96 0.59 -58.65 -7.13
CA ALA E 96 1.49 -57.68 -7.76
C ALA E 96 1.18 -56.23 -7.37
N ARG E 97 -0.10 -55.92 -7.22
CA ARG E 97 -0.55 -54.55 -6.93
C ARG E 97 -0.02 -54.03 -5.59
N VAL E 98 0.13 -54.92 -4.62
CA VAL E 98 0.70 -54.58 -3.32
C VAL E 98 2.18 -54.21 -3.48
N LYS E 99 2.84 -54.82 -4.45
CA LYS E 99 4.25 -54.55 -4.74
C LYS E 99 4.42 -53.47 -5.81
N GLU E 100 3.39 -53.27 -6.63
CA GLU E 100 3.44 -52.29 -7.72
C GLU E 100 3.03 -50.89 -7.27
N PHE E 101 2.27 -50.83 -6.18
CA PHE E 101 1.80 -49.56 -5.64
C PHE E 101 2.36 -49.35 -4.24
N ASN E 102 3.26 -50.25 -3.84
CA ASN E 102 3.87 -50.26 -2.50
C ASN E 102 2.82 -50.08 -1.40
N LEU E 103 2.16 -51.17 -1.05
CA LEU E 103 1.05 -51.10 -0.09
C LEU E 103 1.40 -51.63 1.29
N HIS E 104 0.86 -50.96 2.31
CA HIS E 104 1.00 -51.38 3.71
C HIS E 104 0.44 -52.79 3.88
N LYS E 105 -0.73 -53.03 3.29
CA LYS E 105 -1.40 -54.33 3.38
C LYS E 105 -2.02 -54.75 2.06
N MET E 106 -2.62 -55.95 2.06
CA MET E 106 -3.39 -56.44 0.93
C MET E 106 -4.86 -56.13 1.24
N TRP E 107 -5.19 -54.84 1.24
CA TRP E 107 -6.51 -54.34 1.63
C TRP E 107 -7.68 -55.11 1.04
N LYS E 108 -8.69 -55.36 1.87
CA LYS E 108 -9.88 -56.11 1.47
C LYS E 108 -10.76 -55.32 0.51
N SER E 109 -11.52 -56.04 -0.31
CA SER E 109 -12.44 -55.44 -1.27
C SER E 109 -13.30 -54.37 -0.59
N PRO E 110 -13.20 -53.13 -1.07
CA PRO E 110 -13.98 -52.02 -0.51
C PRO E 110 -15.48 -52.24 -0.71
N ASN E 111 -15.86 -52.85 -1.82
CA ASN E 111 -17.25 -53.21 -2.07
C ASN E 111 -17.77 -54.19 -1.02
N GLY E 112 -16.93 -55.16 -0.64
CA GLY E 112 -17.24 -56.08 0.43
C GLY E 112 -17.43 -55.39 1.78
N THR E 113 -16.66 -54.32 1.99
CA THR E 113 -16.77 -53.52 3.21
C THR E 113 -18.02 -52.63 3.21
N ILE E 114 -18.34 -52.04 2.07
CA ILE E 114 -19.52 -51.17 1.95
C ILE E 114 -20.81 -51.99 2.08
N ARG E 115 -20.86 -53.10 1.34
CA ARG E 115 -22.02 -54.01 1.37
C ARG E 115 -22.23 -54.58 2.75
N ASN E 116 -21.13 -54.94 3.43
CA ASN E 116 -21.21 -55.46 4.80
C ASN E 116 -21.86 -54.48 5.75
N ILE E 117 -21.41 -53.23 5.69
CA ILE E 117 -21.90 -52.15 6.54
C ILE E 117 -23.36 -51.82 6.24
N LEU E 118 -23.68 -51.66 4.96
CA LEU E 118 -25.02 -51.26 4.53
C LEU E 118 -26.02 -52.41 4.58
N GLY E 119 -25.58 -53.59 4.15
CA GLY E 119 -26.45 -54.75 4.05
C GLY E 119 -27.42 -54.58 2.90
N GLY E 120 -28.29 -55.57 2.71
CA GLY E 120 -29.33 -55.47 1.71
C GLY E 120 -29.17 -56.36 0.49
N THR E 121 -29.63 -55.86 -0.64
CA THR E 121 -29.63 -56.60 -1.89
C THR E 121 -29.03 -55.78 -3.03
N VAL E 122 -28.07 -56.36 -3.74
CA VAL E 122 -27.49 -55.73 -4.92
C VAL E 122 -28.19 -56.27 -6.17
N PHE E 123 -28.91 -55.39 -6.85
CA PHE E 123 -29.65 -55.75 -8.05
C PHE E 123 -28.84 -55.46 -9.31
N ARG E 124 -28.84 -56.42 -10.23
CA ARG E 124 -28.07 -56.29 -11.46
C ARG E 124 -28.85 -56.76 -12.67
N GLU E 125 -28.79 -55.95 -13.73
CA GLU E 125 -29.42 -56.28 -15.01
C GLU E 125 -28.69 -55.57 -16.15
N PRO E 126 -28.70 -56.18 -17.34
CA PRO E 126 -27.98 -55.65 -18.49
C PRO E 126 -28.50 -54.30 -18.98
N ILE E 127 -27.59 -53.45 -19.44
CA ILE E 127 -27.96 -52.24 -20.14
C ILE E 127 -28.20 -52.67 -21.59
N VAL E 128 -29.47 -52.72 -21.95
CA VAL E 128 -29.88 -53.29 -23.23
C VAL E 128 -29.78 -52.28 -24.38
N ILE E 129 -28.99 -52.65 -25.39
CA ILE E 129 -28.89 -51.89 -26.63
C ILE E 129 -29.17 -52.87 -27.78
N PRO E 130 -30.42 -52.92 -28.25
CA PRO E 130 -30.83 -53.85 -29.32
C PRO E 130 -29.88 -53.93 -30.52
N ARG E 131 -29.10 -52.86 -30.74
CA ARG E 131 -28.09 -52.81 -31.80
C ARG E 131 -26.98 -53.85 -31.61
N ILE E 132 -26.78 -54.26 -30.35
CA ILE E 132 -25.73 -55.21 -29.99
C ILE E 132 -26.22 -56.66 -30.07
N PRO E 133 -25.43 -57.53 -30.70
CA PRO E 133 -25.75 -58.96 -30.78
C PRO E 133 -25.62 -59.66 -29.43
N ARG E 134 -26.63 -60.47 -29.10
CA ARG E 134 -26.64 -61.22 -27.85
C ARG E 134 -25.93 -62.56 -28.03
N LEU E 135 -25.03 -62.87 -27.11
CA LEU E 135 -24.26 -64.12 -27.14
C LEU E 135 -25.15 -65.32 -26.84
N VAL E 136 -26.26 -65.06 -26.14
CA VAL E 136 -27.30 -66.07 -25.91
C VAL E 136 -28.56 -65.54 -26.61
N PRO E 137 -28.74 -65.93 -27.87
CA PRO E 137 -29.81 -65.43 -28.75
C PRO E 137 -31.21 -65.37 -28.16
N ARG E 138 -31.71 -66.48 -27.62
CA ARG E 138 -33.09 -66.57 -27.13
C ARG E 138 -33.43 -65.56 -26.03
N TRP E 139 -32.42 -65.08 -25.32
CA TRP E 139 -32.61 -64.07 -24.28
C TRP E 139 -33.13 -62.77 -24.89
N GLU E 140 -34.42 -62.52 -24.72
CA GLU E 140 -35.05 -61.32 -25.28
C GLU E 140 -35.47 -60.33 -24.19
N LYS E 141 -36.05 -60.85 -23.11
CA LYS E 141 -36.48 -60.03 -21.99
C LYS E 141 -35.39 -60.03 -20.90
N PRO E 142 -35.12 -58.86 -20.32
CA PRO E 142 -34.04 -58.69 -19.33
C PRO E 142 -34.07 -59.66 -18.16
N ILE E 143 -32.89 -60.15 -17.77
CA ILE E 143 -32.75 -61.00 -16.59
C ILE E 143 -32.17 -60.20 -15.44
N ILE E 144 -32.95 -60.02 -14.38
CA ILE E 144 -32.49 -59.31 -13.19
C ILE E 144 -31.97 -60.29 -12.16
N ILE E 145 -30.76 -60.02 -11.66
CA ILE E 145 -30.18 -60.81 -10.59
C ILE E 145 -30.19 -60.01 -9.29
N GLY E 146 -30.80 -60.60 -8.27
CA GLY E 146 -30.83 -60.01 -6.94
C GLY E 146 -29.79 -60.67 -6.06
N ARG E 147 -28.60 -60.09 -6.02
CA ARG E 147 -27.50 -60.62 -5.22
C ARG E 147 -27.56 -60.15 -3.77
N HIS E 148 -27.58 -61.11 -2.85
CA HIS E 148 -27.52 -60.84 -1.41
C HIS E 148 -26.15 -60.26 -1.09
N ALA E 149 -26.13 -59.09 -0.45
CA ALA E 149 -24.88 -58.36 -0.25
C ALA E 149 -24.15 -58.62 1.07
N HIS E 150 -24.61 -59.61 1.84
CA HIS E 150 -24.07 -59.77 3.20
C HIS E 150 -23.06 -60.91 3.43
N GLY E 151 -23.48 -61.95 4.16
CA GLY E 151 -22.56 -62.90 4.76
C GLY E 151 -21.75 -63.80 3.83
N ASP E 152 -21.84 -65.09 4.08
CA ASP E 152 -21.17 -66.11 3.28
C ASP E 152 -19.67 -65.86 3.12
N GLN E 153 -19.11 -66.21 1.97
CA GLN E 153 -17.66 -66.13 1.76
C GLN E 153 -17.06 -64.71 1.70
N TYR E 154 -17.91 -63.70 1.75
CA TYR E 154 -17.44 -62.30 1.68
C TYR E 154 -17.24 -61.68 3.06
N LYS E 155 -17.22 -62.53 4.08
CA LYS E 155 -16.96 -62.16 5.46
C LYS E 155 -16.52 -63.40 6.21
N ALA E 156 -15.93 -64.33 5.48
CA ALA E 156 -15.56 -65.64 6.00
C ALA E 156 -14.25 -65.61 6.79
N THR E 157 -13.95 -66.74 7.43
CA THR E 157 -12.71 -66.91 8.16
C THR E 157 -12.01 -68.14 7.61
N ASP E 158 -11.03 -67.93 6.74
CA ASP E 158 -10.26 -69.03 6.18
C ASP E 158 -8.82 -69.00 6.68
N THR E 159 -8.20 -70.18 6.71
CA THR E 159 -6.83 -70.33 7.21
C THR E 159 -6.20 -71.62 6.71
N LEU E 160 -4.86 -71.62 6.65
CA LEU E 160 -4.11 -72.83 6.31
C LEU E 160 -4.11 -73.77 7.50
N ILE E 161 -4.00 -75.06 7.22
CA ILE E 161 -3.88 -76.07 8.27
C ILE E 161 -2.51 -76.73 8.11
N PRO E 162 -1.63 -76.54 9.10
CA PRO E 162 -0.25 -77.04 9.06
C PRO E 162 -0.11 -78.57 9.03
N GLY E 163 -1.05 -79.29 9.62
CA GLY E 163 -0.98 -80.74 9.62
C GLY E 163 -2.12 -81.42 10.35
N PRO E 164 -1.94 -82.70 10.71
CA PRO E 164 -2.98 -83.47 11.40
C PRO E 164 -3.46 -82.81 12.69
N GLY E 165 -4.78 -82.87 12.92
CA GLY E 165 -5.40 -82.27 14.09
C GLY E 165 -6.88 -82.01 13.89
N SER E 166 -7.60 -81.82 15.00
CA SER E 166 -9.03 -81.61 14.97
C SER E 166 -9.41 -80.19 14.52
N LEU E 167 -10.59 -80.09 13.91
CA LEU E 167 -11.16 -78.83 13.45
C LEU E 167 -12.60 -78.77 13.97
N GLU E 168 -12.93 -77.68 14.66
CA GLU E 168 -14.23 -77.59 15.34
C GLU E 168 -14.95 -76.24 15.19
N LEU E 169 -16.26 -76.30 15.03
CA LEU E 169 -17.11 -75.11 15.01
C LEU E 169 -17.74 -74.97 16.40
N VAL E 170 -17.23 -74.01 17.17
CA VAL E 170 -17.69 -73.81 18.54
C VAL E 170 -18.56 -72.55 18.70
N TYR E 171 -19.79 -72.75 19.15
CA TYR E 171 -20.73 -71.66 19.37
C TYR E 171 -21.05 -71.50 20.86
N LYS E 172 -20.57 -70.40 21.44
CA LYS E 172 -20.84 -70.09 22.83
C LYS E 172 -21.92 -69.02 22.93
N PRO E 173 -23.16 -69.42 23.21
CA PRO E 173 -24.29 -68.49 23.27
C PRO E 173 -24.20 -67.58 24.49
N SER E 174 -24.58 -66.31 24.31
CA SER E 174 -24.53 -65.33 25.40
C SER E 174 -25.49 -65.67 26.54
N ASP E 175 -26.64 -66.24 26.19
CA ASP E 175 -27.62 -66.67 27.18
C ASP E 175 -27.93 -68.16 27.03
N PRO E 176 -27.13 -69.02 27.67
CA PRO E 176 -27.30 -70.48 27.61
C PRO E 176 -28.69 -70.95 28.05
N THR E 177 -29.44 -70.06 28.71
CA THR E 177 -30.81 -70.33 29.12
C THR E 177 -31.75 -70.48 27.91
N THR E 178 -31.64 -69.55 26.97
CA THR E 178 -32.50 -69.54 25.78
C THR E 178 -31.86 -70.22 24.57
N ALA E 179 -30.56 -70.54 24.68
CA ALA E 179 -29.84 -71.18 23.60
C ALA E 179 -29.21 -72.49 24.05
N GLN E 180 -28.11 -72.89 23.39
CA GLN E 180 -27.42 -74.13 23.70
C GLN E 180 -26.04 -74.11 23.03
N PRO E 181 -24.98 -74.26 23.83
CA PRO E 181 -23.62 -74.33 23.28
C PRO E 181 -23.45 -75.44 22.27
N GLN E 182 -22.72 -75.15 21.20
CA GLN E 182 -22.51 -76.11 20.11
C GLN E 182 -21.02 -76.30 19.84
N THR E 183 -20.58 -77.55 19.93
CA THR E 183 -19.21 -77.92 19.58
C THR E 183 -19.31 -78.97 18.49
N LEU E 184 -18.99 -78.58 17.26
CA LEU E 184 -19.14 -79.48 16.12
C LEU E 184 -17.82 -79.89 15.53
N LYS E 185 -17.59 -81.20 15.47
CA LYS E 185 -16.41 -81.76 14.82
C LYS E 185 -16.59 -81.58 13.31
N VAL E 186 -15.75 -80.76 12.71
CA VAL E 186 -15.82 -80.48 11.29
C VAL E 186 -15.01 -81.49 10.49
N TYR E 187 -13.79 -81.77 10.96
CA TYR E 187 -12.88 -82.69 10.28
C TYR E 187 -11.64 -83.01 11.12
N ASP E 188 -11.18 -84.25 11.05
CA ASP E 188 -9.92 -84.65 11.64
C ASP E 188 -8.87 -84.80 10.54
N TYR E 189 -7.97 -83.81 10.46
CA TYR E 189 -6.94 -83.78 9.42
C TYR E 189 -5.90 -84.88 9.60
N LYS E 190 -5.47 -85.45 8.47
CA LYS E 190 -4.41 -86.47 8.46
C LYS E 190 -3.23 -85.95 7.65
N GLY E 191 -3.21 -84.64 7.43
CA GLY E 191 -2.18 -83.97 6.67
C GLY E 191 -2.50 -82.49 6.56
N SER E 192 -1.66 -81.75 5.85
CA SER E 192 -1.87 -80.32 5.65
C SER E 192 -3.06 -80.05 4.72
N GLY E 193 -3.77 -78.96 4.97
CA GLY E 193 -4.92 -78.59 4.18
C GLY E 193 -5.38 -77.16 4.37
N VAL E 194 -6.68 -76.94 4.13
CA VAL E 194 -7.29 -75.62 4.29
C VAL E 194 -8.63 -75.76 5.01
N ALA E 195 -9.04 -74.69 5.68
CA ALA E 195 -10.33 -74.67 6.38
C ALA E 195 -10.94 -73.28 6.28
N MET E 196 -12.26 -73.24 6.24
CA MET E 196 -12.98 -71.96 6.29
C MET E 196 -14.32 -72.09 7.00
N ALA E 197 -14.79 -70.97 7.54
CA ALA E 197 -16.09 -70.91 8.19
C ALA E 197 -16.76 -69.60 7.86
N MET E 198 -18.03 -69.66 7.48
CA MET E 198 -18.81 -68.48 7.16
C MET E 198 -20.14 -68.47 7.88
N TYR E 199 -20.83 -67.33 7.83
CA TYR E 199 -22.07 -67.15 8.56
C TYR E 199 -23.04 -66.26 7.79
N ASN E 200 -24.27 -66.20 8.30
CA ASN E 200 -25.28 -65.26 7.85
C ASN E 200 -26.34 -65.12 8.94
N THR E 201 -27.11 -64.03 8.89
CA THR E 201 -28.15 -63.77 9.90
C THR E 201 -29.55 -63.87 9.30
N ASP E 202 -30.51 -64.23 10.14
CA ASP E 202 -31.92 -64.27 9.75
C ASP E 202 -32.38 -62.89 9.26
N GLU E 203 -32.04 -61.85 10.02
CA GLU E 203 -32.37 -60.47 9.69
C GLU E 203 -31.93 -60.07 8.29
N SER E 204 -30.68 -60.41 7.95
CA SER E 204 -30.12 -60.11 6.63
C SER E 204 -30.88 -60.86 5.53
N ILE E 205 -31.15 -62.14 5.77
CA ILE E 205 -31.90 -62.98 4.82
C ILE E 205 -33.32 -62.44 4.64
N GLU E 206 -33.94 -62.05 5.75
CA GLU E 206 -35.28 -61.46 5.73
C GLU E 206 -35.32 -60.24 4.81
N GLY E 207 -34.38 -59.32 5.02
CA GLY E 207 -34.28 -58.13 4.19
C GLY E 207 -33.96 -58.42 2.74
N PHE E 208 -33.16 -59.47 2.52
CA PHE E 208 -32.85 -59.96 1.18
C PHE E 208 -34.15 -60.36 0.47
N ALA E 209 -35.00 -61.10 1.19
CA ALA E 209 -36.28 -61.56 0.66
C ALA E 209 -37.23 -60.40 0.32
N HIS E 210 -37.45 -59.51 1.28
CA HIS E 210 -38.31 -58.34 1.09
C HIS E 210 -37.98 -57.58 -0.19
N SER E 211 -36.73 -57.16 -0.31
CA SER E 211 -36.25 -56.42 -1.47
C SER E 211 -36.50 -57.18 -2.77
N SER E 212 -36.27 -58.50 -2.74
CA SER E 212 -36.49 -59.37 -3.89
C SER E 212 -37.96 -59.37 -4.32
N PHE E 213 -38.86 -59.45 -3.34
CA PHE E 213 -40.30 -59.48 -3.60
C PHE E 213 -40.82 -58.16 -4.14
N LYS E 214 -40.45 -57.05 -3.50
CA LYS E 214 -40.84 -55.72 -3.93
C LYS E 214 -40.45 -55.46 -5.39
N LEU E 215 -39.22 -55.84 -5.73
CA LEU E 215 -38.71 -55.71 -7.09
C LEU E 215 -39.53 -56.54 -8.08
N ALA E 216 -39.91 -57.74 -7.65
CA ALA E 216 -40.73 -58.63 -8.47
C ALA E 216 -42.12 -58.06 -8.69
N ILE E 217 -42.66 -57.42 -7.64
CA ILE E 217 -43.98 -56.77 -7.71
C ILE E 217 -43.94 -55.50 -8.56
N ASP E 218 -42.89 -54.70 -8.40
CA ASP E 218 -42.75 -53.44 -9.13
C ASP E 218 -42.50 -53.64 -10.62
N LYS E 219 -41.62 -54.58 -10.95
CA LYS E 219 -41.29 -54.85 -12.35
C LYS E 219 -42.18 -55.94 -12.96
N LYS E 220 -43.04 -56.53 -12.14
CA LYS E 220 -44.03 -57.52 -12.59
C LYS E 220 -43.35 -58.72 -13.28
N LEU E 221 -42.49 -59.41 -12.54
CA LEU E 221 -41.76 -60.56 -13.06
C LEU E 221 -41.78 -61.72 -12.06
N ASN E 222 -41.56 -62.93 -12.56
CA ASN E 222 -41.45 -64.11 -11.71
C ASN E 222 -40.19 -64.04 -10.86
N LEU E 223 -40.29 -64.48 -9.61
CA LEU E 223 -39.15 -64.52 -8.70
C LEU E 223 -38.65 -65.95 -8.52
N PHE E 224 -37.33 -66.11 -8.55
CA PHE E 224 -36.70 -67.41 -8.35
C PHE E 224 -35.56 -67.28 -7.33
N LEU E 225 -35.73 -67.94 -6.18
CA LEU E 225 -34.67 -68.02 -5.18
C LEU E 225 -33.94 -69.35 -5.40
N SER E 226 -32.62 -69.28 -5.49
CA SER E 226 -31.82 -70.47 -5.74
C SER E 226 -30.80 -70.75 -4.65
N THR E 227 -30.83 -71.97 -4.13
CA THR E 227 -29.88 -72.42 -3.12
C THR E 227 -29.40 -73.84 -3.44
N LYS E 228 -28.69 -74.42 -2.47
CA LYS E 228 -28.25 -75.80 -2.55
C LYS E 228 -28.66 -76.50 -1.25
N ASN E 229 -29.95 -76.39 -0.94
CA ASN E 229 -30.49 -76.95 0.29
C ASN E 229 -30.46 -78.49 0.38
N THR E 230 -30.10 -79.14 -0.72
CA THR E 230 -29.94 -80.59 -0.75
C THR E 230 -28.64 -81.04 -0.07
N ILE E 231 -27.67 -80.13 -0.02
CA ILE E 231 -26.36 -80.42 0.54
C ILE E 231 -26.11 -79.61 1.82
N LEU E 232 -26.40 -78.32 1.77
CA LEU E 232 -26.34 -77.48 2.96
C LEU E 232 -27.77 -77.32 3.48
N LYS E 233 -28.26 -78.39 4.11
CA LYS E 233 -29.66 -78.52 4.51
C LYS E 233 -30.17 -77.46 5.47
N LYS E 234 -29.31 -77.04 6.40
CA LYS E 234 -29.72 -76.08 7.42
C LYS E 234 -29.31 -74.64 7.08
N TYR E 235 -28.16 -74.49 6.43
CA TYR E 235 -27.67 -73.17 6.02
C TYR E 235 -28.53 -72.58 4.91
N ASP E 236 -28.61 -73.29 3.79
CA ASP E 236 -29.40 -72.87 2.64
C ASP E 236 -30.89 -73.05 2.90
N GLY E 237 -31.22 -74.11 3.63
CA GLY E 237 -32.60 -74.38 4.03
C GLY E 237 -33.25 -73.21 4.71
N ARG E 238 -32.45 -72.40 5.42
CA ARG E 238 -32.93 -71.18 6.05
C ARG E 238 -33.41 -70.19 4.99
N PHE E 239 -32.57 -69.91 4.00
CA PHE E 239 -32.90 -69.01 2.90
C PHE E 239 -34.23 -69.41 2.25
N LYS E 240 -34.38 -70.71 1.97
CA LYS E 240 -35.61 -71.25 1.42
C LYS E 240 -36.78 -70.98 2.36
N ASP E 241 -36.62 -71.37 3.62
CA ASP E 241 -37.67 -71.24 4.63
C ASP E 241 -38.07 -69.78 4.89
N ILE E 242 -37.09 -68.91 5.11
CA ILE E 242 -37.36 -67.50 5.37
C ILE E 242 -38.09 -66.84 4.20
N PHE E 243 -37.56 -67.02 3.00
CA PHE E 243 -38.17 -66.50 1.77
C PHE E 243 -39.65 -66.90 1.69
N GLN E 244 -39.91 -68.20 1.77
CA GLN E 244 -41.27 -68.74 1.73
C GLN E 244 -42.17 -68.17 2.82
N GLU E 245 -41.66 -68.15 4.05
CA GLU E 245 -42.39 -67.64 5.20
C GLU E 245 -42.82 -66.18 5.01
N VAL E 246 -41.86 -65.35 4.59
CA VAL E 246 -42.12 -63.92 4.38
C VAL E 246 -42.98 -63.67 3.14
N TYR E 247 -42.94 -64.60 2.19
CA TYR E 247 -43.74 -64.53 0.97
C TYR E 247 -45.23 -64.68 1.27
N GLU E 248 -45.58 -65.78 1.93
CA GLU E 248 -46.97 -66.09 2.28
C GLU E 248 -47.59 -65.06 3.22
N ALA E 249 -46.74 -64.37 3.98
CA ALA E 249 -47.19 -63.38 4.95
C ALA E 249 -47.61 -62.06 4.31
N GLN E 250 -46.82 -61.57 3.36
CA GLN E 250 -47.04 -60.23 2.81
C GLN E 250 -47.15 -60.15 1.29
N TYR E 251 -46.49 -61.07 0.59
CA TYR E 251 -46.33 -60.95 -0.87
C TYR E 251 -47.06 -62.01 -1.70
N LYS E 252 -47.70 -62.97 -1.03
CA LYS E 252 -48.44 -64.04 -1.71
C LYS E 252 -49.56 -63.50 -2.59
N SER E 253 -50.42 -62.66 -2.01
CA SER E 253 -51.58 -62.11 -2.70
C SER E 253 -51.21 -61.21 -3.89
N LYS E 254 -50.33 -60.24 -3.64
CA LYS E 254 -49.89 -59.28 -4.66
C LYS E 254 -49.34 -59.98 -5.91
N PHE E 255 -48.64 -61.10 -5.70
CA PHE E 255 -48.10 -61.91 -6.80
C PHE E 255 -49.23 -62.52 -7.63
N GLU E 256 -50.21 -63.11 -6.95
CA GLU E 256 -51.35 -63.75 -7.59
C GLU E 256 -52.22 -62.74 -8.34
N GLN E 257 -52.19 -61.50 -7.88
CA GLN E 257 -52.96 -60.42 -8.50
C GLN E 257 -52.26 -59.81 -9.72
N LEU E 258 -51.02 -60.21 -9.96
CA LEU E 258 -50.25 -59.71 -11.11
C LEU E 258 -49.95 -60.82 -12.12
N GLY E 259 -50.23 -62.06 -11.76
CA GLY E 259 -49.96 -63.20 -12.62
C GLY E 259 -48.50 -63.63 -12.56
N ILE E 260 -47.86 -63.37 -11.42
CA ILE E 260 -46.47 -63.78 -11.19
C ILE E 260 -46.39 -64.77 -10.03
N HIS E 261 -45.33 -65.56 -9.98
CA HIS E 261 -45.14 -66.54 -8.91
C HIS E 261 -43.71 -66.55 -8.38
N TYR E 262 -43.59 -66.82 -7.08
CA TYR E 262 -42.29 -67.09 -6.47
C TYR E 262 -42.08 -68.59 -6.43
N GLU E 263 -40.84 -69.01 -6.60
CA GLU E 263 -40.48 -70.42 -6.55
C GLU E 263 -39.04 -70.58 -6.12
N HIS E 264 -38.80 -71.44 -5.14
CA HIS E 264 -37.44 -71.81 -4.75
C HIS E 264 -36.99 -72.95 -5.64
N ARG E 265 -35.73 -72.89 -6.08
CA ARG E 265 -35.16 -73.93 -6.93
C ARG E 265 -33.73 -74.25 -6.54
N LEU E 266 -33.27 -75.44 -6.91
CA LEU E 266 -31.87 -75.80 -6.79
C LEU E 266 -31.08 -74.97 -7.79
N ILE E 267 -29.89 -74.53 -7.38
CA ILE E 267 -29.06 -73.65 -8.21
C ILE E 267 -28.80 -74.22 -9.61
N ASP E 268 -28.55 -75.52 -9.69
CA ASP E 268 -28.28 -76.20 -10.97
C ASP E 268 -29.49 -76.18 -11.90
N ASP E 269 -30.67 -76.43 -11.35
CA ASP E 269 -31.90 -76.36 -12.14
C ASP E 269 -32.01 -74.96 -12.75
N MET E 270 -32.00 -73.96 -11.87
CA MET E 270 -32.14 -72.57 -12.27
C MET E 270 -31.20 -72.15 -13.38
N VAL E 271 -29.90 -72.36 -13.18
CA VAL E 271 -28.89 -71.95 -14.16
C VAL E 271 -29.10 -72.62 -15.51
N ALA E 272 -29.33 -73.94 -15.51
CA ALA E 272 -29.61 -74.68 -16.73
C ALA E 272 -30.86 -74.14 -17.41
N GLN E 273 -31.89 -73.88 -16.62
CA GLN E 273 -33.14 -73.29 -17.10
C GLN E 273 -32.93 -71.87 -17.62
N MET E 274 -32.04 -71.13 -16.95
CA MET E 274 -31.72 -69.74 -17.30
C MET E 274 -31.10 -69.64 -18.69
N ILE E 275 -30.12 -70.50 -18.97
CA ILE E 275 -29.45 -70.56 -20.28
C ILE E 275 -30.44 -71.01 -21.37
N LYS E 276 -31.45 -71.76 -20.97
CA LYS E 276 -32.45 -72.32 -21.87
C LYS E 276 -33.61 -71.35 -22.13
N SER E 277 -33.82 -70.44 -21.20
CA SER E 277 -34.96 -69.51 -21.25
C SER E 277 -34.84 -68.39 -22.29
N LYS E 278 -35.87 -67.57 -22.35
CA LYS E 278 -35.89 -66.36 -23.18
C LYS E 278 -35.68 -65.13 -22.30
N GLY E 279 -35.22 -65.37 -21.07
CA GLY E 279 -35.04 -64.31 -20.09
C GLY E 279 -36.37 -63.81 -19.56
N GLY E 280 -36.34 -62.69 -18.86
CA GLY E 280 -37.56 -62.06 -18.36
C GLY E 280 -38.04 -62.61 -17.02
N PHE E 281 -37.18 -62.52 -16.01
CA PHE E 281 -37.47 -62.97 -14.65
C PHE E 281 -36.41 -62.44 -13.70
N ILE E 282 -36.65 -62.64 -12.40
CA ILE E 282 -35.69 -62.24 -11.38
C ILE E 282 -35.11 -63.47 -10.69
N MET E 283 -33.79 -63.48 -10.55
CA MET E 283 -33.06 -64.55 -9.88
C MET E 283 -32.48 -64.08 -8.55
N ALA E 284 -33.17 -64.38 -7.46
CA ALA E 284 -32.66 -64.11 -6.12
C ALA E 284 -31.55 -65.11 -5.85
N LEU E 285 -30.35 -64.60 -5.57
CA LEU E 285 -29.18 -65.45 -5.38
C LEU E 285 -28.38 -65.05 -4.15
N LYS E 286 -27.77 -66.06 -3.52
CA LYS E 286 -26.87 -65.83 -2.40
C LYS E 286 -25.62 -65.11 -2.89
N ASN E 287 -25.01 -64.32 -2.01
CA ASN E 287 -23.84 -63.50 -2.33
C ASN E 287 -22.95 -64.02 -3.46
N TYR E 288 -22.31 -65.17 -3.22
CA TYR E 288 -21.36 -65.76 -4.16
C TYR E 288 -21.97 -66.10 -5.53
N ASP E 289 -23.18 -66.66 -5.51
CA ASP E 289 -23.88 -67.00 -6.76
C ASP E 289 -24.19 -65.74 -7.56
N GLY E 290 -24.68 -64.72 -6.87
CA GLY E 290 -24.98 -63.43 -7.48
C GLY E 290 -23.78 -62.81 -8.14
N ASP E 291 -22.62 -62.93 -7.49
CA ASP E 291 -21.36 -62.48 -8.06
C ASP E 291 -21.07 -63.23 -9.36
N VAL E 292 -21.05 -64.56 -9.26
CA VAL E 292 -20.73 -65.45 -10.39
C VAL E 292 -21.72 -65.31 -11.56
N GLN E 293 -23.01 -65.49 -11.27
CA GLN E 293 -24.05 -65.47 -12.31
C GLN E 293 -24.24 -64.08 -12.92
N SER E 294 -23.99 -63.04 -12.13
CA SER E 294 -24.12 -61.66 -12.58
C SER E 294 -23.31 -61.41 -13.85
N ASP E 295 -22.07 -61.87 -13.84
CA ASP E 295 -21.17 -61.73 -14.98
C ASP E 295 -21.56 -62.64 -16.14
N ILE E 296 -22.10 -63.83 -15.82
CA ILE E 296 -22.58 -64.75 -16.85
C ILE E 296 -23.73 -64.11 -17.65
N VAL E 297 -24.74 -63.63 -16.92
CA VAL E 297 -25.92 -62.99 -17.54
C VAL E 297 -25.53 -61.73 -18.34
N ALA E 298 -24.74 -60.85 -17.73
CA ALA E 298 -24.32 -59.61 -18.37
C ALA E 298 -23.58 -59.88 -19.68
N GLN E 299 -22.64 -60.83 -19.63
CA GLN E 299 -21.88 -61.24 -20.82
C GLN E 299 -22.78 -61.91 -21.86
N GLY E 300 -23.80 -62.63 -21.38
CA GLY E 300 -24.74 -63.29 -22.26
C GLY E 300 -25.57 -62.33 -23.09
N PHE E 301 -25.77 -61.12 -22.59
CA PHE E 301 -26.56 -60.09 -23.28
C PHE E 301 -25.75 -59.31 -24.30
N GLY E 302 -24.42 -59.35 -24.21
CA GLY E 302 -23.57 -58.70 -25.20
C GLY E 302 -22.25 -58.15 -24.70
N SER E 303 -22.23 -57.62 -23.49
CA SER E 303 -21.02 -57.05 -22.90
C SER E 303 -21.06 -57.04 -21.38
N LEU E 304 -19.90 -57.31 -20.78
CA LEU E 304 -19.73 -57.25 -19.32
C LEU E 304 -19.92 -55.83 -18.82
N GLY E 305 -19.52 -54.86 -19.64
CA GLY E 305 -19.67 -53.45 -19.32
C GLY E 305 -21.12 -53.01 -19.24
N LEU E 306 -21.93 -53.50 -20.17
CA LEU E 306 -23.35 -53.13 -20.23
C LEU E 306 -24.15 -53.80 -19.11
N MET E 307 -23.99 -53.27 -17.89
CA MET E 307 -24.67 -53.80 -16.72
C MET E 307 -24.75 -52.73 -15.61
N THR E 308 -25.96 -52.57 -15.07
CA THR E 308 -26.16 -51.70 -13.91
C THR E 308 -26.07 -52.53 -12.64
N SER E 309 -25.66 -51.89 -11.55
CA SER E 309 -25.54 -52.55 -10.25
C SER E 309 -25.86 -51.58 -9.13
N ILE E 310 -26.91 -51.86 -8.39
CA ILE E 310 -27.32 -50.99 -7.29
C ILE E 310 -27.64 -51.74 -5.99
N LEU E 311 -26.98 -51.32 -4.91
CA LEU E 311 -27.24 -51.85 -3.58
C LEU E 311 -28.51 -51.20 -3.02
N VAL E 312 -29.35 -52.03 -2.41
CA VAL E 312 -30.63 -51.59 -1.85
C VAL E 312 -30.78 -52.16 -0.44
N THR E 313 -31.24 -51.32 0.49
CA THR E 313 -31.54 -51.77 1.85
C THR E 313 -33.06 -52.00 1.98
N PRO E 314 -33.45 -52.95 2.83
CA PRO E 314 -34.86 -53.35 2.99
C PRO E 314 -35.81 -52.20 3.33
N ASP E 315 -35.38 -51.29 4.21
CA ASP E 315 -36.20 -50.16 4.62
C ASP E 315 -36.54 -49.21 3.46
N GLY E 316 -35.86 -49.42 2.34
CA GLY E 316 -36.06 -48.61 1.14
C GLY E 316 -35.60 -47.17 1.32
N LYS E 317 -34.54 -46.98 2.10
CA LYS E 317 -34.05 -45.65 2.44
C LYS E 317 -32.60 -45.41 2.02
N THR E 318 -31.86 -46.50 1.81
CA THR E 318 -30.44 -46.40 1.44
C THR E 318 -30.15 -47.08 0.11
N PHE E 319 -29.40 -46.39 -0.74
CA PHE E 319 -29.06 -46.88 -2.07
C PHE E 319 -27.58 -46.62 -2.38
N GLU E 320 -26.98 -47.54 -3.14
CA GLU E 320 -25.62 -47.39 -3.60
C GLU E 320 -25.52 -47.86 -5.06
N SER E 321 -25.43 -46.89 -5.97
CA SER E 321 -25.26 -47.20 -7.38
C SER E 321 -23.77 -47.24 -7.70
N GLU E 322 -23.36 -48.28 -8.42
CA GLU E 322 -21.94 -48.48 -8.69
C GLU E 322 -21.63 -48.87 -10.14
N ALA E 323 -20.35 -48.76 -10.49
CA ALA E 323 -19.85 -49.32 -11.74
C ALA E 323 -19.19 -50.65 -11.36
N ALA E 324 -19.80 -51.74 -11.81
CA ALA E 324 -19.37 -53.08 -11.41
C ALA E 324 -18.43 -53.74 -12.42
N HIS E 325 -18.47 -53.29 -13.67
CA HIS E 325 -17.65 -53.84 -14.74
C HIS E 325 -16.16 -53.90 -14.40
N GLY E 326 -15.77 -53.18 -13.36
CA GLY E 326 -14.39 -53.15 -12.90
C GLY E 326 -13.58 -52.11 -13.64
N THR E 327 -12.27 -52.13 -13.40
CA THR E 327 -11.37 -51.15 -14.02
C THR E 327 -10.66 -51.72 -15.23
N VAL E 328 -10.31 -50.85 -16.17
CA VAL E 328 -9.57 -51.24 -17.37
C VAL E 328 -8.11 -50.81 -17.23
N THR E 329 -7.29 -51.72 -16.70
CA THR E 329 -5.87 -51.46 -16.44
C THR E 329 -5.04 -51.31 -17.71
N ARG E 330 -5.46 -52.00 -18.77
CA ARG E 330 -4.74 -51.98 -20.05
C ARG E 330 -4.84 -50.63 -20.75
N HIS E 331 -6.03 -50.03 -20.72
CA HIS E 331 -6.26 -48.72 -21.33
C HIS E 331 -5.63 -47.59 -20.51
N TYR E 332 -5.45 -47.83 -19.22
CA TYR E 332 -4.82 -46.87 -18.32
C TYR E 332 -3.34 -46.70 -18.63
N ARG E 333 -2.68 -47.79 -19.02
CA ARG E 333 -1.27 -47.76 -19.41
C ARG E 333 -1.08 -46.95 -20.69
N LYS E 334 -2.03 -47.08 -21.62
CA LYS E 334 -2.05 -46.29 -22.85
C LYS E 334 -2.22 -44.80 -22.54
N TYR E 335 -3.13 -44.50 -21.62
CA TYR E 335 -3.42 -43.13 -21.19
C TYR E 335 -2.21 -42.45 -20.56
N GLN E 336 -1.55 -43.15 -19.65
CA GLN E 336 -0.35 -42.66 -18.95
C GLN E 336 0.79 -42.36 -19.92
N LYS E 337 0.68 -42.88 -21.14
CA LYS E 337 1.68 -42.67 -22.19
C LYS E 337 1.22 -41.60 -23.18
N GLY E 338 -0.01 -41.13 -23.02
CA GLY E 338 -0.59 -40.14 -23.92
C GLY E 338 -1.01 -40.74 -25.25
N GLU E 339 -1.46 -41.99 -25.21
CA GLU E 339 -1.87 -42.71 -26.41
C GLU E 339 -3.39 -42.73 -26.56
N GLU E 340 -3.85 -43.21 -27.73
CA GLU E 340 -5.28 -43.34 -28.03
C GLU E 340 -5.93 -44.40 -27.14
N THR E 341 -7.11 -44.07 -26.62
CA THR E 341 -7.88 -45.00 -25.79
C THR E 341 -9.33 -45.07 -26.23
N SER E 342 -9.93 -46.25 -26.15
CA SER E 342 -11.33 -46.44 -26.52
C SER E 342 -12.06 -47.28 -25.48
N THR E 343 -12.26 -46.69 -24.30
CA THR E 343 -12.89 -47.37 -23.17
C THR E 343 -14.36 -46.97 -23.04
N ASN E 344 -15.21 -47.99 -22.86
CA ASN E 344 -16.65 -47.77 -22.69
C ASN E 344 -16.99 -47.06 -21.38
N SER E 345 -17.78 -46.00 -21.48
CA SER E 345 -18.15 -45.17 -20.35
C SER E 345 -19.57 -45.43 -19.84
N ILE E 346 -20.35 -46.17 -20.63
CA ILE E 346 -21.77 -46.38 -20.34
C ILE E 346 -22.03 -46.85 -18.91
N ALA E 347 -21.30 -47.88 -18.47
CA ALA E 347 -21.45 -48.43 -17.12
C ALA E 347 -21.35 -47.34 -16.05
N SER E 348 -20.32 -46.50 -16.17
CA SER E 348 -20.09 -45.41 -15.23
C SER E 348 -21.17 -44.33 -15.32
N ILE E 349 -21.60 -44.02 -16.55
CA ILE E 349 -22.65 -43.03 -16.77
C ILE E 349 -23.95 -43.47 -16.11
N PHE E 350 -24.33 -44.73 -16.34
CA PHE E 350 -25.54 -45.30 -15.75
C PHE E 350 -25.47 -45.38 -14.23
N ALA E 351 -24.25 -45.48 -13.68
CA ALA E 351 -24.08 -45.48 -12.23
C ALA E 351 -24.51 -44.14 -11.62
N TRP E 352 -24.20 -43.05 -12.31
CA TRP E 352 -24.64 -41.72 -11.90
C TRP E 352 -26.15 -41.57 -12.04
N SER E 353 -26.66 -41.90 -13.23
CA SER E 353 -28.08 -41.73 -13.54
C SER E 353 -28.99 -42.49 -12.59
N ARG E 354 -28.64 -43.74 -12.27
CA ARG E 354 -29.41 -44.55 -11.33
C ARG E 354 -29.36 -43.96 -9.93
N GLY E 355 -28.20 -43.40 -9.57
CA GLY E 355 -28.02 -42.75 -8.28
C GLY E 355 -28.85 -41.49 -8.15
N LEU E 356 -28.77 -40.62 -9.15
CA LEU E 356 -29.55 -39.39 -9.19
C LEU E 356 -31.04 -39.70 -9.23
N LEU E 357 -31.40 -40.76 -9.97
CA LEU E 357 -32.77 -41.23 -10.06
C LEU E 357 -33.32 -41.59 -8.68
N LYS E 358 -32.51 -42.27 -7.87
CA LYS E 358 -32.88 -42.62 -6.50
C LYS E 358 -32.97 -41.38 -5.61
N ARG E 359 -32.00 -40.48 -5.77
CA ARG E 359 -31.98 -39.23 -5.03
C ARG E 359 -33.26 -38.44 -5.29
N GLY E 360 -33.58 -38.22 -6.57
CA GLY E 360 -34.77 -37.50 -6.98
C GLY E 360 -36.08 -38.10 -6.49
N GLU E 361 -36.12 -39.42 -6.40
CA GLU E 361 -37.29 -40.14 -5.87
C GLU E 361 -37.51 -39.82 -4.40
N LEU E 362 -36.48 -40.06 -3.59
CA LEU E 362 -36.53 -39.80 -2.16
C LEU E 362 -36.74 -38.32 -1.85
N ASP E 363 -36.14 -37.46 -2.69
CA ASP E 363 -36.23 -36.01 -2.51
C ASP E 363 -37.55 -35.43 -2.99
N ASN E 364 -38.27 -36.20 -3.82
CA ASN E 364 -39.48 -35.71 -4.47
C ASN E 364 -39.16 -34.54 -5.40
N THR E 365 -38.24 -34.81 -6.33
CA THR E 365 -37.80 -33.80 -7.30
C THR E 365 -37.89 -34.39 -8.72
N PRO E 366 -39.06 -34.27 -9.34
CA PRO E 366 -39.31 -34.79 -10.69
C PRO E 366 -38.35 -34.29 -11.76
N ALA E 367 -37.84 -33.07 -11.61
CA ALA E 367 -36.87 -32.49 -12.55
C ALA E 367 -35.55 -33.26 -12.56
N LEU E 368 -35.18 -33.81 -11.40
CA LEU E 368 -33.98 -34.63 -11.28
C LEU E 368 -34.18 -35.99 -11.95
N CYS E 369 -35.34 -36.60 -11.71
CA CYS E 369 -35.70 -37.88 -12.31
C CYS E 369 -35.68 -37.79 -13.84
N LYS E 370 -36.25 -36.70 -14.36
CA LYS E 370 -36.30 -36.43 -15.79
C LYS E 370 -34.89 -36.30 -16.40
N PHE E 371 -33.97 -35.71 -15.64
CA PHE E 371 -32.60 -35.54 -16.09
C PHE E 371 -31.88 -36.89 -16.19
N ALA E 372 -32.12 -37.77 -15.22
CA ALA E 372 -31.51 -39.10 -15.19
C ALA E 372 -31.88 -39.95 -16.40
N ASN E 373 -33.15 -39.87 -16.81
CA ASN E 373 -33.65 -40.63 -17.96
C ASN E 373 -33.15 -40.06 -19.28
N ILE E 374 -33.18 -38.73 -19.41
CA ILE E 374 -32.70 -38.06 -20.62
C ILE E 374 -31.19 -38.27 -20.78
N LEU E 375 -30.48 -38.38 -19.66
CA LEU E 375 -29.08 -38.79 -19.66
C LEU E 375 -28.96 -40.21 -20.19
N GLU E 376 -29.85 -41.09 -19.71
CA GLU E 376 -29.83 -42.50 -20.08
C GLU E 376 -30.22 -42.72 -21.54
N SER E 377 -31.27 -42.06 -21.99
CA SER E 377 -31.71 -42.16 -23.38
C SER E 377 -30.65 -41.60 -24.33
N ALA E 378 -30.06 -40.46 -23.98
CA ALA E 378 -29.02 -39.83 -24.80
C ALA E 378 -27.75 -40.67 -24.90
N THR E 379 -27.37 -41.29 -23.78
CA THR E 379 -26.18 -42.14 -23.74
C THR E 379 -26.34 -43.37 -24.62
N LEU E 380 -27.54 -43.94 -24.63
CA LEU E 380 -27.82 -45.12 -25.42
C LEU E 380 -28.07 -44.78 -26.89
N ASN E 381 -28.74 -43.65 -27.14
CA ASN E 381 -29.00 -43.19 -28.50
C ASN E 381 -27.73 -42.88 -29.28
N THR E 382 -26.69 -42.44 -28.56
CA THR E 382 -25.37 -42.20 -29.14
C THR E 382 -24.87 -43.46 -29.83
N VAL E 383 -25.02 -44.60 -29.16
CA VAL E 383 -24.65 -45.90 -29.70
C VAL E 383 -25.74 -46.39 -30.66
N GLN E 384 -26.98 -46.44 -30.17
CA GLN E 384 -28.10 -46.97 -30.93
C GLN E 384 -28.45 -46.15 -32.18
N GLN E 385 -29.02 -44.97 -31.98
CA GLN E 385 -29.52 -44.15 -33.08
C GLN E 385 -28.41 -43.55 -33.94
N ASP E 386 -27.47 -42.83 -33.29
CA ASP E 386 -26.37 -42.18 -34.01
C ASP E 386 -25.39 -43.19 -34.59
N GLY E 387 -24.98 -44.16 -33.78
CA GLY E 387 -24.02 -45.17 -34.22
C GLY E 387 -22.59 -44.81 -33.83
N ILE E 388 -22.42 -44.32 -32.60
CA ILE E 388 -21.11 -43.93 -32.09
C ILE E 388 -20.80 -44.72 -30.82
N MET E 389 -19.66 -45.42 -30.83
CA MET E 389 -19.29 -46.33 -29.74
C MET E 389 -17.78 -46.46 -29.58
N THR E 390 -17.35 -47.25 -28.59
CA THR E 390 -15.94 -47.51 -28.33
C THR E 390 -15.49 -48.87 -28.88
N LYS E 391 -14.23 -49.20 -28.63
CA LYS E 391 -13.61 -50.44 -29.11
C LYS E 391 -14.43 -51.69 -28.77
N ASP E 392 -14.52 -51.99 -27.48
CA ASP E 392 -15.24 -53.17 -26.98
C ASP E 392 -16.61 -53.38 -27.63
N LEU E 393 -17.37 -52.30 -27.80
CA LEU E 393 -18.72 -52.37 -28.36
C LEU E 393 -18.73 -52.64 -29.86
N ALA E 394 -17.77 -52.06 -30.58
CA ALA E 394 -17.67 -52.22 -32.02
C ALA E 394 -17.51 -53.70 -32.40
N LEU E 395 -16.61 -54.38 -31.69
CA LEU E 395 -16.29 -55.78 -31.93
C LEU E 395 -17.51 -56.70 -31.86
N ALA E 396 -18.33 -56.50 -30.82
CA ALA E 396 -19.54 -57.29 -30.62
C ALA E 396 -20.49 -57.18 -31.81
N CYS E 397 -20.57 -55.99 -32.39
CA CYS E 397 -21.40 -55.75 -33.58
C CYS E 397 -20.88 -56.52 -34.80
N GLY E 398 -19.59 -56.86 -34.78
CA GLY E 398 -18.97 -57.61 -35.86
C GLY E 398 -18.10 -56.76 -36.77
N ASN E 399 -17.61 -55.64 -36.25
CA ASN E 399 -16.76 -54.73 -37.01
C ASN E 399 -15.36 -54.61 -36.44
N ASN E 400 -14.38 -55.05 -37.23
CA ASN E 400 -12.97 -55.00 -36.83
C ASN E 400 -12.24 -53.78 -37.41
N GLU E 401 -12.99 -52.94 -38.12
CA GLU E 401 -12.44 -51.74 -38.74
C GLU E 401 -12.11 -50.67 -37.70
N ARG E 402 -10.96 -50.02 -37.89
CA ARG E 402 -10.50 -48.98 -36.97
C ARG E 402 -11.33 -47.70 -37.06
N SER E 403 -12.23 -47.65 -38.04
CA SER E 403 -13.13 -46.52 -38.23
C SER E 403 -14.56 -46.86 -37.81
N ALA E 404 -14.71 -47.96 -37.07
CA ALA E 404 -16.01 -48.40 -36.57
C ALA E 404 -16.26 -47.91 -35.13
N TYR E 405 -15.21 -47.36 -34.52
CA TYR E 405 -15.31 -46.84 -33.16
C TYR E 405 -14.62 -45.48 -32.99
N VAL E 406 -14.88 -44.83 -31.86
CA VAL E 406 -14.29 -43.53 -31.53
C VAL E 406 -13.45 -43.61 -30.26
N THR E 407 -12.67 -42.56 -29.99
CA THR E 407 -11.86 -42.49 -28.78
C THR E 407 -12.74 -42.32 -27.53
N THR E 408 -12.19 -42.66 -26.37
CA THR E 408 -12.89 -42.55 -25.09
C THR E 408 -13.54 -41.18 -24.92
N GLU E 409 -12.74 -40.13 -25.17
CA GLU E 409 -13.19 -38.75 -25.04
C GLU E 409 -14.27 -38.39 -26.05
N GLU E 410 -14.13 -38.89 -27.27
CA GLU E 410 -15.08 -38.62 -28.35
C GLU E 410 -16.48 -39.14 -28.05
N PHE E 411 -16.57 -40.33 -27.48
CA PHE E 411 -17.86 -40.92 -27.09
C PHE E 411 -18.54 -40.05 -26.04
N LEU E 412 -17.76 -39.59 -25.06
CA LEU E 412 -18.27 -38.72 -24.00
C LEU E 412 -18.66 -37.36 -24.56
N ASP E 413 -17.89 -36.86 -25.52
CA ASP E 413 -18.21 -35.62 -26.22
C ASP E 413 -19.49 -35.79 -27.04
N ALA E 414 -19.66 -36.97 -27.62
CA ALA E 414 -20.85 -37.31 -28.39
C ALA E 414 -22.08 -37.41 -27.48
N VAL E 415 -21.89 -38.02 -26.30
CA VAL E 415 -22.95 -38.10 -25.30
C VAL E 415 -23.28 -36.71 -24.78
N GLU E 416 -22.25 -35.88 -24.61
CA GLU E 416 -22.43 -34.48 -24.20
C GLU E 416 -23.30 -33.73 -25.21
N LYS E 417 -22.96 -33.87 -26.50
CA LYS E 417 -23.72 -33.26 -27.58
C LYS E 417 -25.15 -33.78 -27.62
N ARG E 418 -25.29 -35.11 -27.51
CA ARG E 418 -26.60 -35.76 -27.48
C ARG E 418 -27.45 -35.24 -26.32
N LEU E 419 -26.83 -35.14 -25.14
CA LEU E 419 -27.48 -34.58 -23.95
C LEU E 419 -28.00 -33.18 -24.23
N GLN E 420 -27.12 -32.32 -24.73
CA GLN E 420 -27.45 -30.93 -25.05
C GLN E 420 -28.63 -30.81 -26.02
N LYS E 421 -28.81 -31.84 -26.85
CA LYS E 421 -29.91 -31.90 -27.81
C LYS E 421 -31.21 -32.39 -27.19
N GLU E 422 -31.12 -33.01 -26.02
CA GLU E 422 -32.27 -33.65 -25.39
C GLU E 422 -32.84 -32.92 -24.16
N ILE E 423 -31.98 -32.20 -23.43
CA ILE E 423 -32.44 -31.39 -22.29
C ILE E 423 -33.11 -30.09 -22.74
N LYS E 424 -32.84 -29.70 -23.98
CA LYS E 424 -33.37 -28.45 -24.54
C LYS E 424 -34.87 -28.51 -24.82
N SER E 425 -35.34 -29.64 -25.37
CA SER E 425 -36.73 -29.81 -25.76
C SER E 425 -37.50 -30.66 -24.75
N PHE F 16 -20.43 -110.14 -32.37
CA PHE F 16 -21.20 -111.36 -32.78
C PHE F 16 -20.53 -112.66 -32.32
N SER F 17 -19.34 -112.53 -31.74
CA SER F 17 -18.59 -113.68 -31.21
C SER F 17 -18.25 -113.48 -29.73
N LYS F 18 -18.57 -112.28 -29.23
CA LYS F 18 -18.34 -111.89 -27.83
C LYS F 18 -16.88 -111.64 -27.47
N ILE F 19 -16.59 -110.40 -27.07
CA ILE F 19 -15.26 -109.99 -26.63
C ILE F 19 -15.07 -110.33 -25.16
N LYS F 20 -13.95 -110.97 -24.83
CA LYS F 20 -13.63 -111.30 -23.45
C LYS F 20 -13.02 -110.10 -22.73
N VAL F 21 -13.78 -109.54 -21.80
CA VAL F 21 -13.30 -108.46 -20.95
C VAL F 21 -12.48 -109.12 -19.84
N LYS F 22 -11.21 -108.73 -19.76
CA LYS F 22 -10.24 -109.35 -18.85
C LYS F 22 -10.62 -109.20 -17.38
N GLN F 23 -10.68 -107.96 -16.91
CA GLN F 23 -11.00 -107.66 -15.52
C GLN F 23 -12.49 -107.37 -15.33
N PRO F 24 -13.07 -107.84 -14.22
CA PRO F 24 -14.48 -107.58 -13.92
C PRO F 24 -14.84 -106.09 -13.81
N VAL F 25 -16.09 -105.78 -14.15
CA VAL F 25 -16.61 -104.42 -14.14
C VAL F 25 -17.64 -104.24 -13.02
N VAL F 26 -17.45 -103.22 -12.20
CA VAL F 26 -18.38 -102.90 -11.13
C VAL F 26 -19.54 -102.09 -11.69
N GLU F 27 -20.74 -102.61 -11.54
CA GLU F 27 -21.95 -101.92 -12.02
C GLU F 27 -22.82 -101.46 -10.86
N LEU F 28 -23.29 -100.21 -10.95
CA LEU F 28 -24.19 -99.65 -9.93
C LEU F 28 -25.55 -99.34 -10.54
N ASP F 29 -26.56 -100.12 -10.14
CA ASP F 29 -27.93 -99.93 -10.62
C ASP F 29 -28.58 -98.75 -9.91
N GLY F 30 -29.57 -98.15 -10.55
CA GLY F 30 -30.17 -96.93 -10.05
C GLY F 30 -31.67 -96.96 -9.84
N ASP F 31 -32.34 -95.87 -10.21
CA ASP F 31 -33.74 -95.68 -9.90
C ASP F 31 -34.65 -95.40 -11.08
N GLU F 32 -35.86 -95.97 -11.01
CA GLU F 32 -36.98 -95.64 -11.89
C GLU F 32 -36.68 -95.69 -13.40
N MET F 33 -36.94 -94.58 -14.10
CA MET F 33 -36.80 -94.52 -15.55
C MET F 33 -35.39 -94.79 -16.04
N THR F 34 -34.40 -94.23 -15.36
CA THR F 34 -33.02 -94.52 -15.73
C THR F 34 -32.70 -95.97 -15.45
N ARG F 35 -33.27 -96.53 -14.38
CA ARG F 35 -33.11 -97.95 -14.05
C ARG F 35 -33.68 -98.84 -15.15
N ILE F 36 -34.88 -98.50 -15.63
CA ILE F 36 -35.54 -99.24 -16.72
C ILE F 36 -34.70 -99.14 -18.00
N ILE F 37 -34.29 -97.92 -18.34
CA ILE F 37 -33.46 -97.66 -19.52
C ILE F 37 -32.11 -98.39 -19.41
N TRP F 38 -31.53 -98.33 -18.22
CA TRP F 38 -30.24 -98.95 -17.90
C TRP F 38 -30.23 -100.44 -18.18
N ASP F 39 -31.30 -101.11 -17.78
CA ASP F 39 -31.42 -102.55 -17.92
C ASP F 39 -31.57 -102.97 -19.38
N LYS F 40 -32.27 -102.17 -20.16
CA LYS F 40 -32.48 -102.45 -21.58
C LYS F 40 -31.19 -102.26 -22.39
N ILE F 41 -30.41 -101.25 -22.02
CA ILE F 41 -29.09 -101.02 -22.62
C ILE F 41 -28.21 -102.24 -22.37
N LYS F 42 -28.13 -102.64 -21.10
CA LYS F 42 -27.31 -103.77 -20.68
C LYS F 42 -27.67 -105.04 -21.43
N LYS F 43 -28.97 -105.35 -21.48
CA LYS F 43 -29.45 -106.59 -22.07
C LYS F 43 -29.38 -106.62 -23.59
N LYS F 44 -29.33 -105.45 -24.22
CA LYS F 44 -29.35 -105.39 -25.68
C LYS F 44 -28.08 -104.84 -26.34
N LEU F 45 -27.48 -103.81 -25.73
CA LEU F 45 -26.32 -103.16 -26.33
C LEU F 45 -24.97 -103.61 -25.75
N ILE F 46 -24.99 -104.30 -24.61
CA ILE F 46 -23.74 -104.71 -23.97
C ILE F 46 -23.57 -106.22 -23.83
N LEU F 47 -24.49 -106.87 -23.10
CA LEU F 47 -24.37 -108.29 -22.81
C LEU F 47 -24.31 -109.22 -24.02
N PRO F 48 -25.09 -108.94 -25.07
CA PRO F 48 -25.01 -109.74 -26.31
C PRO F 48 -23.62 -109.72 -26.95
N TYR F 49 -22.86 -108.66 -26.70
CA TYR F 49 -21.56 -108.46 -27.36
C TYR F 49 -20.35 -108.73 -26.49
N LEU F 50 -20.53 -108.60 -25.17
CA LEU F 50 -19.40 -108.79 -24.26
C LEU F 50 -19.63 -109.91 -23.26
N ASP F 51 -18.56 -110.63 -22.99
CA ASP F 51 -18.52 -111.57 -21.88
C ASP F 51 -17.91 -110.80 -20.70
N VAL F 52 -18.78 -110.09 -19.98
CA VAL F 52 -18.36 -109.27 -18.84
C VAL F 52 -18.71 -109.91 -17.50
N ASP F 53 -17.76 -109.86 -16.58
CA ASP F 53 -18.03 -110.25 -15.20
C ASP F 53 -18.51 -109.01 -14.46
N LEU F 54 -19.83 -108.86 -14.35
CA LEU F 54 -20.39 -107.69 -13.71
C LEU F 54 -20.57 -107.89 -12.22
N LYS F 55 -19.81 -107.13 -11.43
CA LYS F 55 -19.98 -107.10 -9.99
C LYS F 55 -21.09 -106.09 -9.72
N TYR F 56 -22.27 -106.62 -9.34
CA TYR F 56 -23.50 -105.83 -9.30
C TYR F 56 -23.84 -105.28 -7.91
N TYR F 57 -24.10 -103.98 -7.86
CA TYR F 57 -24.50 -103.30 -6.64
C TYR F 57 -25.73 -102.45 -6.94
N ASP F 58 -26.82 -102.75 -6.24
CA ASP F 58 -28.10 -102.06 -6.43
C ASP F 58 -28.15 -100.81 -5.56
N LEU F 59 -28.05 -99.64 -6.20
CA LEU F 59 -28.08 -98.37 -5.46
C LEU F 59 -29.43 -97.64 -5.62
N SER F 60 -30.51 -98.41 -5.66
CA SER F 60 -31.85 -97.84 -5.71
C SER F 60 -32.25 -97.31 -4.32
N VAL F 61 -33.22 -96.40 -4.30
CA VAL F 61 -33.74 -95.84 -3.05
C VAL F 61 -34.10 -96.95 -2.07
N GLU F 62 -34.90 -97.88 -2.56
CA GLU F 62 -35.35 -99.04 -1.80
C GLU F 62 -34.17 -99.87 -1.27
N SER F 63 -33.22 -100.17 -2.16
CA SER F 63 -32.05 -100.98 -1.81
C SER F 63 -31.17 -100.31 -0.78
N ARG F 64 -30.93 -99.01 -0.97
CA ARG F 64 -30.11 -98.23 -0.04
C ARG F 64 -30.76 -98.08 1.34
N ASP F 65 -32.08 -98.01 1.37
CA ASP F 65 -32.82 -97.87 2.63
C ASP F 65 -32.69 -99.13 3.49
N ALA F 66 -33.01 -100.28 2.91
CA ALA F 66 -32.95 -101.57 3.60
C ALA F 66 -31.56 -101.90 4.13
N THR F 67 -30.54 -101.35 3.47
CA THR F 67 -29.15 -101.60 3.81
C THR F 67 -28.53 -100.48 4.64
N SER F 68 -29.34 -99.45 4.93
CA SER F 68 -28.87 -98.25 5.63
C SER F 68 -27.68 -97.62 4.90
N ASP F 69 -27.80 -97.52 3.58
CA ASP F 69 -26.80 -96.94 2.69
C ASP F 69 -25.42 -97.62 2.74
N LYS F 70 -25.38 -98.84 3.28
CA LYS F 70 -24.15 -99.62 3.32
C LYS F 70 -23.76 -100.13 1.94
N ILE F 71 -24.76 -100.41 1.09
CA ILE F 71 -24.52 -100.85 -0.28
C ILE F 71 -23.76 -99.80 -1.10
N THR F 72 -23.98 -98.53 -0.78
CA THR F 72 -23.29 -97.43 -1.45
C THR F 72 -21.80 -97.46 -1.13
N GLN F 73 -21.49 -97.68 0.15
CA GLN F 73 -20.11 -97.72 0.61
C GLN F 73 -19.39 -98.97 0.12
N ASP F 74 -20.11 -100.10 0.10
CA ASP F 74 -19.58 -101.35 -0.46
C ASP F 74 -19.29 -101.17 -1.95
N ALA F 75 -20.21 -100.49 -2.64
CA ALA F 75 -20.10 -100.23 -4.08
C ALA F 75 -18.86 -99.41 -4.42
N ALA F 76 -18.62 -98.36 -3.64
CA ALA F 76 -17.45 -97.49 -3.84
C ALA F 76 -16.15 -98.21 -3.55
N GLU F 77 -16.15 -99.06 -2.51
CA GLU F 77 -14.99 -99.88 -2.17
C GLU F 77 -14.72 -100.90 -3.27
N ALA F 78 -15.79 -101.34 -3.93
CA ALA F 78 -15.69 -102.27 -5.05
C ALA F 78 -15.10 -101.61 -6.29
N ILE F 79 -15.48 -100.35 -6.53
CA ILE F 79 -14.93 -99.59 -7.66
C ILE F 79 -13.41 -99.48 -7.51
N LYS F 80 -12.96 -99.18 -6.29
CA LYS F 80 -11.55 -99.07 -6.00
C LYS F 80 -10.84 -100.41 -6.18
N LYS F 81 -11.49 -101.48 -5.75
CA LYS F 81 -10.91 -102.83 -5.82
C LYS F 81 -10.64 -103.27 -7.26
N TYR F 82 -11.63 -103.10 -8.13
CA TYR F 82 -11.54 -103.62 -9.50
C TYR F 82 -11.09 -102.60 -10.55
N GLY F 83 -11.20 -101.31 -10.21
CA GLY F 83 -10.67 -100.26 -11.06
C GLY F 83 -11.69 -99.41 -11.80
N VAL F 84 -12.68 -100.05 -12.41
CA VAL F 84 -13.69 -99.33 -13.18
C VAL F 84 -15.10 -99.56 -12.65
N GLY F 85 -15.81 -98.48 -12.42
CA GLY F 85 -17.21 -98.52 -12.02
C GLY F 85 -18.08 -97.84 -13.06
N ILE F 86 -19.28 -98.38 -13.25
CA ILE F 86 -20.26 -97.78 -14.17
C ILE F 86 -21.57 -97.63 -13.39
N LYS F 87 -22.06 -96.40 -13.32
CA LYS F 87 -23.20 -96.09 -12.45
C LYS F 87 -24.43 -95.52 -13.15
N CYS F 88 -25.59 -96.08 -12.81
CA CYS F 88 -26.89 -95.56 -13.25
C CYS F 88 -27.26 -94.36 -12.38
N ALA F 89 -28.09 -93.46 -12.91
CA ALA F 89 -28.57 -92.31 -12.15
C ALA F 89 -29.44 -92.78 -10.99
N THR F 90 -29.24 -92.17 -9.83
CA THR F 90 -29.98 -92.54 -8.62
C THR F 90 -30.79 -91.37 -8.07
N ILE F 91 -31.62 -91.64 -7.08
CA ILE F 91 -32.40 -90.61 -6.40
C ILE F 91 -31.82 -90.31 -5.02
N THR F 92 -31.57 -89.04 -4.76
CA THR F 92 -31.25 -88.56 -3.43
C THR F 92 -32.54 -88.04 -2.82
N PRO F 93 -33.21 -88.87 -2.01
CA PRO F 93 -34.55 -88.58 -1.49
C PRO F 93 -34.67 -87.25 -0.72
N ASP F 94 -35.83 -86.62 -0.85
CA ASP F 94 -36.12 -85.39 -0.12
C ASP F 94 -37.14 -85.66 1.00
N GLU F 95 -37.60 -84.60 1.66
CA GLU F 95 -38.59 -84.70 2.74
C GLU F 95 -39.84 -85.48 2.31
N ALA F 96 -40.32 -85.19 1.10
CA ALA F 96 -41.51 -85.86 0.56
C ALA F 96 -41.26 -87.33 0.25
N ARG F 97 -40.09 -87.62 -0.34
CA ARG F 97 -39.72 -89.00 -0.67
C ARG F 97 -39.62 -89.89 0.56
N VAL F 98 -39.09 -89.33 1.65
CA VAL F 98 -39.00 -90.02 2.93
C VAL F 98 -40.40 -90.30 3.46
N LYS F 99 -41.34 -89.37 3.23
CA LYS F 99 -42.72 -89.51 3.67
C LYS F 99 -43.56 -90.36 2.72
N GLU F 100 -43.19 -90.37 1.44
CA GLU F 100 -43.91 -91.15 0.44
C GLU F 100 -43.45 -92.60 0.43
N PHE F 101 -42.24 -92.83 -0.10
CA PHE F 101 -41.67 -94.18 -0.20
C PHE F 101 -41.30 -94.77 1.18
N ASN F 102 -41.62 -94.03 2.23
CA ASN F 102 -41.34 -94.42 3.62
C ASN F 102 -39.89 -94.85 3.87
N LEU F 103 -39.05 -93.90 4.21
CA LEU F 103 -37.63 -94.16 4.44
C LEU F 103 -37.23 -93.91 5.89
N HIS F 104 -36.17 -94.59 6.32
CA HIS F 104 -35.69 -94.51 7.69
C HIS F 104 -34.92 -93.23 7.97
N LYS F 105 -34.43 -92.59 6.91
CA LYS F 105 -33.62 -91.38 7.01
C LYS F 105 -33.52 -90.72 5.63
N MET F 106 -33.32 -89.41 5.62
CA MET F 106 -33.00 -88.70 4.38
C MET F 106 -31.54 -88.97 4.05
N TRP F 107 -31.30 -90.07 3.34
CA TRP F 107 -29.95 -90.53 3.01
C TRP F 107 -29.18 -89.50 2.17
N LYS F 108 -27.87 -89.49 2.34
CA LYS F 108 -27.00 -88.60 1.58
C LYS F 108 -26.86 -89.08 0.13
N SER F 109 -26.52 -88.15 -0.76
CA SER F 109 -26.31 -88.44 -2.17
C SER F 109 -25.24 -89.50 -2.32
N PRO F 110 -25.59 -90.65 -2.92
CA PRO F 110 -24.60 -91.71 -3.14
C PRO F 110 -23.42 -91.22 -3.97
N ASN F 111 -23.70 -90.41 -5.01
CA ASN F 111 -22.64 -89.77 -5.79
C ASN F 111 -21.66 -89.01 -4.89
N GLY F 112 -22.19 -88.26 -3.94
CA GLY F 112 -21.38 -87.54 -2.97
C GLY F 112 -20.56 -88.47 -2.09
N THR F 113 -21.16 -89.59 -1.70
CA THR F 113 -20.50 -90.61 -0.88
C THR F 113 -19.37 -91.31 -1.66
N ILE F 114 -19.65 -91.67 -2.91
CA ILE F 114 -18.69 -92.37 -3.77
C ILE F 114 -17.50 -91.47 -4.13
N ARG F 115 -17.79 -90.18 -4.33
CA ARG F 115 -16.73 -89.20 -4.59
C ARG F 115 -15.81 -89.02 -3.38
N ASN F 116 -16.39 -89.07 -2.18
CA ASN F 116 -15.62 -88.92 -0.96
C ASN F 116 -14.68 -90.09 -0.73
N ILE F 117 -15.16 -91.31 -0.99
CA ILE F 117 -14.37 -92.51 -0.79
C ILE F 117 -13.24 -92.64 -1.83
N LEU F 118 -13.57 -92.40 -3.09
CA LEU F 118 -12.59 -92.51 -4.18
C LEU F 118 -11.72 -91.27 -4.31
N GLY F 119 -12.33 -90.09 -4.13
CA GLY F 119 -11.64 -88.82 -4.32
C GLY F 119 -11.27 -88.59 -5.78
N GLY F 120 -10.59 -87.48 -6.04
CA GLY F 120 -10.08 -87.21 -7.38
C GLY F 120 -10.78 -86.09 -8.13
N THR F 121 -11.07 -86.35 -9.41
CA THR F 121 -11.63 -85.34 -10.31
C THR F 121 -12.77 -85.88 -11.16
N VAL F 122 -13.88 -85.16 -11.20
CA VAL F 122 -15.00 -85.51 -12.07
C VAL F 122 -14.92 -84.69 -13.36
N PHE F 123 -14.62 -85.37 -14.47
CA PHE F 123 -14.54 -84.72 -15.77
C PHE F 123 -15.89 -84.73 -16.47
N ARG F 124 -16.39 -83.54 -16.78
CA ARG F 124 -17.68 -83.37 -17.43
C ARG F 124 -17.50 -82.78 -18.83
N GLU F 125 -18.08 -83.47 -19.82
CA GLU F 125 -17.92 -83.10 -21.22
C GLU F 125 -19.25 -83.24 -21.94
N PRO F 126 -19.58 -82.31 -22.84
CA PRO F 126 -20.82 -82.39 -23.61
C PRO F 126 -20.78 -83.52 -24.63
N ILE F 127 -21.92 -84.18 -24.82
CA ILE F 127 -22.06 -85.19 -25.87
C ILE F 127 -22.56 -84.42 -27.09
N VAL F 128 -21.66 -84.22 -28.05
CA VAL F 128 -21.92 -83.37 -29.20
C VAL F 128 -22.62 -84.10 -30.35
N ILE F 129 -23.84 -83.65 -30.65
CA ILE F 129 -24.58 -84.09 -31.83
C ILE F 129 -24.76 -82.85 -32.70
N PRO F 130 -24.07 -82.82 -33.85
CA PRO F 130 -24.02 -81.64 -34.73
C PRO F 130 -25.37 -80.99 -35.06
N ARG F 131 -26.40 -81.80 -35.31
CA ARG F 131 -27.70 -81.27 -35.71
C ARG F 131 -28.49 -80.62 -34.57
N ILE F 132 -28.01 -80.81 -33.34
CA ILE F 132 -28.63 -80.18 -32.18
C ILE F 132 -28.20 -78.72 -32.08
N PRO F 133 -29.18 -77.81 -32.09
CA PRO F 133 -28.92 -76.37 -32.02
C PRO F 133 -28.30 -75.99 -30.68
N ARG F 134 -27.22 -75.20 -30.73
CA ARG F 134 -26.50 -74.78 -29.53
C ARG F 134 -27.02 -73.44 -29.05
N LEU F 135 -27.36 -73.37 -27.77
CA LEU F 135 -27.96 -72.16 -27.17
C LEU F 135 -26.93 -71.04 -27.03
N VAL F 136 -25.65 -71.42 -27.02
CA VAL F 136 -24.55 -70.47 -27.13
C VAL F 136 -23.84 -70.82 -28.45
N PRO F 137 -24.34 -70.23 -29.55
CA PRO F 137 -23.92 -70.59 -30.92
C PRO F 137 -22.41 -70.50 -31.18
N ARG F 138 -21.73 -69.55 -30.53
CA ARG F 138 -20.29 -69.39 -30.71
C ARG F 138 -19.50 -70.62 -30.28
N TRP F 139 -20.05 -71.39 -29.35
CA TRP F 139 -19.42 -72.61 -28.86
C TRP F 139 -19.36 -73.65 -30.00
N GLU F 140 -18.19 -73.75 -30.63
CA GLU F 140 -17.97 -74.66 -31.75
C GLU F 140 -17.14 -75.87 -31.31
N LYS F 141 -16.20 -75.63 -30.40
CA LYS F 141 -15.35 -76.68 -29.83
C LYS F 141 -15.82 -77.02 -28.41
N PRO F 142 -15.76 -78.30 -28.02
CA PRO F 142 -16.19 -78.74 -26.69
C PRO F 142 -15.49 -78.06 -25.51
N ILE F 143 -16.27 -77.74 -24.48
CA ILE F 143 -15.75 -77.23 -23.21
C ILE F 143 -15.81 -78.36 -22.18
N ILE F 144 -14.67 -78.70 -21.60
CA ILE F 144 -14.59 -79.74 -20.59
C ILE F 144 -14.39 -79.16 -19.19
N ILE F 145 -15.18 -79.63 -18.24
CA ILE F 145 -15.06 -79.18 -16.86
C ILE F 145 -14.40 -80.22 -15.96
N GLY F 146 -13.29 -79.82 -15.34
CA GLY F 146 -12.60 -80.65 -14.37
C GLY F 146 -13.04 -80.28 -12.98
N ARG F 147 -14.04 -80.99 -12.48
CA ARG F 147 -14.61 -80.72 -11.16
C ARG F 147 -13.90 -81.50 -10.07
N HIS F 148 -13.36 -80.77 -9.09
CA HIS F 148 -12.77 -81.36 -7.91
C HIS F 148 -13.84 -82.18 -7.18
N ALA F 149 -13.63 -83.49 -7.13
CA ALA F 149 -14.64 -84.41 -6.60
C ALA F 149 -14.82 -84.34 -5.09
N HIS F 150 -13.78 -83.89 -4.40
CA HIS F 150 -13.76 -83.96 -2.94
C HIS F 150 -13.73 -82.60 -2.23
N GLY F 151 -14.39 -82.58 -1.07
CA GLY F 151 -14.26 -81.48 -0.13
C GLY F 151 -15.30 -80.38 -0.24
N ASP F 152 -14.94 -79.21 0.30
CA ASP F 152 -15.78 -78.02 0.28
C ASP F 152 -17.18 -78.29 0.85
N GLN F 153 -18.19 -77.61 0.31
CA GLN F 153 -19.55 -77.69 0.85
C GLN F 153 -20.18 -79.09 0.88
N TYR F 154 -19.58 -80.04 0.17
CA TYR F 154 -20.12 -81.40 0.08
C TYR F 154 -19.68 -82.32 1.22
N LYS F 155 -18.78 -81.81 2.06
CA LYS F 155 -18.39 -82.49 3.29
C LYS F 155 -18.52 -81.50 4.46
N ALA F 156 -19.13 -80.35 4.17
CA ALA F 156 -19.23 -79.26 5.14
C ALA F 156 -20.11 -79.56 6.35
N THR F 157 -20.01 -78.68 7.34
CA THR F 157 -20.81 -78.77 8.55
C THR F 157 -21.54 -77.44 8.72
N ASP F 158 -22.86 -77.48 8.62
CA ASP F 158 -23.69 -76.28 8.81
C ASP F 158 -24.61 -76.43 10.01
N THR F 159 -25.22 -75.33 10.45
CA THR F 159 -26.10 -75.34 11.61
C THR F 159 -26.86 -74.04 11.82
N LEU F 160 -27.93 -74.11 12.60
CA LEU F 160 -28.68 -72.93 13.01
C LEU F 160 -28.08 -72.37 14.30
N ILE F 161 -28.01 -71.05 14.37
CA ILE F 161 -27.51 -70.34 15.55
C ILE F 161 -28.72 -69.69 16.21
N PRO F 162 -29.24 -70.31 17.28
CA PRO F 162 -30.50 -69.90 17.91
C PRO F 162 -30.57 -68.44 18.40
N GLY F 163 -29.43 -67.86 18.78
CA GLY F 163 -29.41 -66.48 19.24
C GLY F 163 -28.01 -65.89 19.29
N PRO F 164 -27.88 -64.72 19.95
CA PRO F 164 -26.57 -64.06 20.08
C PRO F 164 -25.53 -64.95 20.76
N GLY F 165 -24.25 -64.69 20.47
CA GLY F 165 -23.15 -65.47 21.02
C GLY F 165 -21.98 -65.57 20.05
N SER F 166 -20.85 -66.06 20.56
CA SER F 166 -19.63 -66.15 19.77
C SER F 166 -19.59 -67.40 18.89
N LEU F 167 -18.84 -67.30 17.79
CA LEU F 167 -18.64 -68.42 16.87
C LEU F 167 -17.17 -68.47 16.47
N GLU F 168 -16.52 -69.60 16.74
CA GLU F 168 -15.08 -69.72 16.51
C GLU F 168 -14.68 -71.00 15.78
N LEU F 169 -13.53 -70.94 15.11
CA LEU F 169 -12.91 -72.11 14.49
C LEU F 169 -11.71 -72.52 15.32
N VAL F 170 -11.70 -73.79 15.77
CA VAL F 170 -10.64 -74.27 16.64
C VAL F 170 -9.83 -75.40 16.02
N TYR F 171 -8.52 -75.19 15.87
CA TYR F 171 -7.63 -76.22 15.37
C TYR F 171 -6.63 -76.67 16.44
N LYS F 172 -6.52 -77.98 16.64
CA LYS F 172 -5.62 -78.55 17.64
C LYS F 172 -4.75 -79.65 17.01
N PRO F 173 -3.48 -79.33 16.75
CA PRO F 173 -2.56 -80.27 16.11
C PRO F 173 -2.28 -81.50 16.98
N SER F 174 -2.12 -82.66 16.35
CA SER F 174 -1.80 -83.91 17.04
C SER F 174 -0.38 -83.84 17.62
N ASP F 175 0.52 -83.28 16.82
CA ASP F 175 1.91 -83.06 17.21
C ASP F 175 2.13 -81.56 17.45
N PRO F 176 2.09 -81.12 18.71
CA PRO F 176 2.24 -79.71 19.06
C PRO F 176 3.67 -79.19 18.84
N THR F 177 4.63 -80.10 18.70
CA THR F 177 6.04 -79.73 18.50
C THR F 177 6.34 -79.25 17.07
N THR F 178 5.49 -79.65 16.13
CA THR F 178 5.63 -79.25 14.72
C THR F 178 4.72 -78.06 14.41
N ALA F 179 3.44 -78.18 14.78
CA ALA F 179 2.44 -77.18 14.48
C ALA F 179 1.86 -76.55 15.74
N GLN F 180 1.40 -75.31 15.63
CA GLN F 180 0.81 -74.57 16.74
C GLN F 180 -0.71 -74.51 16.66
N PRO F 181 -1.39 -74.46 17.81
CA PRO F 181 -2.86 -74.39 17.85
C PRO F 181 -3.43 -73.10 17.26
N GLN F 182 -4.72 -73.13 16.92
CA GLN F 182 -5.38 -71.98 16.32
C GLN F 182 -6.79 -71.80 16.89
N THR F 183 -7.14 -70.56 17.21
CA THR F 183 -8.48 -70.21 17.66
C THR F 183 -8.87 -68.90 16.99
N LEU F 184 -9.80 -68.98 16.04
CA LEU F 184 -10.19 -67.84 15.22
C LEU F 184 -11.64 -67.42 15.45
N LYS F 185 -11.84 -66.14 15.75
CA LYS F 185 -13.17 -65.57 15.90
C LYS F 185 -13.82 -65.42 14.52
N VAL F 186 -14.90 -66.16 14.30
CA VAL F 186 -15.62 -66.11 13.03
C VAL F 186 -16.63 -64.98 13.05
N TYR F 187 -17.44 -64.94 14.11
CA TYR F 187 -18.51 -63.95 14.22
C TYR F 187 -19.09 -63.88 15.64
N ASP F 188 -19.76 -62.76 15.91
CA ASP F 188 -20.53 -62.58 17.12
C ASP F 188 -21.96 -62.21 16.72
N TYR F 189 -22.86 -63.19 16.79
CA TYR F 189 -24.26 -62.98 16.44
C TYR F 189 -24.92 -62.04 17.45
N LYS F 190 -25.83 -61.21 16.95
CA LYS F 190 -26.63 -60.32 17.79
C LYS F 190 -28.09 -60.77 17.72
N GLY F 191 -28.32 -61.81 16.93
CA GLY F 191 -29.62 -62.43 16.76
C GLY F 191 -29.44 -63.80 16.13
N SER F 192 -30.54 -64.47 15.82
CA SER F 192 -30.49 -65.80 15.22
C SER F 192 -29.98 -65.76 13.78
N GLY F 193 -29.25 -66.81 13.40
CA GLY F 193 -28.69 -66.91 12.07
C GLY F 193 -28.23 -68.30 11.71
N VAL F 194 -27.33 -68.39 10.72
CA VAL F 194 -26.79 -69.67 10.28
C VAL F 194 -25.26 -69.63 10.21
N ALA F 195 -24.64 -70.79 10.44
CA ALA F 195 -23.19 -70.92 10.38
C ALA F 195 -22.80 -72.21 9.68
N MET F 196 -21.61 -72.22 9.07
CA MET F 196 -21.08 -73.42 8.44
C MET F 196 -19.56 -73.42 8.39
N ALA F 197 -18.98 -74.60 8.26
CA ALA F 197 -17.54 -74.76 8.11
C ALA F 197 -17.23 -75.93 7.17
N MET F 198 -16.37 -75.67 6.21
CA MET F 198 -15.93 -76.70 5.28
C MET F 198 -14.42 -76.82 5.31
N TYR F 199 -13.86 -77.61 4.40
CA TYR F 199 -12.43 -77.88 4.38
C TYR F 199 -12.04 -78.61 3.10
N ASN F 200 -10.73 -78.67 2.87
CA ASN F 200 -10.14 -79.47 1.81
C ASN F 200 -8.70 -79.78 2.20
N THR F 201 -8.12 -80.82 1.60
CA THR F 201 -6.75 -81.23 1.91
C THR F 201 -5.79 -80.90 0.77
N ASP F 202 -4.52 -80.72 1.12
CA ASP F 202 -3.48 -80.45 0.13
C ASP F 202 -3.29 -81.64 -0.82
N GLU F 203 -3.41 -82.85 -0.27
CA GLU F 203 -3.29 -84.07 -1.05
C GLU F 203 -4.37 -84.14 -2.13
N SER F 204 -5.61 -83.80 -1.75
CA SER F 204 -6.74 -83.81 -2.67
C SER F 204 -6.60 -82.76 -3.77
N ILE F 205 -6.09 -81.58 -3.42
CA ILE F 205 -5.88 -80.51 -4.40
C ILE F 205 -4.75 -80.87 -5.35
N GLU F 206 -3.71 -81.53 -4.84
CA GLU F 206 -2.59 -81.98 -5.65
C GLU F 206 -3.06 -82.97 -6.72
N GLY F 207 -3.94 -83.88 -6.32
CA GLY F 207 -4.52 -84.85 -7.25
C GLY F 207 -5.45 -84.20 -8.25
N PHE F 208 -6.19 -83.20 -7.78
CA PHE F 208 -7.05 -82.38 -8.64
C PHE F 208 -6.20 -81.70 -9.71
N ALA F 209 -5.08 -81.11 -9.27
CA ALA F 209 -4.13 -80.47 -10.17
C ALA F 209 -3.55 -81.46 -11.19
N HIS F 210 -3.00 -82.55 -10.67
CA HIS F 210 -2.35 -83.57 -11.49
C HIS F 210 -3.23 -84.08 -12.63
N SER F 211 -4.47 -84.45 -12.30
CA SER F 211 -5.40 -84.97 -13.30
C SER F 211 -5.80 -83.89 -14.31
N SER F 212 -5.97 -82.66 -13.83
CA SER F 212 -6.36 -81.54 -14.69
C SER F 212 -5.27 -81.23 -15.71
N PHE F 213 -4.01 -81.35 -15.30
CA PHE F 213 -2.88 -81.11 -16.19
C PHE F 213 -2.69 -82.23 -17.21
N LYS F 214 -2.82 -83.48 -16.75
CA LYS F 214 -2.65 -84.65 -17.60
C LYS F 214 -3.66 -84.68 -18.74
N LEU F 215 -4.92 -84.35 -18.45
CA LEU F 215 -5.98 -84.34 -19.45
C LEU F 215 -5.82 -83.19 -20.46
N ALA F 216 -5.30 -82.05 -19.99
CA ALA F 216 -5.05 -80.90 -20.85
C ALA F 216 -3.95 -81.23 -21.87
N ILE F 217 -2.91 -81.91 -21.41
CA ILE F 217 -1.84 -82.41 -22.27
C ILE F 217 -2.40 -83.53 -23.18
N ASP F 218 -3.26 -84.36 -22.60
CA ASP F 218 -3.84 -85.50 -23.30
C ASP F 218 -4.76 -85.11 -24.45
N LYS F 219 -5.50 -84.01 -24.27
CA LYS F 219 -6.47 -83.58 -25.26
C LYS F 219 -6.01 -82.36 -26.07
N LYS F 220 -4.82 -81.86 -25.77
CA LYS F 220 -4.24 -80.69 -26.43
C LYS F 220 -5.15 -79.46 -26.29
N LEU F 221 -5.41 -79.08 -25.04
CA LEU F 221 -6.27 -77.94 -24.73
C LEU F 221 -5.67 -77.06 -23.65
N ASN F 222 -6.04 -75.78 -23.67
CA ASN F 222 -5.65 -74.84 -22.61
C ASN F 222 -6.36 -75.19 -21.31
N LEU F 223 -5.63 -75.11 -20.20
CA LEU F 223 -6.18 -75.40 -18.89
C LEU F 223 -6.41 -74.11 -18.09
N PHE F 224 -7.64 -73.95 -17.60
CA PHE F 224 -7.98 -72.79 -16.77
C PHE F 224 -8.42 -73.25 -15.39
N LEU F 225 -7.78 -72.68 -14.37
CA LEU F 225 -8.22 -72.87 -13.00
C LEU F 225 -9.03 -71.64 -12.61
N SER F 226 -10.13 -71.85 -11.90
CA SER F 226 -10.96 -70.75 -11.42
C SER F 226 -11.08 -70.76 -9.91
N THR F 227 -10.83 -69.60 -9.31
CA THR F 227 -10.77 -69.45 -7.86
C THR F 227 -11.28 -68.06 -7.46
N LYS F 228 -11.46 -67.84 -6.16
CA LYS F 228 -11.85 -66.54 -5.64
C LYS F 228 -10.87 -66.10 -4.55
N ASN F 229 -9.58 -66.19 -4.87
CA ASN F 229 -8.49 -65.94 -3.93
C ASN F 229 -8.34 -64.49 -3.49
N THR F 230 -8.99 -63.57 -4.18
CA THR F 230 -9.00 -62.17 -3.77
C THR F 230 -9.79 -62.00 -2.47
N ILE F 231 -10.73 -62.92 -2.24
CA ILE F 231 -11.54 -62.93 -1.04
C ILE F 231 -11.04 -64.01 -0.08
N LEU F 232 -11.16 -65.27 -0.49
CA LEU F 232 -10.64 -66.38 0.29
C LEU F 232 -9.15 -66.52 -0.03
N LYS F 233 -8.35 -65.66 0.61
CA LYS F 233 -6.92 -65.54 0.33
C LYS F 233 -6.11 -66.80 0.61
N LYS F 234 -6.45 -67.49 1.70
CA LYS F 234 -5.69 -68.65 2.15
C LYS F 234 -6.32 -69.96 1.64
N TYR F 235 -7.64 -70.06 1.76
CA TYR F 235 -8.38 -71.25 1.33
C TYR F 235 -8.28 -71.45 -0.19
N ASP F 236 -8.73 -70.45 -0.94
CA ASP F 236 -8.71 -70.51 -2.40
C ASP F 236 -7.30 -70.32 -2.92
N GLY F 237 -6.50 -69.52 -2.22
CA GLY F 237 -5.11 -69.28 -2.57
C GLY F 237 -4.28 -70.55 -2.61
N ARG F 238 -4.62 -71.52 -1.77
CA ARG F 238 -3.96 -72.82 -1.77
C ARG F 238 -4.18 -73.56 -3.08
N PHE F 239 -5.40 -73.49 -3.61
CA PHE F 239 -5.72 -74.08 -4.91
C PHE F 239 -4.86 -73.46 -6.00
N LYS F 240 -4.73 -72.14 -5.98
CA LYS F 240 -3.90 -71.41 -6.93
C LYS F 240 -2.42 -71.79 -6.79
N ASP F 241 -1.91 -71.73 -5.56
CA ASP F 241 -0.50 -72.01 -5.31
C ASP F 241 -0.12 -73.45 -5.68
N ILE F 242 -0.92 -74.41 -5.24
CA ILE F 242 -0.64 -75.83 -5.50
C ILE F 242 -0.65 -76.16 -7.00
N PHE F 243 -1.62 -75.61 -7.73
CA PHE F 243 -1.70 -75.82 -9.18
C PHE F 243 -0.45 -75.28 -9.89
N GLN F 244 -0.06 -74.05 -9.56
CA GLN F 244 1.14 -73.43 -10.11
C GLN F 244 2.42 -74.13 -9.62
N GLU F 245 2.39 -74.63 -8.39
CA GLU F 245 3.48 -75.41 -7.82
C GLU F 245 3.68 -76.70 -8.58
N VAL F 246 2.57 -77.31 -9.01
CA VAL F 246 2.60 -78.57 -9.76
C VAL F 246 2.87 -78.33 -11.25
N TYR F 247 2.35 -77.23 -11.78
CA TYR F 247 2.56 -76.87 -13.19
C TYR F 247 4.04 -76.73 -13.53
N GLU F 248 4.75 -75.98 -12.69
CA GLU F 248 6.19 -75.76 -12.84
C GLU F 248 6.96 -77.07 -12.60
N ALA F 249 6.50 -77.84 -11.62
CA ALA F 249 7.17 -79.07 -11.19
C ALA F 249 7.39 -80.10 -12.28
N GLN F 250 6.38 -80.32 -13.14
CA GLN F 250 6.48 -81.36 -14.17
C GLN F 250 5.54 -81.25 -15.37
N TYR F 251 4.91 -80.08 -15.56
CA TYR F 251 3.97 -79.91 -16.68
C TYR F 251 4.26 -78.72 -17.58
N LYS F 252 5.14 -77.82 -17.11
CA LYS F 252 5.48 -76.60 -17.84
C LYS F 252 6.06 -76.87 -19.24
N SER F 253 7.00 -77.80 -19.32
CA SER F 253 7.68 -78.11 -20.58
C SER F 253 6.76 -78.78 -21.60
N LYS F 254 5.91 -79.70 -21.13
CA LYS F 254 4.98 -80.42 -22.00
C LYS F 254 3.88 -79.50 -22.54
N PHE F 255 3.42 -78.58 -21.71
CA PHE F 255 2.44 -77.57 -22.13
C PHE F 255 3.05 -76.69 -23.22
N GLU F 256 4.26 -76.20 -22.96
CA GLU F 256 4.97 -75.32 -23.90
C GLU F 256 5.28 -76.01 -25.23
N GLN F 257 5.68 -77.28 -25.15
CA GLN F 257 5.98 -78.10 -26.32
C GLN F 257 4.73 -78.32 -27.18
N LEU F 258 3.57 -78.45 -26.53
CA LEU F 258 2.30 -78.66 -27.23
C LEU F 258 1.68 -77.37 -27.74
N GLY F 259 2.11 -76.24 -27.17
CA GLY F 259 1.58 -74.94 -27.55
C GLY F 259 0.33 -74.57 -26.78
N ILE F 260 0.07 -75.28 -25.69
CA ILE F 260 -1.07 -75.02 -24.82
C ILE F 260 -0.60 -74.37 -23.52
N HIS F 261 -1.49 -73.64 -22.85
CA HIS F 261 -1.09 -72.88 -21.66
C HIS F 261 -2.03 -73.05 -20.48
N TYR F 262 -1.48 -72.90 -19.28
CA TYR F 262 -2.24 -72.88 -18.05
C TYR F 262 -2.36 -71.45 -17.53
N GLU F 263 -3.56 -71.10 -17.06
CA GLU F 263 -3.81 -69.78 -16.50
C GLU F 263 -4.81 -69.84 -15.35
N HIS F 264 -4.47 -69.20 -14.24
CA HIS F 264 -5.39 -69.02 -13.14
C HIS F 264 -6.24 -67.78 -13.41
N ARG F 265 -7.54 -67.90 -13.18
CA ARG F 265 -8.46 -66.79 -13.39
C ARG F 265 -9.51 -66.76 -12.29
N LEU F 266 -9.96 -65.57 -11.94
CA LEU F 266 -11.05 -65.41 -10.98
C LEU F 266 -12.31 -66.02 -11.58
N ILE F 267 -13.12 -66.63 -10.73
CA ILE F 267 -14.33 -67.33 -11.18
C ILE F 267 -15.26 -66.47 -12.04
N ASP F 268 -15.50 -65.23 -11.61
CA ASP F 268 -16.39 -64.32 -12.34
C ASP F 268 -15.82 -63.82 -13.67
N ASP F 269 -14.49 -63.84 -13.81
CA ASP F 269 -13.85 -63.53 -15.09
C ASP F 269 -13.99 -64.72 -16.03
N MET F 270 -13.63 -65.90 -15.52
CA MET F 270 -13.65 -67.14 -16.29
C MET F 270 -15.02 -67.43 -16.90
N VAL F 271 -16.07 -67.28 -16.08
CA VAL F 271 -17.44 -67.52 -16.53
C VAL F 271 -17.86 -66.57 -17.65
N ALA F 272 -17.40 -65.32 -17.58
CA ALA F 272 -17.67 -64.33 -18.61
C ALA F 272 -16.94 -64.69 -19.90
N GLN F 273 -15.65 -64.98 -19.78
CA GLN F 273 -14.84 -65.40 -20.92
C GLN F 273 -15.44 -66.63 -21.60
N MET F 274 -15.91 -67.56 -20.77
CA MET F 274 -16.51 -68.82 -21.24
C MET F 274 -17.71 -68.57 -22.15
N ILE F 275 -18.72 -67.86 -21.63
CA ILE F 275 -19.93 -67.51 -22.39
C ILE F 275 -19.59 -66.81 -23.72
N LYS F 276 -18.50 -66.06 -23.72
CA LYS F 276 -18.07 -65.33 -24.90
C LYS F 276 -17.21 -66.16 -25.86
N SER F 277 -16.47 -67.12 -25.30
CA SER F 277 -15.53 -67.95 -26.06
C SER F 277 -16.18 -68.82 -27.13
N LYS F 278 -15.34 -69.54 -27.88
CA LYS F 278 -15.80 -70.49 -28.88
C LYS F 278 -15.59 -71.92 -28.40
N GLY F 279 -15.39 -72.07 -27.09
CA GLY F 279 -15.11 -73.36 -26.50
C GLY F 279 -13.72 -73.86 -26.83
N GLY F 280 -13.42 -75.10 -26.44
CA GLY F 280 -12.14 -75.70 -26.75
C GLY F 280 -11.09 -75.50 -25.68
N PHE F 281 -11.44 -75.85 -24.43
CA PHE F 281 -10.54 -75.72 -23.29
C PHE F 281 -11.10 -76.50 -22.09
N ILE F 282 -10.24 -76.74 -21.10
CA ILE F 282 -10.67 -77.41 -19.87
C ILE F 282 -10.72 -76.40 -18.71
N MET F 283 -11.82 -76.44 -17.96
CA MET F 283 -12.03 -75.54 -16.83
C MET F 283 -11.96 -76.30 -15.50
N ALA F 284 -10.84 -76.15 -14.81
CA ALA F 284 -10.69 -76.75 -13.48
C ALA F 284 -11.44 -75.91 -12.47
N LEU F 285 -12.32 -76.56 -11.70
CA LEU F 285 -13.16 -75.86 -10.74
C LEU F 285 -13.31 -76.62 -9.44
N LYS F 286 -13.52 -75.88 -8.36
CA LYS F 286 -13.78 -76.46 -7.04
C LYS F 286 -15.12 -77.20 -7.07
N ASN F 287 -15.29 -78.15 -6.17
CA ASN F 287 -16.48 -79.00 -6.09
C ASN F 287 -17.78 -78.31 -6.49
N TYR F 288 -18.11 -77.22 -5.80
CA TYR F 288 -19.35 -76.48 -6.04
C TYR F 288 -19.43 -75.86 -7.43
N ASP F 289 -18.41 -75.10 -7.81
CA ASP F 289 -18.38 -74.45 -9.12
C ASP F 289 -18.51 -75.48 -10.25
N GLY F 290 -17.76 -76.57 -10.12
CA GLY F 290 -17.81 -77.66 -11.08
C GLY F 290 -19.20 -78.25 -11.24
N ASP F 291 -19.89 -78.41 -10.11
CA ASP F 291 -21.28 -78.88 -10.12
C ASP F 291 -22.20 -77.92 -10.86
N VAL F 292 -22.19 -76.64 -10.45
CA VAL F 292 -23.07 -75.63 -11.03
C VAL F 292 -22.75 -75.36 -12.50
N GLN F 293 -21.51 -74.98 -12.80
CA GLN F 293 -21.11 -74.61 -14.16
C GLN F 293 -21.31 -75.73 -15.18
N SER F 294 -21.19 -76.98 -14.72
CA SER F 294 -21.37 -78.15 -15.56
C SER F 294 -22.73 -78.15 -16.28
N ASP F 295 -23.78 -77.83 -15.54
CA ASP F 295 -25.13 -77.78 -16.09
C ASP F 295 -25.30 -76.62 -17.07
N ILE F 296 -24.61 -75.51 -16.81
CA ILE F 296 -24.60 -74.37 -17.73
C ILE F 296 -24.00 -74.78 -19.08
N VAL F 297 -22.81 -75.39 -19.03
CA VAL F 297 -22.13 -75.88 -20.22
C VAL F 297 -22.99 -76.91 -20.96
N ALA F 298 -23.47 -77.90 -20.22
CA ALA F 298 -24.34 -78.94 -20.79
C ALA F 298 -25.50 -78.32 -21.56
N GLN F 299 -26.23 -77.42 -20.91
CA GLN F 299 -27.38 -76.75 -21.50
C GLN F 299 -27.01 -75.85 -22.69
N GLY F 300 -25.89 -75.14 -22.57
CA GLY F 300 -25.42 -74.27 -23.63
C GLY F 300 -25.06 -75.02 -24.91
N PHE F 301 -24.68 -76.29 -24.77
CA PHE F 301 -24.32 -77.11 -25.92
C PHE F 301 -25.51 -77.75 -26.61
N GLY F 302 -26.62 -77.91 -25.89
CA GLY F 302 -27.82 -78.49 -26.45
C GLY F 302 -28.86 -78.85 -25.42
N SER F 303 -28.56 -79.86 -24.61
CA SER F 303 -29.46 -80.31 -23.55
C SER F 303 -28.67 -80.91 -22.38
N LEU F 304 -29.32 -80.96 -21.21
CA LEU F 304 -28.73 -81.58 -20.03
C LEU F 304 -28.53 -83.09 -20.19
N GLY F 305 -29.19 -83.66 -21.19
CA GLY F 305 -29.06 -85.08 -21.48
C GLY F 305 -27.78 -85.44 -22.20
N LEU F 306 -27.16 -84.45 -22.84
CA LEU F 306 -25.95 -84.68 -23.61
C LEU F 306 -24.69 -84.25 -22.85
N MET F 307 -24.38 -85.02 -21.81
CA MET F 307 -23.22 -84.77 -20.96
C MET F 307 -22.68 -86.09 -20.41
N THR F 308 -21.36 -86.25 -20.46
CA THR F 308 -20.71 -87.40 -19.82
C THR F 308 -20.17 -86.96 -18.46
N SER F 309 -19.95 -87.93 -17.59
CA SER F 309 -19.39 -87.66 -16.27
C SER F 309 -18.54 -88.83 -15.82
N ILE F 310 -17.25 -88.57 -15.60
CA ILE F 310 -16.34 -89.61 -15.17
C ILE F 310 -15.43 -89.16 -14.03
N LEU F 311 -15.54 -89.85 -12.89
CA LEU F 311 -14.66 -89.62 -11.76
C LEU F 311 -13.34 -90.32 -12.03
N VAL F 312 -12.24 -89.59 -11.84
CA VAL F 312 -10.91 -90.09 -12.12
C VAL F 312 -9.99 -89.84 -10.91
N THR F 313 -9.27 -90.87 -10.50
CA THR F 313 -8.29 -90.73 -9.42
C THR F 313 -6.91 -90.34 -10.00
N PRO F 314 -6.15 -89.55 -9.23
CA PRO F 314 -4.84 -89.03 -9.67
C PRO F 314 -3.83 -90.07 -10.14
N ASP F 315 -3.85 -91.27 -9.56
CA ASP F 315 -2.91 -92.33 -9.94
C ASP F 315 -3.27 -92.99 -11.27
N GLY F 316 -4.43 -92.61 -11.82
CA GLY F 316 -4.85 -93.06 -13.13
C GLY F 316 -5.16 -94.55 -13.25
N LYS F 317 -5.64 -95.14 -12.16
CA LYS F 317 -5.98 -96.57 -12.17
C LYS F 317 -7.38 -96.86 -11.60
N THR F 318 -8.09 -95.81 -11.22
CA THR F 318 -9.45 -95.93 -10.72
C THR F 318 -10.38 -94.98 -11.48
N PHE F 319 -11.54 -95.50 -11.89
CA PHE F 319 -12.48 -94.74 -12.69
C PHE F 319 -13.93 -95.06 -12.29
N GLU F 320 -14.79 -94.05 -12.39
CA GLU F 320 -16.22 -94.23 -12.17
C GLU F 320 -17.02 -93.45 -13.21
N SER F 321 -17.58 -94.20 -14.16
CA SER F 321 -18.39 -93.63 -15.24
C SER F 321 -19.85 -93.60 -14.81
N GLU F 322 -20.44 -92.40 -14.80
CA GLU F 322 -21.80 -92.23 -14.31
C GLU F 322 -22.70 -91.47 -15.28
N ALA F 323 -23.98 -91.79 -15.25
CA ALA F 323 -24.97 -91.07 -16.03
C ALA F 323 -25.43 -89.85 -15.23
N ALA F 324 -25.22 -88.67 -15.78
CA ALA F 324 -25.60 -87.41 -15.14
C ALA F 324 -27.06 -87.06 -15.41
N HIS F 325 -27.66 -87.72 -16.40
CA HIS F 325 -29.06 -87.55 -16.75
C HIS F 325 -29.94 -88.05 -15.61
N GLY F 326 -30.31 -87.14 -14.72
CA GLY F 326 -31.11 -87.46 -13.55
C GLY F 326 -32.52 -87.92 -13.91
N THR F 327 -32.90 -89.09 -13.39
CA THR F 327 -34.22 -89.66 -13.68
C THR F 327 -35.36 -88.72 -13.29
N VAL F 328 -36.36 -88.64 -14.15
CA VAL F 328 -37.54 -87.84 -13.88
C VAL F 328 -38.68 -88.76 -13.46
N THR F 329 -39.21 -88.49 -12.27
CA THR F 329 -40.32 -89.27 -11.70
C THR F 329 -41.58 -89.20 -12.56
N ARG F 330 -41.70 -88.12 -13.33
CA ARG F 330 -42.83 -87.91 -14.24
C ARG F 330 -42.90 -89.00 -15.31
N HIS F 331 -41.75 -89.39 -15.84
CA HIS F 331 -41.65 -90.40 -16.89
C HIS F 331 -41.92 -91.80 -16.35
N TYR F 332 -41.52 -92.04 -15.10
CA TYR F 332 -41.70 -93.35 -14.46
C TYR F 332 -43.16 -93.69 -14.17
N ARG F 333 -43.93 -92.67 -13.79
CA ARG F 333 -45.36 -92.85 -13.54
C ARG F 333 -46.09 -93.23 -14.83
N LYS F 334 -45.63 -92.66 -15.95
CA LYS F 334 -46.17 -92.99 -17.28
C LYS F 334 -45.83 -94.42 -17.67
N TYR F 335 -44.60 -94.86 -17.35
CA TYR F 335 -44.15 -96.21 -17.66
C TYR F 335 -44.93 -97.26 -16.87
N GLN F 336 -45.15 -96.99 -15.58
CA GLN F 336 -45.86 -97.90 -14.69
C GLN F 336 -47.33 -98.06 -15.08
N LYS F 337 -47.93 -96.96 -15.56
CA LYS F 337 -49.31 -96.98 -16.04
C LYS F 337 -49.45 -97.71 -17.38
N GLY F 338 -48.32 -97.93 -18.05
CA GLY F 338 -48.31 -98.57 -19.36
C GLY F 338 -48.53 -97.58 -20.48
N GLU F 339 -48.28 -96.31 -20.19
CA GLU F 339 -48.46 -95.23 -21.16
C GLU F 339 -47.20 -94.99 -21.99
N GLU F 340 -47.37 -94.30 -23.12
CA GLU F 340 -46.26 -93.94 -24.00
C GLU F 340 -45.23 -93.07 -23.28
N THR F 341 -43.97 -93.49 -23.35
CA THR F 341 -42.88 -92.78 -22.71
C THR F 341 -41.79 -92.40 -23.74
N SER F 342 -41.12 -91.28 -23.51
CA SER F 342 -40.07 -90.80 -24.41
C SER F 342 -38.91 -90.17 -23.63
N THR F 343 -38.02 -91.02 -23.14
CA THR F 343 -36.88 -90.59 -22.34
C THR F 343 -35.54 -90.89 -23.02
N ASN F 344 -34.67 -89.89 -23.06
CA ASN F 344 -33.36 -90.03 -23.66
C ASN F 344 -32.49 -91.03 -22.91
N SER F 345 -31.78 -91.86 -23.68
CA SER F 345 -30.93 -92.90 -23.10
C SER F 345 -29.45 -92.71 -23.45
N ILE F 346 -29.15 -91.68 -24.23
CA ILE F 346 -27.77 -91.46 -24.69
C ILE F 346 -26.79 -91.31 -23.53
N ALA F 347 -27.17 -90.54 -22.52
CA ALA F 347 -26.31 -90.35 -21.35
C ALA F 347 -26.00 -91.68 -20.67
N SER F 348 -27.03 -92.50 -20.46
CA SER F 348 -26.86 -93.82 -19.88
C SER F 348 -26.04 -94.74 -20.79
N ILE F 349 -26.27 -94.65 -22.09
CA ILE F 349 -25.49 -95.43 -23.05
C ILE F 349 -24.00 -95.06 -22.96
N PHE F 350 -23.71 -93.76 -22.91
CA PHE F 350 -22.34 -93.27 -22.83
C PHE F 350 -21.68 -93.57 -21.49
N ALA F 351 -22.49 -93.75 -20.44
CA ALA F 351 -21.99 -94.16 -19.14
C ALA F 351 -21.30 -95.52 -19.26
N TRP F 352 -21.95 -96.45 -19.95
CA TRP F 352 -21.38 -97.76 -20.22
C TRP F 352 -20.17 -97.66 -21.16
N SER F 353 -20.37 -96.95 -22.27
CA SER F 353 -19.34 -96.81 -23.31
C SER F 353 -18.01 -96.25 -22.80
N ARG F 354 -18.08 -95.19 -21.98
CA ARG F 354 -16.88 -94.58 -21.43
C ARG F 354 -16.20 -95.47 -20.40
N GLY F 355 -17.02 -96.16 -19.60
CA GLY F 355 -16.51 -97.11 -18.62
C GLY F 355 -15.73 -98.22 -19.28
N LEU F 356 -16.38 -98.89 -20.24
CA LEU F 356 -15.76 -99.99 -20.98
C LEU F 356 -14.46 -99.58 -21.67
N LEU F 357 -14.40 -98.31 -22.09
CA LEU F 357 -13.20 -97.76 -22.69
C LEU F 357 -12.04 -97.71 -21.71
N LYS F 358 -12.33 -97.30 -20.47
CA LYS F 358 -11.32 -97.26 -19.42
C LYS F 358 -10.91 -98.66 -19.02
N ARG F 359 -11.88 -99.58 -18.98
CA ARG F 359 -11.62 -100.99 -18.72
C ARG F 359 -10.72 -101.58 -19.81
N GLY F 360 -11.03 -101.26 -21.06
CA GLY F 360 -10.23 -101.71 -22.19
C GLY F 360 -8.82 -101.15 -22.17
N GLU F 361 -8.70 -99.85 -21.93
CA GLU F 361 -7.39 -99.18 -21.85
C GLU F 361 -6.53 -99.76 -20.73
N LEU F 362 -7.14 -100.00 -19.57
CA LEU F 362 -6.44 -100.56 -18.41
C LEU F 362 -6.00 -102.00 -18.66
N ASP F 363 -6.87 -102.81 -19.22
CA ASP F 363 -6.57 -104.22 -19.48
C ASP F 363 -5.67 -104.44 -20.69
N ASN F 364 -5.67 -103.47 -21.61
CA ASN F 364 -5.03 -103.61 -22.92
C ASN F 364 -5.81 -104.60 -23.79
N THR F 365 -7.07 -104.27 -24.03
CA THR F 365 -7.95 -105.07 -24.87
C THR F 365 -8.52 -104.15 -25.95
N PRO F 366 -7.82 -104.00 -27.07
CA PRO F 366 -8.22 -103.10 -28.15
C PRO F 366 -9.63 -103.39 -28.68
N ALA F 367 -10.02 -104.66 -28.66
CA ALA F 367 -11.35 -105.09 -29.09
C ALA F 367 -12.45 -104.43 -28.27
N LEU F 368 -12.21 -104.30 -26.96
CA LEU F 368 -13.15 -103.63 -26.06
C LEU F 368 -13.27 -102.14 -26.41
N CYS F 369 -12.12 -101.48 -26.53
CA CYS F 369 -12.05 -100.07 -26.89
C CYS F 369 -12.73 -99.79 -28.23
N LYS F 370 -12.46 -100.64 -29.22
CA LYS F 370 -13.05 -100.52 -30.55
C LYS F 370 -14.57 -100.71 -30.51
N PHE F 371 -15.03 -101.63 -29.67
CA PHE F 371 -16.46 -101.87 -29.49
C PHE F 371 -17.12 -100.66 -28.84
N ALA F 372 -16.55 -100.21 -27.73
CA ALA F 372 -17.06 -99.04 -27.01
C ALA F 372 -17.26 -97.85 -27.94
N ASN F 373 -16.32 -97.66 -28.85
CA ASN F 373 -16.36 -96.56 -29.81
C ASN F 373 -17.51 -96.64 -30.81
N ILE F 374 -17.74 -97.84 -31.37
CA ILE F 374 -18.84 -98.01 -32.32
C ILE F 374 -20.19 -97.94 -31.63
N LEU F 375 -20.21 -98.25 -30.34
CA LEU F 375 -21.42 -98.08 -29.52
C LEU F 375 -21.79 -96.61 -29.49
N GLU F 376 -20.80 -95.77 -29.24
CA GLU F 376 -20.98 -94.31 -29.23
C GLU F 376 -21.29 -93.81 -30.63
N SER F 377 -20.57 -94.34 -31.62
CA SER F 377 -20.77 -93.97 -33.01
C SER F 377 -22.20 -94.25 -33.48
N ALA F 378 -22.68 -95.47 -33.24
CA ALA F 378 -24.03 -95.87 -33.64
C ALA F 378 -25.13 -95.12 -32.88
N THR F 379 -24.86 -94.79 -31.61
CA THR F 379 -25.79 -94.02 -30.80
C THR F 379 -26.02 -92.62 -31.37
N LEU F 380 -24.92 -91.90 -31.62
CA LEU F 380 -24.98 -90.55 -32.18
C LEU F 380 -25.55 -90.53 -33.59
N ASN F 381 -25.10 -91.48 -34.42
CA ASN F 381 -25.56 -91.60 -35.80
C ASN F 381 -27.08 -91.82 -35.90
N THR F 382 -27.64 -92.60 -34.98
CA THR F 382 -29.08 -92.81 -34.91
C THR F 382 -29.82 -91.48 -34.92
N VAL F 383 -29.27 -90.51 -34.19
CA VAL F 383 -29.83 -89.16 -34.13
C VAL F 383 -29.36 -88.31 -35.32
N GLN F 384 -28.05 -88.34 -35.57
CA GLN F 384 -27.45 -87.50 -36.62
C GLN F 384 -27.86 -87.87 -38.04
N GLN F 385 -27.68 -89.14 -38.40
CA GLN F 385 -27.92 -89.60 -39.76
C GLN F 385 -29.32 -90.15 -40.02
N ASP F 386 -29.92 -90.78 -39.01
CA ASP F 386 -31.23 -91.42 -39.18
C ASP F 386 -32.40 -90.57 -38.68
N GLY F 387 -32.11 -89.55 -37.88
CA GLY F 387 -33.14 -88.65 -37.38
C GLY F 387 -34.04 -89.23 -36.30
N ILE F 388 -33.68 -90.40 -35.79
CA ILE F 388 -34.45 -91.06 -34.74
C ILE F 388 -33.98 -90.56 -33.38
N MET F 389 -34.89 -89.92 -32.64
CA MET F 389 -34.56 -89.29 -31.36
C MET F 389 -35.74 -89.22 -30.42
N THR F 390 -35.46 -89.06 -29.13
CA THR F 390 -36.51 -88.93 -28.12
C THR F 390 -37.09 -87.51 -28.09
N LYS F 391 -38.15 -87.33 -27.30
CA LYS F 391 -38.90 -86.07 -27.20
C LYS F 391 -38.03 -84.85 -26.95
N ASP F 392 -37.18 -84.92 -25.93
CA ASP F 392 -36.32 -83.80 -25.53
C ASP F 392 -35.47 -83.25 -26.68
N LEU F 393 -34.90 -84.14 -27.47
CA LEU F 393 -34.05 -83.74 -28.58
C LEU F 393 -34.84 -83.09 -29.72
N ALA F 394 -36.05 -83.58 -29.95
CA ALA F 394 -36.96 -83.02 -30.96
C ALA F 394 -37.39 -81.60 -30.60
N LEU F 395 -37.67 -81.38 -29.32
CA LEU F 395 -38.06 -80.06 -28.81
C LEU F 395 -36.91 -79.07 -28.91
N ALA F 396 -35.68 -79.56 -28.72
CA ALA F 396 -34.48 -78.74 -28.83
C ALA F 396 -34.18 -78.31 -30.26
N CYS F 397 -34.55 -79.16 -31.22
CA CYS F 397 -34.36 -78.87 -32.64
C CYS F 397 -35.44 -77.92 -33.19
N GLY F 398 -36.51 -77.74 -32.41
CA GLY F 398 -37.63 -76.91 -32.83
C GLY F 398 -38.75 -77.71 -33.45
N ASN F 399 -38.63 -79.04 -33.41
CA ASN F 399 -39.62 -79.94 -33.96
C ASN F 399 -40.68 -80.29 -32.92
N ASN F 400 -41.87 -79.70 -33.05
CA ASN F 400 -42.93 -79.84 -32.06
C ASN F 400 -44.06 -80.80 -32.43
N GLU F 401 -43.89 -81.52 -33.54
CA GLU F 401 -44.86 -82.53 -33.96
C GLU F 401 -44.60 -83.83 -33.21
N ARG F 402 -45.67 -84.56 -32.89
CA ARG F 402 -45.54 -85.86 -32.22
C ARG F 402 -44.69 -86.80 -33.06
N SER F 403 -44.86 -86.74 -34.37
CA SER F 403 -44.12 -87.58 -35.32
C SER F 403 -42.62 -87.22 -35.37
N ALA F 404 -42.27 -86.09 -34.78
CA ALA F 404 -40.87 -85.63 -34.77
C ALA F 404 -39.96 -86.46 -33.87
N TYR F 405 -40.55 -87.17 -32.91
CA TYR F 405 -39.78 -87.99 -31.98
C TYR F 405 -40.31 -89.42 -31.87
N VAL F 406 -39.50 -90.30 -31.27
CA VAL F 406 -39.89 -91.69 -31.07
C VAL F 406 -39.94 -92.07 -29.59
N THR F 407 -40.55 -93.22 -29.33
CA THR F 407 -40.70 -93.81 -28.00
C THR F 407 -39.33 -94.10 -27.33
N THR F 408 -39.35 -94.23 -26.00
CA THR F 408 -38.15 -94.60 -25.23
C THR F 408 -37.57 -95.92 -25.76
N GLU F 409 -38.42 -96.95 -25.74
CA GLU F 409 -38.09 -98.28 -26.21
C GLU F 409 -37.67 -98.25 -27.69
N GLU F 410 -38.41 -97.48 -28.49
CA GLU F 410 -38.17 -97.37 -29.93
C GLU F 410 -36.79 -96.82 -30.27
N PHE F 411 -36.34 -95.81 -29.52
CA PHE F 411 -35.02 -95.23 -29.73
C PHE F 411 -33.95 -96.30 -29.51
N LEU F 412 -34.00 -96.95 -28.34
CA LEU F 412 -33.04 -98.00 -27.97
C LEU F 412 -33.01 -99.18 -28.93
N ASP F 413 -34.12 -99.44 -29.62
CA ASP F 413 -34.16 -100.48 -30.64
C ASP F 413 -33.41 -100.03 -31.89
N ALA F 414 -33.61 -98.76 -32.26
CA ALA F 414 -32.93 -98.17 -33.41
C ALA F 414 -31.42 -98.20 -33.23
N VAL F 415 -30.96 -97.92 -32.01
CA VAL F 415 -29.53 -97.96 -31.70
C VAL F 415 -29.00 -99.39 -31.78
N GLU F 416 -29.83 -100.36 -31.38
CA GLU F 416 -29.47 -101.77 -31.48
C GLU F 416 -29.26 -102.20 -32.93
N LYS F 417 -30.12 -101.72 -33.83
CA LYS F 417 -30.02 -102.00 -35.26
C LYS F 417 -28.78 -101.34 -35.85
N ARG F 418 -28.51 -100.12 -35.41
CA ARG F 418 -27.31 -99.38 -35.81
C ARG F 418 -26.05 -100.10 -35.34
N LEU F 419 -26.08 -100.57 -34.09
CA LEU F 419 -24.98 -101.32 -33.50
C LEU F 419 -24.63 -102.52 -34.37
N GLN F 420 -25.63 -103.32 -34.70
CA GLN F 420 -25.47 -104.48 -35.58
C GLN F 420 -24.91 -104.06 -36.95
N LYS F 421 -25.44 -102.96 -37.49
CA LYS F 421 -25.02 -102.43 -38.77
C LYS F 421 -23.54 -102.05 -38.78
N GLU F 422 -23.15 -101.16 -37.86
CA GLU F 422 -21.78 -100.65 -37.81
C GLU F 422 -20.74 -101.66 -37.33
N ILE F 423 -21.20 -102.71 -36.65
CA ILE F 423 -20.32 -103.82 -36.26
C ILE F 423 -20.18 -104.85 -37.39
N LYS F 424 -20.97 -104.66 -38.45
CA LYS F 424 -20.96 -105.56 -39.61
C LYS F 424 -20.01 -105.10 -40.72
N SER F 425 -19.53 -103.86 -40.64
CA SER F 425 -18.64 -103.31 -41.66
C SER F 425 -17.32 -102.84 -41.04
N ILE F 426 -16.52 -103.82 -40.60
CA ILE F 426 -15.24 -103.60 -39.92
C ILE F 426 -15.42 -102.97 -38.54
#